data_6DBS
#
_entry.id   6DBS
#
_cell.length_a   198.220
_cell.length_b   117.600
_cell.length_c   115.210
_cell.angle_alpha   90.00
_cell.angle_beta   123.79
_cell.angle_gamma   90.00
#
_symmetry.space_group_name_H-M   'C 1 2 1'
#
loop_
_entity.id
_entity.type
_entity.pdbx_description
1 polymer 'Hapless 2'
2 branched beta-D-mannopyranose-(1-4)-2-acetamido-2-deoxy-beta-D-glucopyranose-(1-4)-2-acetamido-2-deoxy-beta-D-glucopyranose
3 branched alpha-D-mannopyranose-(1-6)-beta-D-mannopyranose-(1-4)-2-acetamido-2-deoxy-beta-D-glucopyranose-(1-4)-2-acetamido-2-deoxy-beta-D-glucopyranose
4 non-polymer 2-acetamido-2-deoxy-beta-D-glucopyranose
5 water water
#
_entity_poly.entity_id   1
_entity_poly.type   'polypeptide(L)'
_entity_poly.pdbx_seq_one_letter_code
;EVIASGRLEKCVVDGVTEELDCQEKVVVTLTVGNGQSLQTEALEFSLSCLNSPDGRCPCSCSAADPTCACRDLAAPLRVS
LTKSPLWASYPLQYLSSFNWKPLEVILRPSNKVCKDGDWEDSPTCGWFSQGGVRVADSQGFCCECSSSQVWDDTFGSSKE
RTRANLDCDFWSDPLDILIGRKPVSAHCLTFDPQWYSGYELGAASLQFEIAITVEVPTAPSPTTATTSATPRTNNSSSAN
STNSTNSPAPQFLSPPAPSTREVLHLGPSVPLASSASRLLSAKLLGDLAMYTQLPAISNQVLMVPQPPAAAAATGSPLDA
LATNRSAWMLLDKTMLSMDGLACDKVGTGFSAFRYQPSGCGRAPQACLSGQLKDLWEADLARIADGRVPLYMITRFTGGS
DTTLQSFSGGPLSFALPVTSHSQSLVTLSVAADGVRLVTNRSPGKITGAAVCRFAGTSCGGFEAVAARGYIYVNITNTGR
LDSDYTLTVSNCSSNVRPIEARTLAVRAGSAASLDPPMELYVEDQAAAAARTCTVSLYDSVGAVTDSLTLSFYTNATQLH
HHHHH
;
_entity_poly.pdbx_strand_id   A,C,B
#
# COMPACT_ATOMS: atom_id res chain seq x y z
N GLU A 1 19.84 9.51 -20.13
CA GLU A 1 19.37 10.83 -20.54
C GLU A 1 20.03 11.92 -19.69
N VAL A 2 20.79 12.80 -20.33
CA VAL A 2 21.43 13.90 -19.64
C VAL A 2 20.40 15.00 -19.39
N ILE A 3 20.34 15.48 -18.16
CA ILE A 3 19.32 16.41 -17.72
C ILE A 3 19.87 17.82 -17.57
N ALA A 4 20.99 17.96 -16.87
CA ALA A 4 21.61 19.26 -16.64
C ALA A 4 23.12 19.12 -16.76
N SER A 5 23.75 20.18 -17.27
CA SER A 5 25.19 20.20 -17.43
C SER A 5 25.65 21.66 -17.44
N GLY A 6 26.77 21.93 -16.77
CA GLY A 6 27.30 23.26 -16.71
C GLY A 6 28.44 23.35 -15.71
N ARG A 7 28.92 24.57 -15.52
CA ARG A 7 30.02 24.84 -14.61
C ARG A 7 29.49 25.43 -13.31
N LEU A 8 30.14 25.08 -12.20
CA LEU A 8 29.74 25.57 -10.89
C LEU A 8 30.98 25.72 -10.03
N GLU A 9 31.05 26.81 -9.26
CA GLU A 9 32.17 27.06 -8.35
C GLU A 9 31.78 26.54 -6.97
N LYS A 10 32.30 25.37 -6.61
CA LYS A 10 32.02 24.74 -5.32
C LYS A 10 33.12 25.12 -4.34
N CYS A 11 32.82 26.04 -3.43
CA CYS A 11 33.76 26.43 -2.39
C CYS A 11 33.53 25.58 -1.14
N VAL A 12 34.61 25.11 -0.55
CA VAL A 12 34.57 24.22 0.61
C VAL A 12 35.32 24.89 1.75
N VAL A 13 34.65 25.06 2.88
CA VAL A 13 35.24 25.64 4.08
C VAL A 13 35.65 24.50 5.00
N ASP A 14 36.95 24.28 5.14
CA ASP A 14 37.46 23.21 5.99
C ASP A 14 37.14 23.53 7.45
N GLY A 15 36.36 22.64 8.08
CA GLY A 15 35.83 22.91 9.41
C GLY A 15 36.89 23.02 10.50
N VAL A 16 38.08 22.48 10.28
CA VAL A 16 39.11 22.55 11.30
C VAL A 16 39.82 23.90 11.27
N THR A 17 40.22 24.35 10.08
CA THR A 17 40.89 25.63 9.93
C THR A 17 39.95 26.79 9.65
N GLU A 18 38.68 26.51 9.35
CA GLU A 18 37.73 27.54 8.92
C GLU A 18 38.26 28.28 7.69
N GLU A 19 38.82 27.52 6.75
CA GLU A 19 39.55 28.05 5.61
C GLU A 19 38.78 27.77 4.33
N LEU A 20 38.76 28.77 3.43
CA LEU A 20 38.00 28.69 2.20
C LEU A 20 38.85 28.15 1.06
N ASP A 21 38.22 27.36 0.19
CA ASP A 21 38.89 26.79 -0.97
C ASP A 21 37.87 26.57 -2.07
N CYS A 22 38.10 27.17 -3.24
CA CYS A 22 37.13 27.19 -4.33
C CYS A 22 37.70 26.54 -5.58
N GLN A 23 36.86 25.81 -6.31
CA GLN A 23 37.19 25.21 -7.58
C GLN A 23 35.96 25.24 -8.48
N GLU A 24 36.19 25.33 -9.78
CA GLU A 24 35.11 25.34 -10.77
C GLU A 24 35.05 23.99 -11.45
N LYS A 25 33.99 23.24 -11.16
CA LYS A 25 33.79 21.90 -11.69
C LYS A 25 32.59 21.88 -12.64
N VAL A 26 32.54 20.83 -13.46
CA VAL A 26 31.41 20.60 -14.35
C VAL A 26 30.43 19.67 -13.65
N VAL A 27 29.19 20.14 -13.48
CA VAL A 27 28.15 19.41 -12.77
C VAL A 27 27.16 18.88 -13.78
N VAL A 28 27.20 17.57 -14.01
CA VAL A 28 26.28 16.89 -14.93
C VAL A 28 25.31 16.06 -14.12
N THR A 29 24.02 16.23 -14.39
CA THR A 29 22.97 15.42 -13.78
C THR A 29 22.28 14.63 -14.87
N LEU A 30 22.27 13.31 -14.72
CA LEU A 30 21.71 12.41 -15.72
C LEU A 30 21.03 11.25 -15.01
N THR A 31 20.06 10.65 -15.69
CA THR A 31 19.30 9.55 -15.13
C THR A 31 19.90 8.20 -15.55
N VAL A 32 19.58 7.18 -14.75
CA VAL A 32 19.96 5.81 -15.04
C VAL A 32 18.71 4.96 -15.00
N GLY A 33 18.42 4.26 -16.10
CA GLY A 33 17.20 3.50 -16.20
C GLY A 33 17.29 2.13 -15.54
N ASN A 34 16.12 1.54 -15.35
CA ASN A 34 16.05 0.23 -14.70
C ASN A 34 16.64 -0.85 -15.60
N GLY A 35 16.24 -0.88 -16.88
CA GLY A 35 16.70 -1.91 -17.78
C GLY A 35 18.00 -1.58 -18.49
N GLN A 36 18.76 -0.64 -17.94
CA GLN A 36 20.00 -0.17 -18.55
C GLN A 36 21.17 -0.94 -17.93
N SER A 37 21.48 -2.10 -18.53
CA SER A 37 22.52 -2.98 -18.01
C SER A 37 23.80 -2.96 -18.84
N LEU A 38 23.83 -2.25 -19.95
CA LEU A 38 25.01 -2.19 -20.81
C LEU A 38 25.54 -0.77 -20.89
N GLN A 39 26.81 -0.66 -21.29
CA GLN A 39 27.46 0.65 -21.47
C GLN A 39 27.17 1.12 -22.89
N THR A 40 26.03 1.79 -23.05
CA THR A 40 25.61 2.34 -24.34
C THR A 40 25.99 3.80 -24.51
N GLU A 41 25.88 4.60 -23.46
CA GLU A 41 26.29 6.00 -23.47
C GLU A 41 27.65 6.15 -22.77
N ALA A 42 28.26 7.31 -22.98
CA ALA A 42 29.53 7.62 -22.35
C ALA A 42 29.67 9.13 -22.24
N LEU A 43 30.14 9.60 -21.09
CA LEU A 43 30.42 11.01 -20.87
C LEU A 43 31.93 11.25 -21.00
N GLU A 44 32.29 12.20 -21.85
CA GLU A 44 33.68 12.53 -22.11
C GLU A 44 33.97 13.93 -21.61
N PHE A 45 34.89 14.03 -20.65
CA PHE A 45 35.29 15.30 -20.05
C PHE A 45 36.65 15.71 -20.60
N SER A 46 36.71 16.88 -21.23
CA SER A 46 37.97 17.40 -21.75
C SER A 46 38.93 17.67 -20.59
N LEU A 47 40.05 16.96 -20.59
CA LEU A 47 41.03 17.05 -19.52
C LEU A 47 42.25 17.80 -20.03
N SER A 48 42.45 19.01 -19.53
CA SER A 48 43.70 19.74 -19.74
C SER A 48 44.65 19.47 -18.59
N CYS A 49 45.95 19.54 -18.88
CA CYS A 49 46.99 19.19 -17.93
C CYS A 49 46.71 17.84 -17.27
N LEU A 50 47.04 16.75 -17.96
CA LEU A 50 46.76 15.41 -17.48
C LEU A 50 47.58 15.11 -16.23
N ASN A 51 47.49 13.87 -15.76
CA ASN A 51 48.25 13.37 -14.60
C ASN A 51 47.88 14.21 -13.39
N SER A 52 48.84 14.83 -12.70
CA SER A 52 48.56 15.55 -11.47
C SER A 52 47.77 16.84 -11.73
N ASP A 54 45.21 20.35 -12.48
CA ASP A 54 43.94 20.99 -12.81
C ASP A 54 44.19 22.36 -13.43
N CYS A 57 50.12 25.15 -18.50
CA CYS A 57 49.61 24.43 -17.35
C CYS A 57 50.61 23.42 -16.75
N PRO A 58 51.23 22.57 -17.56
CA PRO A 58 52.22 21.64 -17.01
C PRO A 58 53.61 22.27 -16.92
N CYS A 59 54.46 21.63 -16.13
CA CYS A 59 55.83 22.09 -15.92
C CYS A 59 56.80 21.49 -16.94
N SER A 60 56.31 21.10 -18.11
CA SER A 60 57.13 20.56 -19.20
C SER A 60 57.89 19.33 -18.70
N CYS A 61 59.11 19.13 -19.20
CA CYS A 61 59.86 17.90 -19.00
C CYS A 61 59.00 16.70 -19.35
N THR A 67 61.43 10.83 -12.04
CA THR A 67 62.42 11.90 -11.94
C THR A 67 61.75 13.27 -11.94
N CYS A 68 61.29 13.72 -13.11
CA CYS A 68 60.67 15.03 -13.21
C CYS A 68 59.33 15.05 -12.49
N ALA A 69 58.55 13.99 -12.62
CA ALA A 69 57.23 13.88 -12.00
C ALA A 69 56.36 15.07 -12.40
N CYS A 70 56.14 15.22 -13.70
CA CYS A 70 55.31 16.31 -14.18
C CYS A 70 54.06 15.80 -14.87
N ARG A 71 53.44 16.62 -15.69
CA ARG A 71 52.11 16.37 -16.22
C ARG A 71 52.10 16.52 -17.73
N ASP A 72 51.13 15.88 -18.36
CA ASP A 72 50.96 15.91 -19.81
C ASP A 72 49.91 16.96 -20.18
N LEU A 73 49.57 17.02 -21.47
CA LEU A 73 48.79 18.15 -21.99
C LEU A 73 47.29 17.88 -22.04
N ALA A 74 46.85 16.91 -22.86
CA ALA A 74 45.44 16.80 -23.16
C ALA A 74 45.04 15.37 -23.47
N ALA A 75 43.80 15.02 -23.10
CA ALA A 75 43.16 13.72 -23.32
C ALA A 75 41.72 13.78 -22.80
N PRO A 76 40.82 12.90 -23.26
CA PRO A 76 39.45 12.91 -22.75
C PRO A 76 39.16 11.87 -21.67
N LEU A 77 38.44 12.27 -20.63
CA LEU A 77 38.09 11.39 -19.52
C LEU A 77 36.73 10.74 -19.80
N ARG A 78 36.74 9.42 -20.03
CA ARG A 78 35.54 8.70 -20.43
C ARG A 78 34.84 8.10 -19.21
N VAL A 79 33.52 8.32 -19.12
CA VAL A 79 32.73 7.87 -17.98
C VAL A 79 31.42 7.27 -18.50
N SER A 80 31.08 6.08 -18.01
CA SER A 80 29.82 5.42 -18.35
C SER A 80 29.13 4.93 -17.08
N LEU A 81 27.84 4.66 -17.19
CA LEU A 81 27.04 4.25 -16.04
C LEU A 81 26.10 3.12 -16.44
N THR A 82 26.06 2.07 -15.60
CA THR A 82 25.11 0.98 -15.75
C THR A 82 24.37 0.77 -14.44
N LYS A 83 23.27 0.04 -14.51
CA LYS A 83 22.43 -0.24 -13.34
C LYS A 83 22.11 -1.72 -13.29
N SER A 84 22.34 -2.34 -12.13
CA SER A 84 21.98 -3.73 -11.93
C SER A 84 20.47 -3.90 -12.05
N PRO A 85 20.00 -5.14 -12.28
CA PRO A 85 18.56 -5.38 -12.31
C PRO A 85 17.90 -4.97 -11.00
N LEU A 86 16.71 -4.39 -11.10
CA LEU A 86 16.02 -3.83 -9.96
C LEU A 86 15.09 -4.87 -9.34
N TRP A 87 15.12 -4.95 -8.01
CA TRP A 87 14.29 -5.88 -7.26
C TRP A 87 13.58 -5.15 -6.13
N ALA A 88 12.43 -5.68 -5.72
CA ALA A 88 11.67 -5.16 -4.59
C ALA A 88 11.67 -6.25 -3.52
N SER A 89 12.59 -6.13 -2.56
CA SER A 89 12.77 -7.13 -1.52
C SER A 89 11.93 -6.76 -0.29
N TYR A 90 11.31 -7.78 0.31
CA TYR A 90 10.50 -7.62 1.50
C TYR A 90 11.15 -8.33 2.67
N PRO A 91 11.25 -7.70 3.84
CA PRO A 91 11.82 -8.38 5.00
C PRO A 91 10.81 -9.32 5.64
N LEU A 92 11.30 -10.49 6.04
CA LEU A 92 10.48 -11.54 6.60
C LEU A 92 10.47 -11.49 8.12
N GLN A 93 9.33 -11.83 8.71
CA GLN A 93 9.19 -11.97 10.15
C GLN A 93 8.38 -13.24 10.42
N TYR A 94 9.02 -14.23 11.03
CA TYR A 94 8.34 -15.49 11.28
C TYR A 94 7.18 -15.29 12.26
N LEU A 95 6.11 -16.06 12.04
CA LEU A 95 4.93 -16.01 12.91
C LEU A 95 4.65 -17.38 13.52
N SER A 96 4.20 -18.35 12.73
CA SER A 96 3.88 -19.67 13.24
C SER A 96 3.96 -20.67 12.09
N SER A 97 3.89 -21.95 12.44
CA SER A 97 3.91 -23.03 11.46
C SER A 97 2.50 -23.44 11.09
N PHE A 98 2.38 -24.05 9.91
CA PHE A 98 1.09 -24.50 9.41
C PHE A 98 1.27 -25.82 8.69
N ASN A 99 0.24 -26.67 8.76
CA ASN A 99 0.29 -28.01 8.19
C ASN A 99 -0.20 -28.00 6.76
N TRP A 100 0.43 -28.83 5.92
CA TRP A 100 0.08 -28.89 4.51
C TRP A 100 -1.38 -29.29 4.32
N LYS A 101 -1.83 -30.28 5.08
CA LYS A 101 -3.21 -30.74 4.99
C LYS A 101 -3.58 -31.51 6.25
N PRO A 102 -4.24 -30.88 7.22
CA PRO A 102 -4.76 -31.63 8.37
C PRO A 102 -5.84 -32.61 7.93
N LEU A 103 -5.72 -33.84 8.38
CA LEU A 103 -6.60 -34.93 7.95
C LEU A 103 -7.38 -35.46 9.15
N GLU A 104 -8.67 -35.73 8.93
CA GLU A 104 -9.52 -36.34 9.95
C GLU A 104 -9.54 -37.85 9.75
N VAL A 105 -9.25 -38.57 10.82
CA VAL A 105 -9.28 -40.04 10.83
C VAL A 105 -10.52 -40.48 11.58
N ILE A 106 -11.35 -41.30 10.92
CA ILE A 106 -12.59 -41.79 11.50
C ILE A 106 -12.37 -43.20 12.00
N LEU A 107 -12.63 -43.42 13.29
CA LEU A 107 -12.47 -44.72 13.92
C LEU A 107 -13.83 -45.29 14.30
N ARG A 108 -14.02 -46.58 14.04
CA ARG A 108 -15.21 -47.33 14.44
C ARG A 108 -14.74 -48.44 15.39
N PRO A 109 -14.76 -48.19 16.70
CA PRO A 109 -14.17 -49.15 17.63
C PRO A 109 -14.85 -50.50 17.59
N SER A 110 -14.06 -51.55 17.84
CA SER A 110 -14.59 -52.91 17.77
C SER A 110 -15.55 -53.20 18.93
N ASN A 111 -15.31 -52.63 20.10
CA ASN A 111 -16.15 -52.86 21.27
C ASN A 111 -17.26 -51.82 21.41
N LYS A 112 -17.44 -50.96 20.41
CA LYS A 112 -18.54 -49.99 20.37
C LYS A 112 -18.51 -49.04 21.57
N VAL A 113 -17.31 -48.71 22.05
CA VAL A 113 -17.13 -47.72 23.10
C VAL A 113 -16.37 -46.54 22.51
N CYS A 114 -16.64 -45.35 23.03
CA CYS A 114 -16.02 -44.13 22.53
C CYS A 114 -15.99 -43.10 23.65
N LYS A 115 -14.80 -42.56 23.90
CA LYS A 115 -14.59 -41.60 24.99
C LYS A 115 -13.86 -40.39 24.45
N ASP A 116 -14.49 -39.21 24.54
CA ASP A 116 -13.85 -37.95 24.21
C ASP A 116 -13.86 -37.00 25.41
N GLY A 117 -13.79 -37.57 26.61
CA GLY A 117 -13.90 -36.75 27.81
C GLY A 117 -12.78 -35.73 27.92
N ASP A 118 -13.09 -34.62 28.59
CA ASP A 118 -12.11 -33.57 28.77
C ASP A 118 -11.02 -33.99 29.74
N TRP A 119 -11.39 -34.66 30.83
CA TRP A 119 -10.44 -35.25 31.77
C TRP A 119 -10.30 -36.76 31.57
N GLU A 120 -10.66 -37.27 30.39
CA GLU A 120 -10.57 -38.69 30.13
C GLU A 120 -9.12 -39.14 30.15
N ASP A 121 -8.82 -40.14 30.98
CA ASP A 121 -7.45 -40.58 31.17
C ASP A 121 -6.87 -41.14 29.87
N SER A 122 -7.67 -41.85 29.10
CA SER A 122 -7.22 -42.44 27.83
C SER A 122 -8.39 -42.47 26.86
N PRO A 123 -8.51 -41.46 26.02
CA PRO A 123 -9.60 -41.43 25.04
C PRO A 123 -9.29 -42.32 23.84
N THR A 124 -10.34 -42.60 23.07
CA THR A 124 -10.19 -43.43 21.88
C THR A 124 -9.46 -42.72 20.75
N CYS A 125 -9.18 -41.43 20.88
CA CYS A 125 -8.36 -40.71 19.90
C CYS A 125 -6.93 -40.48 20.37
N GLY A 126 -6.72 -40.28 21.66
CA GLY A 126 -5.39 -40.00 22.16
C GLY A 126 -5.08 -38.51 22.19
N TRP A 127 -4.27 -38.12 23.17
CA TRP A 127 -3.92 -36.73 23.38
C TRP A 127 -2.63 -36.38 22.65
N PHE A 128 -2.62 -35.23 21.99
CA PHE A 128 -1.38 -34.62 21.55
C PHE A 128 -0.68 -33.97 22.74
N SER A 129 0.53 -33.49 22.52
CA SER A 129 1.30 -32.87 23.60
C SER A 129 2.32 -31.92 23.02
N GLN A 130 2.30 -30.66 23.49
CA GLN A 130 3.35 -29.70 23.16
C GLN A 130 4.38 -29.68 24.30
N GLY A 131 5.10 -30.79 24.41
CA GLY A 131 6.06 -30.98 25.48
C GLY A 131 5.61 -32.06 26.45
N GLY A 132 5.44 -31.70 27.71
CA GLY A 132 5.00 -32.65 28.72
C GLY A 132 3.52 -32.50 29.04
N VAL A 133 2.94 -31.36 28.65
CA VAL A 133 1.53 -31.08 28.85
C VAL A 133 0.78 -31.44 27.58
N ARG A 134 -0.41 -32.03 27.73
CA ARG A 134 -1.20 -32.46 26.59
C ARG A 134 -2.08 -31.32 26.09
N VAL A 135 -2.24 -31.25 24.78
CA VAL A 135 -2.95 -30.14 24.14
C VAL A 135 -4.45 -30.32 24.28
N ALA A 136 -5.15 -29.25 24.63
CA ALA A 136 -6.58 -29.30 24.84
C ALA A 136 -7.31 -29.58 23.53
N ASP A 137 -8.40 -30.33 23.63
CA ASP A 137 -9.30 -30.67 22.53
C ASP A 137 -8.63 -31.51 21.46
N SER A 138 -7.44 -32.04 21.72
CA SER A 138 -6.75 -32.88 20.75
C SER A 138 -7.35 -34.28 20.64
N GLN A 139 -8.29 -34.64 21.51
CA GLN A 139 -8.88 -35.96 21.55
C GLN A 139 -10.11 -36.09 20.65
N GLY A 140 -10.35 -35.12 19.77
CA GLY A 140 -11.45 -35.24 18.83
C GLY A 140 -12.80 -35.25 19.50
N PHE A 141 -13.76 -35.88 18.82
CA PHE A 141 -15.12 -36.00 19.34
C PHE A 141 -15.71 -37.32 18.89
N CYS A 142 -16.68 -37.82 19.65
CA CYS A 142 -17.37 -39.07 19.34
C CYS A 142 -18.76 -38.78 18.76
N CYS A 143 -19.28 -39.77 18.04
CA CYS A 143 -20.61 -39.69 17.45
C CYS A 143 -21.36 -40.98 17.73
N GLU A 144 -22.62 -40.84 18.16
CA GLU A 144 -23.49 -41.97 18.41
C GLU A 144 -24.75 -41.82 17.54
N CYS A 145 -25.29 -42.94 17.10
CA CYS A 145 -26.49 -42.93 16.27
C CYS A 145 -27.69 -42.63 17.13
N SER A 146 -28.42 -41.56 16.79
CA SER A 146 -29.58 -41.16 17.58
C SER A 146 -30.68 -42.20 17.49
N SER A 147 -31.58 -42.17 18.47
CA SER A 147 -32.74 -43.04 18.44
C SER A 147 -33.60 -42.80 17.20
N SER A 148 -33.66 -41.56 16.73
CA SER A 148 -34.44 -41.27 15.53
C SER A 148 -33.86 -41.96 14.30
N GLN A 149 -32.53 -42.05 14.22
CA GLN A 149 -31.90 -42.67 13.06
C GLN A 149 -31.94 -44.19 13.14
N VAL A 150 -31.86 -44.75 14.35
CA VAL A 150 -32.04 -46.20 14.49
C VAL A 150 -33.46 -46.59 14.12
N TRP A 151 -34.44 -45.73 14.39
CA TRP A 151 -35.82 -46.02 14.03
C TRP A 151 -36.02 -45.99 12.52
N ASP A 152 -35.38 -45.03 11.84
CA ASP A 152 -35.54 -44.90 10.39
C ASP A 152 -34.78 -46.00 9.66
N ASP A 153 -33.53 -46.22 10.03
CA ASP A 153 -32.70 -47.22 9.34
C ASP A 153 -33.20 -48.64 9.52
N THR A 154 -33.98 -48.91 10.58
CA THR A 154 -34.46 -50.26 10.81
C THR A 154 -35.63 -50.60 9.88
N PHE A 155 -36.61 -49.71 9.80
CA PHE A 155 -37.80 -49.96 9.00
C PHE A 155 -37.61 -49.51 7.55
N GLY A 156 -37.33 -48.22 7.34
CA GLY A 156 -37.11 -47.71 6.00
C GLY A 156 -35.65 -47.41 5.72
N SER A 157 -35.37 -46.17 5.33
CA SER A 157 -34.01 -45.73 5.07
C SER A 157 -33.84 -44.32 5.63
N SER A 158 -32.93 -44.16 6.58
CA SER A 158 -32.75 -42.87 7.24
C SER A 158 -32.21 -41.84 6.25
N LYS A 159 -32.84 -40.68 6.21
CA LYS A 159 -32.43 -39.59 5.32
C LYS A 159 -31.48 -38.62 6.00
N GLU A 160 -31.11 -38.87 7.25
CA GLU A 160 -30.18 -38.02 7.97
C GLU A 160 -28.77 -38.56 7.81
N ARG A 161 -27.84 -37.67 7.45
CA ARG A 161 -26.45 -38.07 7.25
C ARG A 161 -25.75 -38.32 8.58
N THR A 162 -24.88 -39.32 8.59
CA THR A 162 -23.93 -39.53 9.67
C THR A 162 -22.52 -39.30 9.12
N ARG A 163 -21.66 -38.72 9.96
CA ARG A 163 -20.32 -38.40 9.50
C ARG A 163 -19.51 -39.64 9.15
N ALA A 164 -19.86 -40.79 9.72
CA ALA A 164 -19.15 -42.04 9.44
C ALA A 164 -19.96 -42.98 8.56
N ASN A 165 -21.03 -42.50 7.94
CA ASN A 165 -21.93 -43.34 7.15
C ASN A 165 -22.38 -44.55 7.95
N LEU A 166 -22.82 -44.29 9.19
CA LEU A 166 -23.17 -45.36 10.10
C LEU A 166 -24.38 -46.14 9.59
N ASP A 167 -24.36 -47.45 9.81
CA ASP A 167 -25.50 -48.32 9.53
C ASP A 167 -26.17 -48.60 10.87
N CYS A 168 -27.34 -47.99 11.09
CA CYS A 168 -28.08 -48.14 12.33
C CYS A 168 -29.31 -49.01 12.17
N ASP A 169 -29.36 -49.81 11.12
CA ASP A 169 -30.39 -50.84 11.00
C ASP A 169 -30.23 -51.83 12.14
N PHE A 170 -31.33 -52.09 12.86
CA PHE A 170 -31.27 -53.04 13.96
C PHE A 170 -30.82 -54.41 13.49
N TRP A 171 -31.22 -54.80 12.28
CA TRP A 171 -30.85 -56.11 11.75
C TRP A 171 -29.38 -56.20 11.38
N SER A 172 -28.72 -55.06 11.15
CA SER A 172 -27.30 -55.07 10.80
C SER A 172 -26.44 -55.51 11.98
N ASP A 173 -26.92 -55.32 13.21
CA ASP A 173 -26.22 -55.76 14.41
C ASP A 173 -27.22 -55.86 15.56
N PRO A 174 -28.06 -56.90 15.59
CA PRO A 174 -29.12 -56.95 16.60
C PRO A 174 -28.63 -57.34 17.99
N LEU A 175 -27.58 -58.16 18.04
CA LEU A 175 -27.11 -58.69 19.33
C LEU A 175 -26.51 -57.62 20.21
N ASP A 176 -26.14 -56.47 19.64
CA ASP A 176 -25.54 -55.38 20.43
C ASP A 176 -26.44 -54.17 20.56
N ILE A 177 -27.26 -53.85 19.54
CA ILE A 177 -28.21 -52.75 19.68
C ILE A 177 -29.26 -53.09 20.74
N LEU A 178 -29.58 -54.38 20.89
CA LEU A 178 -30.56 -54.78 21.88
C LEU A 178 -30.09 -54.49 23.30
N ILE A 179 -28.78 -54.63 23.54
CA ILE A 179 -28.23 -54.39 24.87
C ILE A 179 -27.76 -52.94 24.98
N GLY A 180 -28.35 -52.05 24.18
CA GLY A 180 -28.08 -50.63 24.25
C GLY A 180 -26.86 -50.16 23.51
N ARG A 181 -25.91 -51.04 23.19
CA ARG A 181 -24.69 -50.65 22.50
C ARG A 181 -25.03 -50.29 21.07
N LYS A 182 -25.15 -48.98 20.79
CA LYS A 182 -25.38 -48.49 19.45
C LYS A 182 -24.04 -48.32 18.72
N PRO A 183 -24.07 -48.27 17.38
CA PRO A 183 -22.84 -47.99 16.65
C PRO A 183 -22.32 -46.59 16.96
N VAL A 184 -21.00 -46.48 17.16
CA VAL A 184 -20.35 -45.24 17.52
C VAL A 184 -19.24 -44.94 16.53
N SER A 185 -18.75 -43.69 16.56
CA SER A 185 -17.69 -43.24 15.68
C SER A 185 -16.75 -42.32 16.44
N ALA A 186 -15.46 -42.44 16.14
CA ALA A 186 -14.44 -41.55 16.70
C ALA A 186 -13.84 -40.73 15.56
N HIS A 187 -13.70 -39.42 15.79
CA HIS A 187 -13.21 -38.50 14.77
C HIS A 187 -12.01 -37.74 15.33
N CYS A 188 -10.81 -38.17 14.95
CA CYS A 188 -9.57 -37.58 15.43
C CYS A 188 -8.92 -36.77 14.33
N LEU A 189 -8.22 -35.71 14.73
CA LEU A 189 -7.51 -34.83 13.80
C LEU A 189 -6.05 -35.23 13.73
N THR A 190 -5.55 -35.42 12.52
CA THR A 190 -4.16 -35.75 12.28
C THR A 190 -3.52 -34.73 11.36
N PHE A 191 -2.19 -34.69 11.37
CA PHE A 191 -1.42 -33.70 10.62
C PHE A 191 -0.60 -34.38 9.53
N ASP A 192 -0.57 -33.75 8.36
CA ASP A 192 0.30 -34.21 7.29
C ASP A 192 1.76 -34.05 7.72
N PRO A 193 2.65 -34.97 7.33
CA PRO A 193 4.06 -34.81 7.70
C PRO A 193 4.72 -33.59 7.09
N GLN A 194 4.10 -32.95 6.10
CA GLN A 194 4.66 -31.76 5.47
C GLN A 194 4.18 -30.51 6.19
N TRP A 195 5.10 -29.79 6.81
CA TRP A 195 4.78 -28.54 7.49
C TRP A 195 5.29 -27.36 6.67
N TYR A 196 4.75 -26.18 6.98
CA TYR A 196 5.11 -24.94 6.31
C TYR A 196 5.38 -23.86 7.34
N SER A 197 6.39 -23.04 7.07
CA SER A 197 6.73 -21.91 7.93
C SER A 197 6.14 -20.63 7.35
N GLY A 198 5.45 -19.86 8.20
CA GLY A 198 4.78 -18.66 7.75
C GLY A 198 5.45 -17.39 8.20
N TYR A 199 5.96 -16.61 7.24
CA TYR A 199 6.67 -15.38 7.53
C TYR A 199 5.85 -14.20 7.04
N GLU A 200 5.60 -13.24 7.94
CA GLU A 200 4.89 -12.03 7.58
C GLU A 200 5.83 -11.07 6.85
N LEU A 201 5.41 -10.65 5.65
CA LEU A 201 6.25 -9.75 4.86
C LEU A 201 6.27 -8.35 5.48
N GLY A 202 7.25 -7.57 5.05
CA GLY A 202 7.40 -6.22 5.54
C GLY A 202 7.20 -5.16 4.46
N ALA A 203 7.91 -4.04 4.58
CA ALA A 203 7.82 -2.96 3.61
C ALA A 203 8.81 -3.19 2.46
N ALA A 204 8.36 -2.88 1.25
CA ALA A 204 9.21 -3.07 0.08
C ALA A 204 10.39 -2.10 0.10
N SER A 205 11.56 -2.61 -0.27
CA SER A 205 12.78 -1.81 -0.32
C SER A 205 13.43 -2.02 -1.68
N LEU A 206 13.53 -0.95 -2.47
CA LEU A 206 14.20 -1.04 -3.75
C LEU A 206 15.68 -1.31 -3.55
N GLN A 207 16.21 -2.30 -4.26
CA GLN A 207 17.60 -2.72 -4.12
C GLN A 207 18.24 -2.83 -5.50
N PHE A 208 19.37 -2.15 -5.67
CA PHE A 208 20.10 -2.15 -6.93
C PHE A 208 21.50 -1.60 -6.65
N GLU A 209 22.31 -1.55 -7.70
CA GLU A 209 23.66 -1.00 -7.60
C GLU A 209 24.06 -0.42 -8.94
N ILE A 210 24.34 0.88 -8.96
CA ILE A 210 24.79 1.57 -10.16
C ILE A 210 26.31 1.47 -10.25
N ALA A 211 26.80 1.06 -11.42
CA ALA A 211 28.24 0.89 -11.66
C ALA A 211 28.72 2.03 -12.55
N ILE A 212 29.58 2.88 -11.99
CA ILE A 212 30.12 4.03 -12.70
C ILE A 212 31.55 3.71 -13.10
N THR A 213 31.76 3.46 -14.39
CA THR A 213 33.07 3.11 -14.93
C THR A 213 33.77 4.37 -15.42
N VAL A 214 34.93 4.68 -14.83
CA VAL A 214 35.71 5.87 -15.17
C VAL A 214 37.10 5.43 -15.57
N GLU A 215 37.55 5.89 -16.74
CA GLU A 215 38.87 5.56 -17.26
C GLU A 215 39.61 6.86 -17.61
N VAL A 216 40.73 7.09 -16.95
CA VAL A 216 41.56 8.27 -17.19
C VAL A 216 42.77 7.86 -18.03
N PRO A 217 43.10 8.59 -19.10
CA PRO A 217 44.26 8.22 -19.92
C PRO A 217 45.56 8.78 -19.37
N THR A 218 46.65 8.62 -20.11
CA THR A 218 47.93 9.23 -19.77
C THR A 218 48.87 9.20 -20.97
N GLN A 251 36.05 12.37 -39.17
CA GLN A 251 35.00 11.49 -39.70
C GLN A 251 34.38 10.65 -38.58
N PHE A 252 35.10 9.62 -38.13
CA PHE A 252 34.56 8.75 -37.10
C PHE A 252 35.59 8.16 -36.15
N LEU A 253 36.88 8.38 -36.35
CA LEU A 253 37.90 7.70 -35.57
C LEU A 253 38.11 8.40 -34.23
N SER A 254 38.12 7.62 -33.16
CA SER A 254 38.35 8.11 -31.80
C SER A 254 39.11 7.04 -31.04
N PRO A 255 40.37 6.82 -31.39
CA PRO A 255 41.09 5.66 -30.88
C PRO A 255 41.45 5.83 -29.41
N PRO A 256 41.36 4.77 -28.62
CA PRO A 256 41.75 4.87 -27.21
C PRO A 256 43.19 4.41 -26.96
N ALA A 257 44.01 5.33 -26.49
CA ALA A 257 45.38 5.11 -26.04
C ALA A 257 45.38 4.92 -24.53
N PRO A 258 46.42 4.35 -23.93
CA PRO A 258 46.20 3.47 -22.78
C PRO A 258 45.36 4.12 -21.68
N SER A 259 44.30 3.42 -21.29
CA SER A 259 43.40 3.87 -20.25
C SER A 259 43.49 2.96 -19.03
N THR A 260 43.09 3.50 -17.89
CA THR A 260 43.04 2.75 -16.63
C THR A 260 41.62 2.81 -16.11
N ARG A 261 40.92 1.67 -16.13
CA ARG A 261 39.51 1.64 -15.78
C ARG A 261 39.32 1.58 -14.27
N GLU A 262 38.44 2.44 -13.76
CA GLU A 262 38.07 2.45 -12.35
C GLU A 262 36.56 2.40 -12.25
N VAL A 263 36.07 1.56 -11.34
CA VAL A 263 34.63 1.31 -11.21
C VAL A 263 34.17 1.81 -9.84
N LEU A 264 33.17 2.69 -9.84
CA LEU A 264 32.49 3.12 -8.62
C LEU A 264 31.17 2.38 -8.48
N HIS A 265 30.67 2.34 -7.24
CA HIS A 265 29.43 1.63 -6.93
C HIS A 265 28.53 2.53 -6.09
N LEU A 266 27.35 2.85 -6.61
CA LEU A 266 26.36 3.63 -5.91
C LEU A 266 25.07 2.84 -5.76
N GLY A 267 24.33 3.13 -4.70
CA GLY A 267 23.09 2.46 -4.43
C GLY A 267 22.38 3.05 -3.23
N PRO A 268 21.23 2.47 -2.86
CA PRO A 268 20.52 2.98 -1.68
C PRO A 268 21.33 2.86 -0.40
N SER A 269 22.13 1.80 -0.27
CA SER A 269 22.96 1.63 0.92
C SER A 269 24.14 2.59 0.91
N VAL A 270 24.79 2.77 -0.23
CA VAL A 270 25.90 3.71 -0.36
C VAL A 270 25.57 4.69 -1.50
N PRO A 271 24.93 5.82 -1.19
CA PRO A 271 24.45 6.70 -2.26
C PRO A 271 25.46 7.72 -2.74
N LEU A 272 26.76 7.43 -2.61
CA LEU A 272 27.78 8.38 -3.03
C LEU A 272 29.13 7.68 -3.03
N ALA A 273 30.04 8.20 -3.86
CA ALA A 273 31.40 7.68 -3.95
C ALA A 273 32.26 8.67 -4.71
N SER A 274 33.57 8.55 -4.55
CA SER A 274 34.54 9.38 -5.24
C SER A 274 35.59 8.49 -5.90
N SER A 275 36.13 8.97 -7.02
CA SER A 275 37.08 8.20 -7.81
C SER A 275 38.46 8.21 -7.15
N ALA A 276 39.39 7.48 -7.75
CA ALA A 276 40.78 7.54 -7.32
C ALA A 276 41.31 8.96 -7.47
N SER A 277 42.23 9.32 -6.60
CA SER A 277 42.67 10.71 -6.43
C SER A 277 41.41 11.50 -6.06
N ARG A 278 41.09 12.59 -6.74
CA ARG A 278 39.93 13.41 -6.37
C ARG A 278 39.24 14.02 -7.58
N LEU A 279 39.24 13.32 -8.72
CA LEU A 279 38.69 13.89 -9.94
C LEU A 279 37.16 13.89 -9.91
N LEU A 280 36.55 12.72 -9.83
CA LEU A 280 35.11 12.58 -9.91
C LEU A 280 34.50 12.37 -8.53
N SER A 281 33.43 13.11 -8.25
CA SER A 281 32.66 12.95 -7.03
C SER A 281 31.21 12.73 -7.42
N ALA A 282 30.68 11.56 -7.11
CA ALA A 282 29.32 11.18 -7.48
C ALA A 282 28.41 11.18 -6.26
N LYS A 283 27.11 11.21 -6.53
CA LYS A 283 26.11 11.16 -5.47
C LYS A 283 24.78 10.71 -6.06
N LEU A 284 24.23 9.61 -5.53
CA LEU A 284 22.92 9.14 -5.94
C LEU A 284 21.84 9.90 -5.17
N LEU A 285 20.96 10.58 -5.90
CA LEU A 285 19.91 11.37 -5.29
C LEU A 285 18.65 10.58 -5.01
N GLY A 286 18.32 9.61 -5.86
CA GLY A 286 17.10 8.85 -5.72
C GLY A 286 16.43 8.58 -7.05
N ASP A 287 15.37 7.78 -7.04
CA ASP A 287 14.64 7.46 -8.25
C ASP A 287 13.42 8.37 -8.39
N LEU A 288 12.85 8.36 -9.58
CA LEU A 288 11.57 9.03 -9.81
C LEU A 288 10.42 8.08 -9.45
N ALA A 289 9.22 8.65 -9.38
CA ALA A 289 8.05 7.85 -9.03
C ALA A 289 7.77 6.82 -10.12
N MET A 290 7.34 5.64 -9.68
CA MET A 290 6.97 4.58 -10.62
C MET A 290 5.55 4.78 -11.10
N TYR A 291 5.33 4.55 -12.40
CA TYR A 291 4.02 4.80 -12.97
C TYR A 291 3.02 3.73 -12.56
N THR A 292 3.45 2.47 -12.52
CA THR A 292 2.65 1.37 -12.02
C THR A 292 3.25 0.94 -10.68
N GLN A 293 2.49 1.13 -9.60
CA GLN A 293 3.00 0.88 -8.27
C GLN A 293 3.22 -0.63 -8.06
N LEU A 294 3.95 -0.95 -7.00
CA LEU A 294 4.25 -2.33 -6.66
C LEU A 294 3.00 -3.02 -6.11
N PRO A 295 2.92 -4.34 -6.23
CA PRO A 295 1.78 -5.07 -5.67
C PRO A 295 1.77 -4.98 -4.15
N ALA A 296 0.58 -4.75 -3.60
CA ALA A 296 0.40 -4.55 -2.16
C ALA A 296 0.37 -5.91 -1.48
N ILE A 297 1.55 -6.43 -1.16
CA ILE A 297 1.70 -7.70 -0.46
C ILE A 297 2.38 -7.52 0.89
N SER A 298 2.37 -6.29 1.41
CA SER A 298 3.14 -5.98 2.61
C SER A 298 2.60 -6.70 3.84
N ASN A 299 1.28 -6.88 3.93
CA ASN A 299 0.67 -7.48 5.11
C ASN A 299 0.26 -8.93 4.90
N GLN A 300 0.82 -9.59 3.89
CA GLN A 300 0.51 -11.00 3.64
C GLN A 300 1.55 -11.89 4.31
N VAL A 301 1.28 -13.20 4.30
CA VAL A 301 2.10 -14.18 5.00
C VAL A 301 2.69 -15.15 3.98
N LEU A 302 4.01 -15.23 3.96
CA LEU A 302 4.72 -16.08 3.01
C LEU A 302 4.84 -17.49 3.60
N MET A 303 4.37 -18.49 2.85
CA MET A 303 4.42 -19.87 3.29
C MET A 303 5.61 -20.55 2.61
N VAL A 304 6.53 -21.08 3.42
CA VAL A 304 7.74 -21.72 2.95
C VAL A 304 7.73 -23.16 3.45
N PRO A 305 7.94 -24.15 2.58
CA PRO A 305 7.95 -25.55 3.03
C PRO A 305 9.03 -25.79 4.07
N GLN A 306 8.62 -26.30 5.22
CA GLN A 306 9.53 -26.60 6.31
C GLN A 306 10.34 -27.84 5.97
N PRO A 307 11.67 -27.75 5.90
CA PRO A 307 12.48 -28.90 5.51
C PRO A 307 12.41 -30.00 6.56
N PRO A 308 12.69 -31.25 6.19
CA PRO A 308 12.58 -32.35 7.16
C PRO A 308 13.65 -32.34 8.23
N ALA A 309 14.86 -31.88 7.92
CA ALA A 309 15.93 -31.85 8.91
C ALA A 309 16.22 -30.42 9.36
N ASP A 319 9.52 -38.24 -10.17
CA ASP A 319 8.64 -37.11 -9.92
C ASP A 319 9.08 -36.36 -8.65
N ALA A 320 9.75 -35.23 -8.83
CA ALA A 320 10.26 -34.44 -7.71
C ALA A 320 9.81 -33.00 -7.84
N LEU A 321 9.67 -32.35 -6.68
CA LEU A 321 9.26 -30.95 -6.65
C LEU A 321 10.40 -30.05 -7.13
N ALA A 322 10.04 -28.93 -7.74
CA ALA A 322 11.04 -27.95 -8.15
C ALA A 322 11.61 -27.24 -6.93
N THR A 323 12.88 -26.86 -7.04
CA THR A 323 13.62 -26.31 -5.91
C THR A 323 13.25 -24.85 -5.67
N ASN A 324 13.80 -24.30 -4.58
CA ASN A 324 13.74 -22.87 -4.22
C ASN A 324 12.28 -22.50 -3.97
N ARG A 325 11.79 -21.39 -4.52
CA ARG A 325 10.50 -20.82 -4.17
C ARG A 325 9.36 -21.34 -5.04
N SER A 326 9.57 -22.44 -5.77
CA SER A 326 8.53 -22.96 -6.64
C SER A 326 7.31 -23.42 -5.84
N ALA A 327 7.54 -23.99 -4.66
CA ALA A 327 6.46 -24.48 -3.80
C ALA A 327 6.01 -23.44 -2.77
N TRP A 328 6.48 -22.21 -2.86
CA TRP A 328 6.11 -21.18 -1.89
C TRP A 328 4.72 -20.64 -2.19
N MET A 329 4.11 -20.04 -1.17
CA MET A 329 2.78 -19.45 -1.29
C MET A 329 2.73 -18.17 -0.45
N LEU A 330 1.83 -17.27 -0.84
CA LEU A 330 1.69 -15.96 -0.20
C LEU A 330 0.21 -15.69 -0.03
N LEU A 331 -0.25 -15.63 1.22
CA LEU A 331 -1.66 -15.64 1.54
C LEU A 331 -2.09 -14.38 2.29
N ASP A 332 -3.32 -13.97 2.03
CA ASP A 332 -3.95 -12.93 2.83
C ASP A 332 -4.33 -13.49 4.20
N LYS A 333 -4.32 -12.61 5.21
CA LYS A 333 -4.62 -13.04 6.56
C LYS A 333 -6.06 -13.47 6.76
N THR A 334 -6.95 -13.22 5.78
CA THR A 334 -8.31 -13.73 5.86
C THR A 334 -8.41 -15.21 5.53
N MET A 335 -7.32 -15.81 5.06
CA MET A 335 -7.26 -17.25 4.82
C MET A 335 -6.68 -18.03 5.99
N LEU A 336 -6.29 -17.34 7.05
CA LEU A 336 -5.56 -17.96 8.16
C LEU A 336 -6.36 -17.86 9.44
N SER A 337 -6.07 -18.80 10.34
CA SER A 337 -6.53 -18.75 11.73
C SER A 337 -5.29 -18.83 12.62
N MET A 338 -4.92 -17.70 13.21
CA MET A 338 -3.71 -17.66 14.04
C MET A 338 -3.90 -18.46 15.32
N ASP A 339 -4.99 -18.18 16.05
CA ASP A 339 -5.31 -18.96 17.24
C ASP A 339 -5.82 -20.36 16.91
N GLY A 340 -6.15 -20.63 15.66
CA GLY A 340 -6.65 -21.94 15.28
C GLY A 340 -8.08 -22.22 15.68
N LEU A 341 -8.81 -21.21 16.11
CA LEU A 341 -10.17 -21.38 16.62
C LEU A 341 -11.24 -21.19 15.55
N ALA A 342 -10.86 -21.14 14.28
CA ALA A 342 -11.79 -20.94 13.18
C ALA A 342 -11.70 -22.11 12.20
N CYS A 343 -12.82 -22.42 11.57
CA CYS A 343 -12.91 -23.56 10.68
C CYS A 343 -12.58 -23.16 9.24
N ASP A 344 -12.12 -24.15 8.47
CA ASP A 344 -11.90 -24.00 7.03
C ASP A 344 -10.88 -22.91 6.72
N LYS A 345 -9.88 -22.78 7.59
CA LYS A 345 -8.81 -21.82 7.40
C LYS A 345 -7.47 -22.52 7.52
N VAL A 346 -6.43 -21.86 7.01
CA VAL A 346 -5.08 -22.38 7.18
C VAL A 346 -4.69 -22.24 8.65
N GLY A 347 -4.35 -23.35 9.28
CA GLY A 347 -4.04 -23.35 10.69
C GLY A 347 -5.22 -23.60 11.60
N THR A 348 -6.27 -24.26 11.11
CA THR A 348 -7.39 -24.63 11.97
C THR A 348 -6.92 -25.61 13.04
N GLY A 349 -7.32 -25.35 14.28
CA GLY A 349 -6.81 -26.09 15.42
C GLY A 349 -7.78 -27.13 15.95
N PHE A 350 -7.43 -27.69 17.10
CA PHE A 350 -8.22 -28.76 17.70
C PHE A 350 -9.57 -28.25 18.20
N SER A 351 -9.59 -27.07 18.81
CA SER A 351 -10.84 -26.54 19.35
C SER A 351 -11.86 -26.26 18.26
N ALA A 352 -11.40 -25.85 17.08
CA ALA A 352 -12.34 -25.59 15.98
C ALA A 352 -12.92 -26.89 15.43
N PHE A 353 -12.09 -27.94 15.35
CA PHE A 353 -12.54 -29.22 14.80
C PHE A 353 -13.41 -30.00 15.78
N ARG A 354 -13.15 -29.86 17.08
CA ARG A 354 -13.91 -30.62 18.07
C ARG A 354 -15.29 -30.03 18.31
N TYR A 355 -15.40 -28.71 18.34
CA TYR A 355 -16.64 -28.05 18.71
C TYR A 355 -17.36 -27.41 17.52
N GLN A 356 -17.23 -28.02 16.34
CA GLN A 356 -17.95 -27.50 15.19
C GLN A 356 -19.44 -27.83 15.34
N PRO A 357 -20.33 -26.86 15.09
CA PRO A 357 -21.75 -27.10 15.37
C PRO A 357 -22.33 -28.18 14.47
N SER A 358 -23.09 -29.10 15.09
CA SER A 358 -23.68 -30.24 14.40
C SER A 358 -22.61 -31.08 13.69
N GLY A 359 -21.45 -31.20 14.34
CA GLY A 359 -20.31 -31.84 13.70
C GLY A 359 -20.60 -33.28 13.27
N CYS A 360 -21.32 -34.02 14.11
CA CYS A 360 -21.64 -35.40 13.77
C CYS A 360 -22.65 -35.49 12.63
N GLY A 361 -23.41 -34.43 12.38
CA GLY A 361 -24.34 -34.39 11.28
C GLY A 361 -23.80 -33.89 9.97
N ARG A 362 -22.52 -33.51 9.93
CA ARG A 362 -21.90 -33.00 8.72
C ARG A 362 -21.07 -34.09 8.05
N ALA A 363 -20.62 -33.78 6.83
CA ALA A 363 -19.87 -34.73 6.04
C ALA A 363 -18.49 -34.95 6.64
N PRO A 364 -17.79 -36.02 6.24
CA PRO A 364 -16.40 -36.17 6.66
C PRO A 364 -15.55 -35.04 6.11
N GLN A 365 -14.43 -34.78 6.80
CA GLN A 365 -13.47 -33.75 6.46
C GLN A 365 -14.04 -32.34 6.56
N ALA A 366 -15.19 -32.16 7.17
CA ALA A 366 -15.74 -30.83 7.38
C ALA A 366 -14.84 -30.03 8.30
N CYS A 367 -14.86 -28.70 8.11
CA CYS A 367 -14.06 -27.75 8.89
C CYS A 367 -12.59 -27.84 8.49
N LEU A 368 -12.23 -28.83 7.67
CA LEU A 368 -10.84 -29.05 7.26
C LEU A 368 -10.58 -28.63 5.82
N SER A 369 -11.42 -27.76 5.25
CA SER A 369 -11.19 -27.26 3.91
C SER A 369 -10.29 -26.02 3.95
N GLY A 370 -9.96 -25.50 2.77
CA GLY A 370 -9.18 -24.28 2.67
C GLY A 370 -7.79 -24.40 3.26
N GLN A 371 -7.19 -25.58 3.22
CA GLN A 371 -5.85 -25.77 3.74
C GLN A 371 -4.81 -25.52 2.64
N LEU A 372 -3.54 -25.49 3.06
CA LEU A 372 -2.46 -25.20 2.12
C LEU A 372 -2.49 -26.14 0.93
N LYS A 373 -2.83 -27.42 1.17
CA LYS A 373 -2.97 -28.35 0.06
C LYS A 373 -4.18 -28.01 -0.81
N ASP A 374 -5.26 -27.51 -0.20
CA ASP A 374 -6.45 -27.17 -0.96
C ASP A 374 -6.21 -25.93 -1.82
N LEU A 375 -5.62 -24.89 -1.22
CA LEU A 375 -5.35 -23.67 -1.96
C LEU A 375 -4.37 -23.92 -3.10
N TRP A 376 -3.39 -24.80 -2.88
CA TRP A 376 -2.45 -25.16 -3.93
C TRP A 376 -3.16 -25.85 -5.08
N GLU A 377 -3.90 -26.91 -4.78
CA GLU A 377 -4.62 -27.64 -5.82
C GLU A 377 -5.63 -26.75 -6.53
N ALA A 378 -6.17 -25.75 -5.84
CA ALA A 378 -7.11 -24.84 -6.47
C ALA A 378 -6.42 -23.94 -7.48
N ASP A 379 -5.24 -23.42 -7.14
CA ASP A 379 -4.51 -22.56 -8.07
C ASP A 379 -4.05 -23.33 -9.29
N LEU A 380 -3.62 -24.58 -9.11
CA LEU A 380 -3.26 -25.41 -10.26
C LEU A 380 -4.43 -25.56 -11.22
N ALA A 381 -5.65 -25.58 -10.70
CA ALA A 381 -6.82 -25.64 -11.57
C ALA A 381 -6.99 -24.34 -12.36
N ARG A 382 -6.71 -23.20 -11.72
CA ARG A 382 -6.81 -21.93 -12.42
C ARG A 382 -5.82 -21.85 -13.57
N ILE A 383 -4.64 -22.46 -13.42
CA ILE A 383 -3.65 -22.46 -14.50
C ILE A 383 -4.18 -23.24 -15.70
N ALA A 384 -4.82 -24.38 -15.45
CA ALA A 384 -5.37 -25.18 -16.55
C ALA A 384 -6.55 -24.51 -17.24
N ASP A 385 -7.13 -23.47 -16.64
CA ASP A 385 -8.24 -22.74 -17.23
C ASP A 385 -7.80 -21.38 -17.76
N GLY A 386 -6.50 -21.19 -17.96
CA GLY A 386 -6.00 -19.93 -18.47
C GLY A 386 -6.09 -18.76 -17.53
N ARG A 387 -6.36 -19.00 -16.25
CA ARG A 387 -6.46 -17.93 -15.26
C ARG A 387 -5.20 -17.89 -14.41
N VAL A 388 -5.08 -16.83 -13.63
CA VAL A 388 -3.86 -16.54 -12.87
C VAL A 388 -4.05 -17.06 -11.45
N PRO A 389 -3.07 -17.77 -10.87
CA PRO A 389 -3.14 -18.16 -9.46
C PRO A 389 -3.42 -17.00 -8.51
N LEU A 390 -3.93 -17.33 -7.33
CA LEU A 390 -4.25 -16.35 -6.30
C LEU A 390 -3.41 -16.48 -5.05
N TYR A 391 -2.65 -17.57 -4.91
CA TYR A 391 -1.92 -17.84 -3.67
C TYR A 391 -0.47 -18.17 -3.94
N MET A 392 -0.18 -18.78 -5.10
CA MET A 392 1.19 -19.05 -5.48
C MET A 392 1.92 -17.73 -5.76
N ILE A 393 3.18 -17.65 -5.34
CA ILE A 393 3.93 -16.41 -5.53
C ILE A 393 4.28 -16.16 -7.00
N THR A 394 4.06 -17.14 -7.86
CA THR A 394 4.29 -16.95 -9.29
C THR A 394 3.17 -16.15 -9.96
N ARG A 395 2.15 -15.75 -9.21
CA ARG A 395 1.11 -14.89 -9.78
C ARG A 395 1.61 -13.49 -10.09
N PHE A 396 2.82 -13.15 -9.68
CA PHE A 396 3.47 -11.90 -10.06
C PHE A 396 4.50 -12.06 -11.17
N THR A 397 5.17 -13.21 -11.21
CA THR A 397 6.17 -13.45 -12.24
C THR A 397 5.53 -13.56 -13.62
N GLY A 398 4.37 -14.21 -13.70
CA GLY A 398 3.67 -14.40 -14.96
C GLY A 398 3.73 -15.81 -15.52
N GLY A 399 4.35 -16.75 -14.81
CA GLY A 399 4.35 -18.13 -15.28
C GLY A 399 5.54 -18.98 -14.88
N SER A 400 6.74 -18.41 -14.88
CA SER A 400 7.96 -19.16 -14.65
C SER A 400 8.61 -18.73 -13.33
N ASP A 401 9.14 -19.72 -12.60
CA ASP A 401 9.85 -19.46 -11.36
C ASP A 401 11.30 -19.05 -11.60
N THR A 402 11.84 -19.31 -12.80
CA THR A 402 13.23 -18.98 -13.08
C THR A 402 13.51 -17.50 -12.92
N THR A 403 12.50 -16.64 -13.10
CA THR A 403 12.70 -15.20 -12.96
C THR A 403 12.92 -14.79 -11.52
N LEU A 404 12.59 -15.64 -10.55
CA LEU A 404 12.75 -15.32 -9.13
C LEU A 404 13.99 -15.93 -8.51
N GLN A 405 14.72 -16.78 -9.24
CA GLN A 405 15.96 -17.34 -8.74
C GLN A 405 17.18 -16.54 -9.14
N SER A 406 17.02 -15.53 -10.02
CA SER A 406 18.10 -14.62 -10.32
C SER A 406 18.38 -13.66 -9.17
N PHE A 407 17.55 -13.65 -8.15
CA PHE A 407 17.76 -12.81 -6.97
C PHE A 407 19.03 -13.26 -6.24
N SER A 408 19.66 -12.29 -5.57
CA SER A 408 20.94 -12.53 -4.89
C SER A 408 20.81 -12.52 -3.38
N GLY A 409 19.59 -12.61 -2.84
CA GLY A 409 19.39 -12.61 -1.42
C GLY A 409 19.63 -13.98 -0.80
N GLY A 410 19.48 -14.03 0.52
CA GLY A 410 19.69 -15.26 1.25
C GLY A 410 18.59 -16.26 0.98
N PRO A 411 18.72 -17.44 1.59
CA PRO A 411 17.70 -18.49 1.38
C PRO A 411 16.32 -18.09 1.87
N LEU A 412 16.24 -17.32 2.94
CA LEU A 412 14.96 -16.86 3.48
C LEU A 412 14.77 -15.39 3.14
N SER A 413 14.47 -15.14 1.88
CA SER A 413 14.23 -13.79 1.40
C SER A 413 13.22 -13.85 0.27
N PHE A 414 12.59 -12.72 -0.01
CA PHE A 414 11.58 -12.66 -1.06
C PHE A 414 11.68 -11.32 -1.77
N ALA A 415 11.65 -11.34 -3.09
CA ALA A 415 11.79 -10.15 -3.88
C ALA A 415 11.15 -10.36 -5.25
N LEU A 416 10.53 -9.30 -5.78
CA LEU A 416 9.95 -9.34 -7.11
C LEU A 416 10.72 -8.44 -8.06
N PRO A 417 10.89 -8.84 -9.33
CA PRO A 417 11.60 -8.00 -10.29
C PRO A 417 10.75 -6.83 -10.74
N VAL A 418 11.27 -5.62 -10.55
CA VAL A 418 10.53 -4.41 -10.90
C VAL A 418 10.60 -4.20 -12.40
N THR A 419 9.44 -4.01 -13.03
CA THR A 419 9.37 -3.76 -14.46
C THR A 419 8.94 -2.34 -14.82
N SER A 420 8.36 -1.60 -13.87
CA SER A 420 8.00 -0.22 -14.11
C SER A 420 9.26 0.64 -14.23
N HIS A 421 9.10 1.81 -14.84
CA HIS A 421 10.22 2.73 -14.96
C HIS A 421 10.57 3.29 -13.59
N SER A 422 11.84 3.18 -13.22
CA SER A 422 12.37 3.73 -11.97
C SER A 422 13.69 4.41 -12.33
N GLN A 423 13.59 5.66 -12.78
CA GLN A 423 14.76 6.40 -13.25
C GLN A 423 15.46 7.04 -12.06
N SER A 424 16.69 6.59 -11.78
CA SER A 424 17.48 7.14 -10.70
C SER A 424 18.33 8.31 -11.21
N LEU A 425 18.38 9.38 -10.41
CA LEU A 425 19.07 10.61 -10.77
C LEU A 425 20.44 10.64 -10.10
N VAL A 426 21.49 10.80 -10.92
CA VAL A 426 22.87 10.84 -10.44
C VAL A 426 23.50 12.15 -10.86
N THR A 427 24.27 12.75 -9.94
CA THR A 427 24.94 14.02 -10.17
C THR A 427 26.43 13.80 -10.21
N LEU A 428 27.06 14.16 -11.32
CA LEU A 428 28.50 14.02 -11.50
C LEU A 428 29.14 15.40 -11.44
N SER A 429 30.24 15.51 -10.70
CA SER A 429 30.97 16.77 -10.55
C SER A 429 32.46 16.47 -10.75
N VAL A 430 32.98 16.81 -11.92
CA VAL A 430 34.34 16.49 -12.32
C VAL A 430 35.18 17.77 -12.34
N ALA A 431 36.44 17.65 -11.93
CA ALA A 431 37.40 18.74 -12.01
C ALA A 431 38.01 18.79 -13.41
N ALA A 432 37.15 19.07 -14.39
CA ALA A 432 37.58 19.11 -15.79
C ALA A 432 36.49 19.84 -16.58
N ASP A 433 36.83 21.02 -17.11
CA ASP A 433 35.86 21.85 -17.80
C ASP A 433 35.78 21.45 -19.26
N GLY A 434 34.56 21.14 -19.72
CA GLY A 434 34.35 20.58 -21.05
C GLY A 434 33.72 19.21 -20.95
N VAL A 435 32.56 19.01 -21.57
CA VAL A 435 31.81 17.77 -21.44
C VAL A 435 31.14 17.43 -22.76
N ARG A 436 30.97 16.12 -23.01
CA ARG A 436 30.39 15.64 -24.26
C ARG A 436 29.73 14.29 -24.01
N LEU A 437 28.58 14.07 -24.66
CA LEU A 437 27.83 12.83 -24.54
C LEU A 437 28.00 12.00 -25.81
N VAL A 438 28.42 10.75 -25.64
CA VAL A 438 28.64 9.83 -26.76
C VAL A 438 27.73 8.63 -26.55
N THR A 439 26.71 8.51 -27.40
CA THR A 439 25.70 7.47 -27.29
C THR A 439 25.71 6.60 -28.53
N ASN A 440 25.59 5.28 -28.33
CA ASN A 440 25.54 4.32 -29.42
C ASN A 440 24.10 4.17 -29.89
N ARG A 441 23.90 4.24 -31.21
CA ARG A 441 22.59 4.00 -31.82
C ARG A 441 22.72 2.83 -32.77
N SER A 442 22.06 1.72 -32.44
CA SER A 442 22.05 0.54 -33.27
C SER A 442 20.62 0.18 -33.63
N PRO A 443 20.33 -0.13 -34.89
CA PRO A 443 18.96 -0.49 -35.26
C PRO A 443 18.55 -1.82 -34.66
N GLY A 444 17.24 -2.04 -34.63
CA GLY A 444 16.69 -3.26 -34.09
C GLY A 444 15.49 -3.72 -34.90
N LYS A 445 15.09 -4.97 -34.65
CA LYS A 445 13.94 -5.56 -35.32
C LYS A 445 13.16 -6.38 -34.31
N ILE A 446 11.84 -6.22 -34.32
CA ILE A 446 10.96 -7.06 -33.52
C ILE A 446 10.88 -8.42 -34.20
N THR A 447 11.52 -9.42 -33.58
CA THR A 447 11.61 -10.75 -34.15
C THR A 447 10.52 -11.69 -33.66
N GLY A 448 9.49 -11.16 -32.99
CA GLY A 448 8.39 -11.98 -32.53
C GLY A 448 7.59 -11.34 -31.41
N ALA A 449 6.26 -11.44 -31.50
CA ALA A 449 5.37 -10.91 -30.47
C ALA A 449 4.09 -11.72 -30.47
N ALA A 450 3.65 -12.14 -29.28
CA ALA A 450 2.44 -12.94 -29.16
C ALA A 450 1.87 -12.79 -27.76
N VAL A 451 0.56 -13.02 -27.65
CA VAL A 451 -0.15 -12.96 -26.38
C VAL A 451 -0.40 -14.39 -25.90
N CYS A 452 -0.02 -14.67 -24.65
CA CYS A 452 -0.13 -16.01 -24.10
C CYS A 452 -0.75 -15.95 -22.71
N ARG A 453 -1.45 -17.02 -22.36
CA ARG A 453 -2.07 -17.13 -21.05
C ARG A 453 -0.99 -17.33 -19.98
N PHE A 454 -1.44 -17.47 -18.73
CA PHE A 454 -0.51 -17.69 -17.62
C PHE A 454 0.27 -18.97 -17.84
N ALA A 455 1.58 -18.89 -17.64
CA ALA A 455 2.52 -20.00 -17.80
C ALA A 455 2.58 -20.55 -19.22
N GLY A 456 2.00 -19.85 -20.19
CA GLY A 456 2.06 -20.28 -21.58
C GLY A 456 1.33 -21.58 -21.83
N THR A 457 0.21 -21.81 -21.14
CA THR A 457 -0.57 -23.02 -21.39
C THR A 457 -1.18 -22.99 -22.78
N SER A 458 -1.42 -21.80 -23.33
CA SER A 458 -1.89 -21.61 -24.70
C SER A 458 -1.72 -20.14 -25.05
N CYS A 459 -1.35 -19.89 -26.30
CA CYS A 459 -1.14 -18.53 -26.79
C CYS A 459 -2.22 -18.14 -27.79
N GLY A 460 -2.31 -16.84 -28.06
CA GLY A 460 -3.29 -16.28 -28.97
C GLY A 460 -4.30 -15.38 -28.30
N GLY A 461 -4.58 -15.62 -27.02
CA GLY A 461 -5.54 -14.81 -26.30
C GLY A 461 -5.79 -15.37 -24.92
N PHE A 462 -6.71 -14.70 -24.22
CA PHE A 462 -7.03 -15.03 -22.84
C PHE A 462 -8.52 -14.81 -22.61
N GLU A 463 -8.95 -15.02 -21.36
CA GLU A 463 -10.33 -14.79 -20.97
C GLU A 463 -10.47 -13.37 -20.46
N ALA A 464 -11.53 -12.68 -20.91
CA ALA A 464 -11.61 -11.23 -20.87
C ALA A 464 -11.25 -10.62 -19.52
N VAL A 465 -12.08 -10.83 -18.50
CA VAL A 465 -11.86 -10.18 -17.21
C VAL A 465 -11.40 -11.18 -16.14
N ALA A 466 -11.82 -12.44 -16.23
CA ALA A 466 -11.34 -13.43 -15.27
C ALA A 466 -9.85 -13.69 -15.43
N ALA A 467 -9.32 -13.55 -16.64
CA ALA A 467 -7.92 -13.84 -16.93
C ALA A 467 -7.24 -12.61 -17.52
N ARG A 468 -5.93 -12.74 -17.74
CA ARG A 468 -5.14 -11.71 -18.40
C ARG A 468 -4.12 -12.39 -19.30
N GLY A 469 -3.64 -11.64 -20.30
CA GLY A 469 -2.64 -12.12 -21.21
C GLY A 469 -1.25 -11.63 -20.85
N TYR A 470 -0.25 -12.26 -21.48
CA TYR A 470 1.15 -11.92 -21.28
C TYR A 470 1.83 -11.78 -22.63
N ILE A 471 2.48 -10.64 -22.85
CA ILE A 471 3.05 -10.29 -24.14
C ILE A 471 4.54 -10.62 -24.11
N TYR A 472 4.92 -11.66 -24.84
CA TYR A 472 6.33 -11.99 -25.05
C TYR A 472 6.79 -11.34 -26.35
N VAL A 473 7.84 -10.54 -26.26
CA VAL A 473 8.36 -9.80 -27.42
C VAL A 473 9.83 -10.17 -27.61
N ASN A 474 10.17 -10.57 -28.82
CA ASN A 474 11.54 -10.90 -29.21
C ASN A 474 12.09 -9.77 -30.05
N ILE A 475 13.22 -9.21 -29.64
CA ILE A 475 13.92 -8.20 -30.41
C ILE A 475 15.35 -8.66 -30.64
N THR A 476 15.99 -8.09 -31.64
CA THR A 476 17.36 -8.45 -32.01
C THR A 476 18.12 -7.20 -32.40
N ASN A 477 19.28 -7.01 -31.79
CA ASN A 477 20.16 -5.90 -32.13
C ASN A 477 20.83 -6.20 -33.48
N THR A 478 20.48 -5.43 -34.50
CA THR A 478 21.03 -5.64 -35.84
C THR A 478 22.28 -4.81 -36.10
N GLY A 479 22.67 -3.95 -35.17
CA GLY A 479 23.88 -3.17 -35.31
C GLY A 479 25.11 -3.90 -34.80
N ARG A 480 26.25 -3.23 -34.91
CA ARG A 480 27.52 -3.76 -34.45
C ARG A 480 27.93 -3.19 -33.09
N LEU A 481 27.02 -2.50 -32.41
CA LEU A 481 27.29 -1.89 -31.12
C LEU A 481 26.16 -2.22 -30.15
N ASP A 482 26.46 -2.09 -28.86
CA ASP A 482 25.46 -2.31 -27.81
C ASP A 482 24.67 -1.03 -27.62
N SER A 483 23.40 -1.04 -28.04
CA SER A 483 22.53 0.12 -27.94
C SER A 483 21.35 -0.20 -27.04
N ASP A 484 20.76 0.86 -26.46
CA ASP A 484 19.55 0.75 -25.67
C ASP A 484 18.32 0.89 -26.57
N TYR A 485 17.22 0.30 -26.11
CA TYR A 485 15.97 0.31 -26.88
C TYR A 485 14.81 0.58 -25.94
N THR A 486 13.72 1.05 -26.53
CA THR A 486 12.47 1.26 -25.79
C THR A 486 11.36 0.50 -26.52
N LEU A 487 10.59 -0.27 -25.76
CA LEU A 487 9.53 -1.11 -26.30
C LEU A 487 8.20 -0.58 -25.80
N THR A 488 7.32 -0.21 -26.73
CA THR A 488 6.05 0.41 -26.39
C THR A 488 4.90 -0.34 -27.04
N VAL A 489 3.77 -0.35 -26.35
CA VAL A 489 2.50 -0.86 -26.88
C VAL A 489 1.51 0.29 -26.86
N SER A 490 1.03 0.70 -28.03
CA SER A 490 0.20 1.88 -28.14
C SER A 490 -0.79 1.70 -29.28
N ASN A 491 -1.69 2.68 -29.41
CA ASN A 491 -2.76 2.68 -30.39
C ASN A 491 -3.50 1.34 -30.42
N CYS A 492 -3.97 0.94 -29.24
CA CYS A 492 -4.70 -0.30 -29.11
C CYS A 492 -6.16 -0.10 -29.56
N SER A 493 -6.87 -1.21 -29.67
CA SER A 493 -8.30 -1.15 -29.94
C SER A 493 -9.04 -0.66 -28.70
N SER A 494 -10.37 -0.60 -28.81
CA SER A 494 -11.18 -0.05 -27.74
C SER A 494 -11.18 -0.97 -26.52
N ASN A 495 -11.30 -0.35 -25.35
CA ASN A 495 -11.45 -1.05 -24.06
C ASN A 495 -10.24 -1.92 -23.74
N VAL A 496 -9.06 -1.51 -24.18
CA VAL A 496 -7.80 -2.19 -23.86
C VAL A 496 -7.02 -1.34 -22.88
N ARG A 497 -6.51 -1.96 -21.82
CA ARG A 497 -5.82 -1.22 -20.79
C ARG A 497 -4.45 -0.78 -21.28
N PRO A 498 -4.04 0.45 -20.99
CA PRO A 498 -2.71 0.91 -21.44
C PRO A 498 -1.59 0.20 -20.69
N ILE A 499 -0.48 0.00 -21.39
CA ILE A 499 0.68 -0.71 -20.86
C ILE A 499 1.87 0.25 -20.85
N GLU A 500 2.60 0.28 -19.73
CA GLU A 500 3.79 1.11 -19.63
C GLU A 500 4.91 0.51 -20.47
N ALA A 501 5.73 1.38 -21.05
CA ALA A 501 6.81 0.94 -21.91
C ALA A 501 7.92 0.29 -21.10
N ARG A 502 8.71 -0.54 -21.77
CA ARG A 502 9.85 -1.21 -21.18
C ARG A 502 11.10 -0.93 -22.02
N THR A 503 12.25 -0.96 -21.36
CA THR A 503 13.52 -0.68 -22.01
C THR A 503 14.41 -1.92 -21.96
N LEU A 504 15.10 -2.19 -23.07
CA LEU A 504 15.98 -3.34 -23.19
C LEU A 504 17.36 -2.90 -23.67
N ALA A 505 18.39 -3.30 -22.93
CA ALA A 505 19.78 -3.10 -23.33
C ALA A 505 20.25 -4.40 -23.99
N VAL A 506 20.50 -4.35 -25.29
CA VAL A 506 20.82 -5.52 -26.08
C VAL A 506 22.26 -5.43 -26.56
N ARG A 507 23.02 -6.51 -26.34
CA ARG A 507 24.37 -6.59 -26.89
C ARG A 507 24.31 -6.65 -28.41
N ALA A 508 25.43 -6.29 -29.04
CA ALA A 508 25.48 -6.24 -30.49
C ALA A 508 25.28 -7.63 -31.08
N GLY A 509 24.46 -7.70 -32.12
CA GLY A 509 24.17 -8.95 -32.78
C GLY A 509 23.44 -9.97 -31.95
N SER A 510 23.00 -9.60 -30.75
CA SER A 510 22.32 -10.50 -29.84
C SER A 510 20.81 -10.27 -29.89
N ALA A 511 20.08 -11.30 -29.49
CA ALA A 511 18.63 -11.23 -29.37
C ALA A 511 18.26 -11.11 -27.89
N ALA A 512 17.20 -10.36 -27.62
CA ALA A 512 16.70 -10.17 -26.28
C ALA A 512 15.20 -10.44 -26.26
N SER A 513 14.66 -10.58 -25.05
CA SER A 513 13.24 -10.86 -24.89
C SER A 513 12.77 -10.22 -23.59
N LEU A 514 11.50 -9.83 -23.57
CA LEU A 514 10.90 -9.25 -22.36
C LEU A 514 10.74 -10.33 -21.31
N ASP A 515 11.31 -10.09 -20.14
CA ASP A 515 11.20 -11.03 -19.03
C ASP A 515 11.25 -10.27 -17.71
N PRO A 516 10.16 -10.27 -16.92
CA PRO A 516 8.89 -10.93 -17.24
C PRO A 516 8.07 -10.18 -18.28
N PRO A 517 7.22 -10.90 -19.02
CA PRO A 517 6.46 -10.27 -20.10
C PRO A 517 5.47 -9.24 -19.57
N MET A 518 4.93 -8.45 -20.49
CA MET A 518 3.96 -7.42 -20.14
C MET A 518 2.59 -8.05 -19.88
N GLU A 519 1.94 -7.58 -18.83
CA GLU A 519 0.59 -8.04 -18.50
C GLU A 519 -0.43 -7.23 -19.27
N LEU A 520 -1.38 -7.93 -19.89
CA LEU A 520 -2.37 -7.32 -20.77
C LEU A 520 -3.78 -7.61 -20.25
N TYR A 521 -4.56 -6.55 -20.07
CA TYR A 521 -5.95 -6.66 -19.62
C TYR A 521 -6.87 -6.06 -20.67
N VAL A 522 -8.16 -6.35 -20.52
CA VAL A 522 -9.22 -5.73 -21.32
C VAL A 522 -10.32 -5.28 -20.38
N GLU A 523 -10.91 -4.11 -20.66
CA GLU A 523 -11.83 -3.46 -19.75
C GLU A 523 -13.29 -3.68 -20.12
N ASP A 524 -13.60 -4.77 -20.84
CA ASP A 524 -14.98 -5.17 -21.07
C ASP A 524 -15.05 -6.69 -21.03
N GLN A 525 -16.27 -7.22 -20.94
CA GLN A 525 -16.49 -8.64 -20.78
C GLN A 525 -16.92 -9.32 -22.07
N ALA A 526 -16.95 -8.61 -23.19
CA ALA A 526 -17.35 -9.21 -24.45
C ALA A 526 -16.24 -10.13 -24.96
N ALA A 527 -16.55 -10.83 -26.06
CA ALA A 527 -15.62 -11.78 -26.67
C ALA A 527 -15.33 -11.33 -28.10
N ALA A 528 -14.09 -10.92 -28.34
CA ALA A 528 -13.67 -10.42 -29.65
C ALA A 528 -12.66 -11.37 -30.28
N ALA A 529 -12.73 -11.48 -31.60
CA ALA A 529 -11.89 -12.43 -32.33
C ALA A 529 -10.51 -11.89 -32.65
N ALA A 530 -10.35 -10.56 -32.75
CA ALA A 530 -9.07 -9.98 -33.11
C ALA A 530 -8.93 -8.56 -32.60
N ARG A 531 -8.53 -8.41 -31.34
CA ARG A 531 -8.21 -7.10 -30.81
C ARG A 531 -6.77 -6.75 -31.16
N THR A 532 -6.55 -5.49 -31.53
CA THR A 532 -5.29 -5.07 -32.11
C THR A 532 -4.55 -4.08 -31.21
N CYS A 533 -3.23 -4.15 -31.25
CA CYS A 533 -2.35 -3.17 -30.61
C CYS A 533 -1.11 -3.03 -31.47
N THR A 534 -0.45 -1.88 -31.36
CA THR A 534 0.74 -1.58 -32.15
C THR A 534 1.96 -1.65 -31.24
N VAL A 535 2.88 -2.54 -31.57
CA VAL A 535 4.13 -2.71 -30.83
C VAL A 535 5.23 -1.99 -31.60
N SER A 536 5.87 -1.02 -30.95
CA SER A 536 6.89 -0.20 -31.59
C SER A 536 8.23 -0.39 -30.87
N LEU A 537 9.30 -0.44 -31.66
CA LEU A 537 10.66 -0.57 -31.14
C LEU A 537 11.42 0.71 -31.44
N TYR A 538 11.83 1.40 -30.38
CA TYR A 538 12.61 2.62 -30.49
C TYR A 538 14.07 2.32 -30.22
N ASP A 539 14.96 2.90 -31.04
CA ASP A 539 16.38 2.87 -30.76
C ASP A 539 16.71 4.00 -29.78
N SER A 540 17.98 4.24 -29.55
CA SER A 540 18.36 5.38 -28.73
C SER A 540 18.04 6.68 -29.46
N VAL A 541 17.81 7.73 -28.68
CA VAL A 541 17.43 9.06 -29.18
C VAL A 541 16.14 8.96 -29.98
N GLY A 542 15.26 8.04 -29.59
CA GLY A 542 13.87 8.06 -29.98
C GLY A 542 13.51 8.00 -31.45
N ALA A 543 14.02 7.00 -32.16
CA ALA A 543 13.62 6.75 -33.54
C ALA A 543 13.05 5.34 -33.66
N VAL A 544 12.02 5.20 -34.49
CA VAL A 544 11.34 3.91 -34.65
C VAL A 544 12.11 3.10 -35.68
N THR A 545 12.74 2.01 -35.23
CA THR A 545 13.43 1.10 -36.15
C THR A 545 12.51 0.02 -36.71
N ASP A 546 11.54 -0.43 -35.92
CA ASP A 546 10.62 -1.46 -36.38
C ASP A 546 9.32 -1.33 -35.60
N SER A 547 8.23 -1.80 -36.21
CA SER A 547 6.92 -1.80 -35.56
C SER A 547 6.01 -2.79 -36.28
N LEU A 548 5.27 -3.57 -35.50
CA LEU A 548 4.27 -4.47 -36.03
C LEU A 548 2.96 -4.29 -35.25
N THR A 549 1.90 -4.88 -35.79
CA THR A 549 0.59 -4.87 -35.15
C THR A 549 0.33 -6.23 -34.51
N LEU A 550 0.03 -6.23 -33.22
CA LEU A 550 -0.19 -7.46 -32.47
C LEU A 550 -1.70 -7.69 -32.31
N SER A 551 -2.18 -8.81 -32.84
CA SER A 551 -3.59 -9.16 -32.78
C SER A 551 -3.78 -10.34 -31.83
N PHE A 552 -4.90 -10.30 -31.10
CA PHE A 552 -5.22 -11.34 -30.14
C PHE A 552 -6.72 -11.40 -29.93
N TYR A 553 -7.20 -12.55 -29.47
CA TYR A 553 -8.60 -12.75 -29.15
C TYR A 553 -8.82 -12.71 -27.65
N THR A 554 -10.04 -12.37 -27.24
CA THR A 554 -10.47 -12.50 -25.86
C THR A 554 -11.76 -13.29 -25.82
N ASN A 555 -11.79 -14.32 -24.99
CA ASN A 555 -13.01 -15.09 -24.79
C ASN A 555 -13.88 -14.40 -23.73
N ALA A 556 -15.18 -14.66 -23.81
CA ALA A 556 -16.11 -14.03 -22.89
C ALA A 556 -15.95 -14.56 -21.47
N THR A 557 -16.31 -13.73 -20.51
CA THR A 557 -16.19 -14.09 -19.10
C THR A 557 -17.32 -15.05 -18.70
N GLN A 558 -17.06 -15.84 -17.66
CA GLN A 558 -18.01 -16.82 -17.15
C GLN A 558 -18.36 -16.51 -15.70
N LEU A 559 -19.61 -16.80 -15.33
CA LEU A 559 -20.15 -16.47 -14.01
C LEU A 559 -20.89 -17.67 -13.43
N HIS A 560 -21.09 -17.63 -12.10
CA HIS A 560 -21.78 -18.70 -11.38
C HIS A 560 -23.29 -18.57 -11.56
N HIS A 561 -23.99 -19.64 -11.21
CA HIS A 561 -25.44 -19.66 -11.36
C HIS A 561 -26.05 -20.73 -10.46
N HIS A 562 -27.15 -20.37 -9.81
CA HIS A 562 -27.93 -21.28 -8.98
C HIS A 562 -29.32 -21.41 -9.57
N HIS A 563 -29.79 -22.65 -9.72
CA HIS A 563 -31.11 -22.94 -10.27
C HIS A 563 -32.03 -23.36 -9.13
N HIS A 564 -33.04 -22.55 -8.86
CA HIS A 564 -33.88 -22.73 -7.68
C HIS A 564 -35.02 -23.71 -7.96
N HIS A 565 -35.55 -24.28 -6.87
CA HIS A 565 -36.68 -25.19 -6.94
C HIS A 565 -37.52 -25.07 -5.67
N GLU B 1 7.42 24.85 -14.74
CA GLU B 1 8.65 25.35 -14.14
C GLU B 1 9.87 24.79 -14.86
N VAL B 2 10.67 25.68 -15.44
CA VAL B 2 11.89 25.26 -16.13
C VAL B 2 12.95 24.97 -15.08
N ILE B 3 13.61 23.83 -15.21
CA ILE B 3 14.54 23.33 -14.20
C ILE B 3 15.99 23.49 -14.67
N ALA B 4 16.29 23.03 -15.88
CA ALA B 4 17.63 23.11 -16.43
C ALA B 4 17.55 23.49 -17.90
N SER B 5 18.55 24.26 -18.34
CA SER B 5 18.61 24.69 -19.73
C SER B 5 20.07 25.00 -20.05
N GLY B 6 20.49 24.60 -21.25
CA GLY B 6 21.86 24.85 -21.66
C GLY B 6 22.16 24.12 -22.95
N ARG B 7 23.43 24.18 -23.35
CA ARG B 7 23.90 23.56 -24.57
C ARG B 7 24.65 22.27 -24.25
N LEU B 8 24.51 21.29 -25.12
CA LEU B 8 25.17 20.00 -24.95
C LEU B 8 25.53 19.43 -26.31
N GLU B 9 26.71 18.85 -26.42
CA GLU B 9 27.16 18.22 -27.66
C GLU B 9 26.83 16.74 -27.58
N LYS B 10 25.75 16.34 -28.26
CA LYS B 10 25.29 14.95 -28.26
C LYS B 10 25.85 14.28 -29.51
N CYS B 11 26.88 13.45 -29.32
CA CYS B 11 27.45 12.67 -30.40
C CYS B 11 26.78 11.31 -30.48
N VAL B 12 26.47 10.89 -31.70
CA VAL B 12 25.75 9.64 -31.96
C VAL B 12 26.63 8.76 -32.85
N VAL B 13 26.93 7.56 -32.37
CA VAL B 13 27.71 6.58 -33.12
C VAL B 13 26.73 5.62 -33.80
N ASP B 14 26.64 5.72 -35.12
CA ASP B 14 25.74 4.85 -35.88
C ASP B 14 26.23 3.41 -35.79
N GLY B 15 25.39 2.52 -35.24
CA GLY B 15 25.81 1.16 -34.95
C GLY B 15 26.14 0.33 -36.17
N VAL B 16 25.65 0.71 -37.34
CA VAL B 16 25.93 -0.07 -38.55
C VAL B 16 27.30 0.30 -39.11
N THR B 17 27.58 1.59 -39.23
CA THR B 17 28.86 2.06 -39.76
C THR B 17 29.92 2.28 -38.68
N GLU B 18 29.53 2.27 -37.41
CA GLU B 18 30.43 2.62 -36.31
C GLU B 18 31.01 4.01 -36.53
N GLU B 19 30.15 4.94 -36.96
CA GLU B 19 30.56 6.26 -37.40
C GLU B 19 30.03 7.33 -36.44
N LEU B 20 30.88 8.32 -36.16
CA LEU B 20 30.57 9.37 -35.19
C LEU B 20 29.93 10.57 -35.87
N ASP B 21 28.98 11.18 -35.17
CA ASP B 21 28.30 12.37 -35.66
C ASP B 21 27.86 13.21 -34.47
N CYS B 22 28.30 14.47 -34.42
CA CYS B 22 28.11 15.34 -33.27
C CYS B 22 27.34 16.59 -33.65
N GLN B 23 26.46 17.03 -32.74
CA GLN B 23 25.71 18.28 -32.88
C GLN B 23 25.53 18.89 -31.50
N GLU B 24 25.46 20.23 -31.47
CA GLU B 24 25.28 20.96 -30.22
C GLU B 24 23.82 21.44 -30.15
N LYS B 25 23.06 20.85 -29.24
CA LYS B 25 21.65 21.13 -29.07
C LYS B 25 21.40 21.81 -27.72
N VAL B 26 20.24 22.43 -27.61
CA VAL B 26 19.80 23.04 -26.35
C VAL B 26 18.96 22.03 -25.60
N VAL B 27 19.38 21.68 -24.38
CA VAL B 27 18.71 20.67 -23.57
C VAL B 27 17.98 21.38 -22.45
N VAL B 28 16.65 21.44 -22.55
CA VAL B 28 15.81 22.05 -21.54
C VAL B 28 15.06 20.95 -20.81
N THR B 29 15.13 21.00 -19.48
CA THR B 29 14.38 20.08 -18.63
C THR B 29 13.38 20.89 -17.82
N LEU B 30 12.10 20.55 -17.95
CA LEU B 30 11.04 21.29 -17.29
C LEU B 30 9.95 20.32 -16.85
N THR B 31 9.22 20.72 -15.82
CA THR B 31 8.16 19.87 -15.26
C THR B 31 6.82 20.23 -15.87
N VAL B 32 5.89 19.28 -15.81
CA VAL B 32 4.51 19.48 -16.23
C VAL B 32 3.61 19.11 -15.06
N GLY B 33 2.77 20.04 -14.64
CA GLY B 33 1.95 19.83 -13.46
C GLY B 33 0.72 18.99 -13.73
N ASN B 34 0.12 18.53 -12.62
CA ASN B 34 -1.06 17.68 -12.72
C ASN B 34 -2.26 18.45 -13.26
N GLY B 35 -2.52 19.63 -12.71
CA GLY B 35 -3.66 20.42 -13.13
C GLY B 35 -3.39 21.38 -14.26
N GLN B 36 -2.30 21.14 -15.01
CA GLN B 36 -1.88 22.03 -16.09
C GLN B 36 -2.46 21.55 -17.42
N SER B 37 -3.68 22.01 -17.72
CA SER B 37 -4.38 21.58 -18.92
C SER B 37 -4.42 22.66 -20.01
N LEU B 38 -3.90 23.84 -19.75
CA LEU B 38 -3.90 24.93 -20.73
C LEU B 38 -2.47 25.32 -21.07
N GLN B 39 -2.33 25.99 -22.22
CA GLN B 39 -1.03 26.49 -22.69
C GLN B 39 -0.79 27.86 -22.06
N THR B 40 -0.23 27.86 -20.85
CA THR B 40 0.08 29.09 -20.14
C THR B 40 1.52 29.54 -20.38
N GLU B 41 2.45 28.59 -20.41
CA GLU B 41 3.85 28.86 -20.73
C GLU B 41 4.14 28.47 -22.16
N ALA B 42 5.29 28.92 -22.65
CA ALA B 42 5.74 28.59 -24.00
C ALA B 42 7.25 28.71 -24.04
N LEU B 43 7.90 27.74 -24.68
CA LEU B 43 9.34 27.78 -24.90
C LEU B 43 9.62 28.24 -26.32
N GLU B 44 10.43 29.28 -26.46
CA GLU B 44 10.76 29.86 -27.75
C GLU B 44 12.25 29.64 -28.01
N PHE B 45 12.56 28.90 -29.08
CA PHE B 45 13.92 28.58 -29.46
C PHE B 45 14.31 29.44 -30.66
N SER B 46 15.36 30.24 -30.49
CA SER B 46 15.85 31.05 -31.59
C SER B 46 16.36 30.17 -32.71
N LEU B 47 15.73 30.27 -33.88
CA LEU B 47 16.04 29.43 -35.03
C LEU B 47 16.78 30.28 -36.05
N SER B 48 18.06 30.01 -36.23
CA SER B 48 18.82 30.59 -37.34
C SER B 48 18.78 29.64 -38.52
N CYS B 49 18.87 30.21 -39.72
CA CYS B 49 18.74 29.47 -40.97
C CYS B 49 17.50 28.57 -40.93
N LEU B 50 16.35 29.14 -41.21
CA LEU B 50 15.08 28.43 -41.13
C LEU B 50 15.00 27.34 -42.19
N ASN B 51 13.82 26.70 -42.29
CA ASN B 51 13.53 25.67 -43.29
C ASN B 51 14.51 24.51 -43.07
N SER B 52 15.26 24.09 -44.08
CA SER B 52 16.12 22.93 -43.97
C SER B 52 17.32 23.18 -43.05
N ASP B 54 20.54 23.94 -40.17
CA ASP B 54 21.07 24.10 -38.82
C ASP B 54 22.34 24.96 -38.84
N CYS B 57 24.49 31.95 -43.42
CA CYS B 57 24.04 30.57 -43.23
C CYS B 57 23.22 29.99 -44.40
N PRO B 58 22.24 30.71 -44.93
CA PRO B 58 21.48 30.18 -46.08
C PRO B 58 22.19 30.46 -47.40
N CYS B 59 21.75 29.73 -48.43
CA CYS B 59 22.32 29.83 -49.76
C CYS B 59 21.62 30.88 -50.63
N SER B 60 21.01 31.88 -50.01
CA SER B 60 20.36 33.02 -50.68
C SER B 60 19.27 32.52 -51.62
N CYS B 61 19.08 33.21 -52.75
CA CYS B 61 17.92 33.03 -53.62
C CYS B 61 16.63 33.10 -52.82
N THR B 67 12.13 25.45 -56.95
CA THR B 67 13.23 25.78 -57.84
C THR B 67 14.55 25.88 -57.08
N CYS B 68 14.74 26.99 -56.36
CA CYS B 68 15.98 27.18 -55.63
C CYS B 68 16.12 26.20 -54.47
N ALA B 69 15.02 25.95 -53.76
CA ALA B 69 15.00 25.04 -52.61
C ALA B 69 16.07 25.40 -51.60
N CYS B 70 15.98 26.63 -51.09
CA CYS B 70 16.94 27.07 -50.07
C CYS B 70 16.24 27.37 -48.76
N ARG B 71 16.89 28.17 -47.91
CA ARG B 71 16.47 28.35 -46.53
C ARG B 71 16.38 29.85 -46.22
N ASP B 72 15.60 30.17 -45.19
CA ASP B 72 15.39 31.54 -44.76
C ASP B 72 16.31 31.84 -43.58
N LEU B 73 16.15 33.04 -43.01
CA LEU B 73 17.16 33.55 -42.07
C LEU B 73 16.79 33.28 -40.61
N ALA B 74 15.70 33.85 -40.11
CA ALA B 74 15.46 33.86 -38.67
C ALA B 74 13.97 33.88 -38.36
N ALA B 75 13.62 33.22 -37.24
CA ALA B 75 12.28 33.12 -36.67
C ALA B 75 12.35 32.34 -35.36
N PRO B 76 11.37 32.48 -34.45
CA PRO B 76 11.42 31.72 -33.20
C PRO B 76 10.54 30.47 -33.21
N LEU B 77 11.06 29.36 -32.68
CA LEU B 77 10.33 28.09 -32.62
C LEU B 77 9.57 28.00 -31.30
N ARG B 78 8.25 28.07 -31.37
CA ARG B 78 7.41 28.12 -30.18
C ARG B 78 6.97 26.71 -29.78
N VAL B 79 7.13 26.38 -28.50
CA VAL B 79 6.82 25.06 -27.97
C VAL B 79 6.07 25.21 -26.65
N SER B 80 4.95 24.51 -26.51
CA SER B 80 4.17 24.49 -25.28
C SER B 80 3.84 23.06 -24.90
N LEU B 81 3.48 22.87 -23.62
CA LEU B 81 3.20 21.54 -23.09
C LEU B 81 1.97 21.58 -22.19
N THR B 82 1.06 20.64 -22.40
CA THR B 82 -0.09 20.45 -21.52
C THR B 82 -0.13 19.00 -21.06
N LYS B 83 -0.93 18.75 -20.02
CA LYS B 83 -1.05 17.42 -19.44
C LYS B 83 -2.53 17.10 -19.25
N SER B 84 -2.94 15.93 -19.73
CA SER B 84 -4.31 15.47 -19.54
C SER B 84 -4.59 15.28 -18.06
N PRO B 85 -5.87 15.25 -17.67
CA PRO B 85 -6.20 14.96 -16.27
C PRO B 85 -5.66 13.61 -15.84
N LEU B 86 -5.17 13.56 -14.60
CA LEU B 86 -4.46 12.39 -14.09
C LEU B 86 -5.44 11.44 -13.39
N TRP B 87 -5.31 10.16 -13.69
CA TRP B 87 -6.16 9.13 -13.11
C TRP B 87 -5.30 7.98 -12.57
N ALA B 88 -5.84 7.29 -11.58
CA ALA B 88 -5.20 6.10 -11.01
C ALA B 88 -6.10 4.91 -11.32
N SER B 89 -5.79 4.18 -12.40
CA SER B 89 -6.60 3.07 -12.86
C SER B 89 -6.12 1.76 -12.25
N TYR B 90 -7.07 0.93 -11.85
CA TYR B 90 -6.79 -0.37 -11.25
C TYR B 90 -7.29 -1.48 -12.16
N PRO B 91 -6.50 -2.51 -12.42
CA PRO B 91 -6.98 -3.62 -13.24
C PRO B 91 -7.87 -4.57 -12.44
N LEU B 92 -8.93 -5.01 -13.09
CA LEU B 92 -9.93 -5.87 -12.46
C LEU B 92 -9.64 -7.34 -12.75
N GLN B 93 -9.94 -8.18 -11.76
CA GLN B 93 -9.85 -9.63 -11.92
C GLN B 93 -11.10 -10.24 -11.29
N TYR B 94 -11.95 -10.84 -12.11
CA TYR B 94 -13.19 -11.40 -11.61
C TYR B 94 -12.90 -12.54 -10.64
N LEU B 95 -13.76 -12.66 -9.62
CA LEU B 95 -13.64 -13.72 -8.61
C LEU B 95 -14.91 -14.56 -8.57
N SER B 96 -16.01 -14.03 -8.05
CA SER B 96 -17.27 -14.76 -7.95
C SER B 96 -18.41 -13.77 -7.89
N SER B 97 -19.63 -14.29 -8.00
CA SER B 97 -20.83 -13.47 -7.93
C SER B 97 -21.38 -13.45 -6.50
N PHE B 98 -22.17 -12.43 -6.21
CA PHE B 98 -22.75 -12.24 -4.90
C PHE B 98 -24.16 -11.69 -5.04
N ASN B 99 -25.04 -12.07 -4.11
CA ASN B 99 -26.43 -11.70 -4.17
C ASN B 99 -26.67 -10.40 -3.41
N TRP B 100 -27.59 -9.58 -3.94
CA TRP B 100 -27.88 -8.29 -3.33
C TRP B 100 -28.37 -8.45 -1.89
N LYS B 101 -29.27 -9.40 -1.66
CA LYS B 101 -29.80 -9.65 -0.34
C LYS B 101 -30.41 -11.05 -0.27
N PRO B 102 -29.68 -12.04 0.24
CA PRO B 102 -30.30 -13.35 0.47
C PRO B 102 -31.39 -13.26 1.51
N LEU B 103 -32.53 -13.86 1.20
CA LEU B 103 -33.72 -13.78 2.05
C LEU B 103 -34.11 -15.17 2.53
N GLU B 104 -34.47 -15.26 3.81
CA GLU B 104 -34.97 -16.51 4.39
C GLU B 104 -36.49 -16.54 4.32
N VAL B 105 -37.02 -17.62 3.78
CA VAL B 105 -38.46 -17.83 3.67
C VAL B 105 -38.87 -18.86 4.71
N ILE B 106 -39.82 -18.49 5.57
CA ILE B 106 -40.29 -19.35 6.65
C ILE B 106 -41.59 -19.98 6.22
N LEU B 107 -41.63 -21.31 6.21
CA LEU B 107 -42.82 -22.07 5.83
C LEU B 107 -43.38 -22.80 7.04
N ARG B 108 -44.71 -22.76 7.19
CA ARG B 108 -45.44 -23.51 8.21
C ARG B 108 -46.37 -24.47 7.49
N PRO B 109 -45.93 -25.70 7.25
CA PRO B 109 -46.72 -26.63 6.43
C PRO B 109 -48.08 -26.92 7.04
N SER B 110 -49.06 -27.14 6.17
CA SER B 110 -50.43 -27.38 6.62
C SER B 110 -50.56 -28.74 7.32
N ASN B 111 -49.82 -29.75 6.87
CA ASN B 111 -49.90 -31.09 7.43
C ASN B 111 -48.90 -31.32 8.57
N LYS B 112 -48.21 -30.27 9.02
CA LYS B 112 -47.31 -30.33 10.16
C LYS B 112 -46.19 -31.35 9.97
N VAL B 113 -45.72 -31.50 8.74
CA VAL B 113 -44.57 -32.34 8.44
C VAL B 113 -43.45 -31.44 7.93
N CYS B 114 -42.22 -31.84 8.19
CA CYS B 114 -41.06 -31.07 7.78
C CYS B 114 -39.87 -32.00 7.62
N LYS B 115 -39.21 -31.93 6.46
CA LYS B 115 -38.11 -32.82 6.13
C LYS B 115 -36.95 -31.99 5.61
N ASP B 116 -35.80 -32.06 6.31
CA ASP B 116 -34.56 -31.44 5.86
C ASP B 116 -33.46 -32.48 5.70
N GLY B 117 -33.83 -33.71 5.35
CA GLY B 117 -32.86 -34.78 5.29
C GLY B 117 -31.79 -34.52 4.24
N ASP B 118 -30.61 -35.10 4.50
CA ASP B 118 -29.50 -34.94 3.57
C ASP B 118 -29.72 -35.75 2.30
N TRP B 119 -30.25 -36.98 2.44
CA TRP B 119 -30.65 -37.78 1.30
C TRP B 119 -32.15 -37.76 1.06
N GLU B 120 -32.84 -36.74 1.59
CA GLU B 120 -34.28 -36.63 1.42
C GLU B 120 -34.63 -36.42 -0.05
N ASP B 121 -35.49 -37.31 -0.58
CA ASP B 121 -35.82 -37.27 -2.00
C ASP B 121 -36.51 -35.95 -2.37
N SER B 122 -37.37 -35.45 -1.49
CA SER B 122 -38.11 -34.21 -1.75
C SER B 122 -38.34 -33.51 -0.42
N PRO B 123 -37.48 -32.57 -0.04
CA PRO B 123 -37.65 -31.84 1.21
C PRO B 123 -38.69 -30.74 1.07
N THR B 124 -39.13 -30.24 2.23
CA THR B 124 -40.13 -29.18 2.25
C THR B 124 -39.57 -27.83 1.80
N CYS B 125 -38.26 -27.72 1.58
CA CYS B 125 -37.67 -26.52 1.03
C CYS B 125 -37.29 -26.66 -0.44
N GLY B 126 -36.89 -27.85 -0.87
CA GLY B 126 -36.46 -28.04 -2.24
C GLY B 126 -34.97 -27.84 -2.40
N TRP B 127 -34.39 -28.57 -3.34
CA TRP B 127 -32.97 -28.51 -3.61
C TRP B 127 -32.67 -27.50 -4.71
N PHE B 128 -31.62 -26.70 -4.50
CA PHE B 128 -31.02 -25.94 -5.57
C PHE B 128 -30.17 -26.86 -6.44
N SER B 129 -29.68 -26.34 -7.56
CA SER B 129 -28.85 -27.14 -8.45
C SER B 129 -27.96 -26.23 -9.28
N GLN B 130 -26.65 -26.51 -9.26
CA GLN B 130 -25.71 -25.85 -10.15
C GLN B 130 -25.46 -26.75 -11.36
N GLY B 131 -26.51 -26.87 -12.17
CA GLY B 131 -26.50 -27.77 -13.31
C GLY B 131 -27.44 -28.94 -13.15
N GLY B 132 -26.91 -30.15 -13.18
CA GLY B 132 -27.72 -31.34 -13.00
C GLY B 132 -27.59 -31.93 -11.61
N VAL B 133 -26.57 -31.51 -10.87
CA VAL B 133 -26.34 -31.97 -9.51
C VAL B 133 -26.92 -30.94 -8.55
N ARG B 134 -27.52 -31.41 -7.46
CA ARG B 134 -28.17 -30.52 -6.51
C ARG B 134 -27.16 -30.04 -5.47
N VAL B 135 -27.31 -28.78 -5.06
CA VAL B 135 -26.35 -28.13 -4.18
C VAL B 135 -26.58 -28.58 -2.74
N ALA B 136 -25.49 -28.90 -2.05
CA ALA B 136 -25.56 -29.37 -0.68
C ALA B 136 -26.09 -28.28 0.24
N ASP B 137 -26.87 -28.70 1.25
CA ASP B 137 -27.42 -27.85 2.29
C ASP B 137 -28.39 -26.80 1.76
N SER B 138 -28.81 -26.92 0.50
CA SER B 138 -29.77 -25.99 -0.07
C SER B 138 -31.19 -26.19 0.42
N GLN B 139 -31.45 -27.28 1.15
CA GLN B 139 -32.80 -27.62 1.62
C GLN B 139 -33.12 -27.00 2.98
N GLY B 140 -32.30 -26.08 3.46
CA GLY B 140 -32.61 -25.38 4.69
C GLY B 140 -32.58 -26.30 5.91
N PHE B 141 -33.36 -25.91 6.92
CA PHE B 141 -33.46 -26.68 8.14
C PHE B 141 -34.87 -26.53 8.70
N CYS B 142 -35.30 -27.53 9.47
CA CYS B 142 -36.61 -27.54 10.10
C CYS B 142 -36.49 -27.20 11.58
N CYS B 143 -37.61 -26.75 12.15
CA CYS B 143 -37.69 -26.42 13.57
C CYS B 143 -38.95 -27.03 14.15
N GLU B 144 -38.81 -27.65 15.31
CA GLU B 144 -39.94 -28.22 16.04
C GLU B 144 -39.97 -27.60 17.44
N CYS B 145 -41.19 -27.43 17.97
CA CYS B 145 -41.35 -26.85 19.29
C CYS B 145 -40.99 -27.89 20.34
N SER B 146 -40.03 -27.56 21.20
CA SER B 146 -39.56 -28.50 22.21
C SER B 146 -40.66 -28.79 23.23
N SER B 147 -40.51 -29.92 23.92
CA SER B 147 -41.42 -30.27 24.99
C SER B 147 -41.45 -29.20 26.07
N SER B 148 -40.31 -28.55 26.33
CA SER B 148 -40.26 -27.50 27.35
C SER B 148 -41.11 -26.31 26.94
N GLN B 149 -41.13 -25.97 25.66
CA GLN B 149 -41.91 -24.81 25.21
C GLN B 149 -43.39 -25.12 25.10
N VAL B 150 -43.75 -26.35 24.75
CA VAL B 150 -45.16 -26.74 24.77
C VAL B 150 -45.69 -26.72 26.20
N TRP B 151 -44.83 -27.04 27.17
CA TRP B 151 -45.24 -27.02 28.57
C TRP B 151 -45.45 -25.60 29.06
N ASP B 152 -44.59 -24.66 28.63
CA ASP B 152 -44.69 -23.28 29.08
C ASP B 152 -45.84 -22.55 28.39
N ASP B 153 -45.94 -22.69 27.07
CA ASP B 153 -46.98 -21.98 26.32
C ASP B 153 -48.38 -22.46 26.67
N THR B 154 -48.52 -23.68 27.19
CA THR B 154 -49.85 -24.19 27.52
C THR B 154 -50.39 -23.58 28.81
N PHE B 155 -49.58 -23.57 29.86
CA PHE B 155 -50.02 -23.04 31.16
C PHE B 155 -49.78 -21.54 31.25
N GLY B 156 -48.52 -21.11 31.12
CA GLY B 156 -48.21 -19.70 31.18
C GLY B 156 -47.89 -19.09 29.83
N SER B 157 -46.70 -18.50 29.71
CA SER B 157 -46.24 -17.93 28.45
C SER B 157 -44.76 -18.24 28.32
N SER B 158 -44.40 -18.97 27.27
CA SER B 158 -43.02 -19.38 27.07
C SER B 158 -42.14 -18.16 26.80
N LYS B 159 -41.03 -18.07 27.53
CA LYS B 159 -40.07 -16.98 27.38
C LYS B 159 -38.95 -17.31 26.40
N GLU B 160 -38.97 -18.49 25.80
CA GLU B 160 -37.97 -18.88 24.82
C GLU B 160 -38.45 -18.52 23.42
N ARG B 161 -37.58 -17.86 22.65
CA ARG B 161 -37.92 -17.43 21.31
C ARG B 161 -37.93 -18.61 20.36
N THR B 162 -38.88 -18.60 19.43
CA THR B 162 -38.87 -19.49 18.27
C THR B 162 -38.66 -18.65 17.02
N ARG B 163 -37.93 -19.20 16.05
CA ARG B 163 -37.61 -18.45 14.85
C ARG B 163 -38.86 -18.14 14.03
N ALA B 164 -39.92 -18.92 14.18
CA ALA B 164 -41.16 -18.70 13.44
C ALA B 164 -42.26 -18.12 14.31
N ASN B 165 -41.93 -17.64 15.51
CA ASN B 165 -42.91 -17.14 16.47
C ASN B 165 -44.02 -18.18 16.68
N LEU B 166 -43.59 -19.43 16.91
CA LEU B 166 -44.53 -20.53 17.01
C LEU B 166 -45.44 -20.39 18.23
N ASP B 167 -46.69 -20.79 18.06
CA ASP B 167 -47.65 -20.89 19.16
C ASP B 167 -47.76 -22.36 19.55
N CYS B 168 -47.19 -22.72 20.69
CA CYS B 168 -47.18 -24.10 21.16
C CYS B 168 -48.15 -24.31 22.32
N ASP B 169 -49.11 -23.41 22.50
CA ASP B 169 -50.19 -23.64 23.45
C ASP B 169 -51.00 -24.85 23.00
N PHE B 170 -51.20 -25.79 23.92
CA PHE B 170 -51.99 -26.98 23.60
C PHE B 170 -53.38 -26.61 23.12
N TRP B 171 -53.97 -25.57 23.72
CA TRP B 171 -55.33 -25.18 23.36
C TRP B 171 -55.39 -24.53 21.98
N SER B 172 -54.28 -24.03 21.46
CA SER B 172 -54.26 -23.42 20.13
C SER B 172 -54.49 -24.46 19.04
N ASP B 173 -54.15 -25.72 19.30
CA ASP B 173 -54.38 -26.81 18.36
C ASP B 173 -54.36 -28.13 19.11
N PRO B 174 -55.43 -28.46 19.85
CA PRO B 174 -55.40 -29.66 20.69
C PRO B 174 -55.56 -30.95 19.90
N LEU B 175 -56.31 -30.90 18.81
CA LEU B 175 -56.63 -32.12 18.06
C LEU B 175 -55.41 -32.74 17.39
N ASP B 176 -54.32 -31.99 17.23
CA ASP B 176 -53.11 -32.51 16.61
C ASP B 176 -51.94 -32.67 17.56
N ILE B 177 -51.82 -31.80 18.57
CA ILE B 177 -50.76 -31.99 19.56
C ILE B 177 -51.00 -33.26 20.36
N LEU B 178 -52.28 -33.64 20.54
CA LEU B 178 -52.59 -34.85 21.29
C LEU B 178 -52.05 -36.09 20.58
N ILE B 179 -52.07 -36.10 19.24
CA ILE B 179 -51.58 -37.24 18.48
C ILE B 179 -50.11 -37.04 18.14
N GLY B 180 -49.40 -36.26 18.94
CA GLY B 180 -47.97 -36.08 18.79
C GLY B 180 -47.53 -35.04 17.78
N ARG B 181 -48.40 -34.68 16.84
CA ARG B 181 -48.04 -33.72 15.79
C ARG B 181 -47.90 -32.33 16.41
N LYS B 182 -46.67 -31.92 16.66
CA LYS B 182 -46.36 -30.59 17.17
C LYS B 182 -46.22 -29.60 16.02
N PRO B 183 -46.35 -28.30 16.30
CA PRO B 183 -46.11 -27.30 15.25
C PRO B 183 -44.65 -27.32 14.80
N VAL B 184 -44.46 -27.22 13.49
CA VAL B 184 -43.14 -27.27 12.87
C VAL B 184 -42.94 -26.03 12.01
N SER B 185 -41.68 -25.80 11.62
CA SER B 185 -41.30 -24.65 10.80
C SER B 185 -40.25 -25.08 9.79
N ALA B 186 -40.36 -24.52 8.58
CA ALA B 186 -39.37 -24.73 7.54
C ALA B 186 -38.69 -23.40 7.24
N HIS B 187 -37.36 -23.42 7.14
CA HIS B 187 -36.57 -22.21 6.93
C HIS B 187 -35.68 -22.42 5.72
N CYS B 188 -36.10 -21.86 4.58
CA CYS B 188 -35.38 -22.00 3.33
C CYS B 188 -34.70 -20.68 2.96
N LEU B 189 -33.56 -20.79 2.29
CA LEU B 189 -32.80 -19.63 1.86
C LEU B 189 -33.11 -19.32 0.40
N THR B 190 -33.45 -18.06 0.13
CA THR B 190 -33.73 -17.60 -1.23
C THR B 190 -32.82 -16.44 -1.58
N PHE B 191 -32.69 -16.18 -2.87
CA PHE B 191 -31.79 -15.17 -3.40
C PHE B 191 -32.57 -14.04 -4.05
N ASP B 192 -32.13 -12.81 -3.81
CA ASP B 192 -32.71 -11.68 -4.50
C ASP B 192 -32.42 -11.79 -5.99
N PRO B 193 -33.35 -11.39 -6.87
CA PRO B 193 -33.07 -11.44 -8.31
C PRO B 193 -31.93 -10.54 -8.76
N GLN B 194 -31.47 -9.62 -7.91
CA GLN B 194 -30.38 -8.72 -8.26
C GLN B 194 -29.06 -9.33 -7.81
N TRP B 195 -28.19 -9.65 -8.78
CA TRP B 195 -26.88 -10.20 -8.49
C TRP B 195 -25.80 -9.14 -8.74
N TYR B 196 -24.63 -9.39 -8.17
CA TYR B 196 -23.48 -8.50 -8.29
C TYR B 196 -22.24 -9.31 -8.65
N SER B 197 -21.40 -8.73 -9.51
CA SER B 197 -20.15 -9.35 -9.91
C SER B 197 -19.01 -8.71 -9.11
N GLY B 198 -18.16 -9.55 -8.52
CA GLY B 198 -17.09 -9.07 -7.68
C GLY B 198 -15.71 -9.21 -8.31
N TYR B 199 -15.07 -8.08 -8.57
CA TYR B 199 -13.77 -8.05 -9.24
C TYR B 199 -12.71 -7.59 -8.25
N GLU B 200 -11.65 -8.38 -8.12
CA GLU B 200 -10.53 -8.02 -7.27
C GLU B 200 -9.66 -6.99 -7.97
N LEU B 201 -9.43 -5.86 -7.32
CA LEU B 201 -8.62 -4.80 -7.90
C LEU B 201 -7.15 -5.19 -7.92
N GLY B 202 -6.38 -4.47 -8.73
CA GLY B 202 -4.96 -4.72 -8.85
C GLY B 202 -4.10 -3.57 -8.36
N ALA B 203 -2.93 -3.39 -8.98
CA ALA B 203 -2.02 -2.31 -8.60
C ALA B 203 -2.36 -1.04 -9.35
N ALA B 204 -2.25 0.09 -8.65
CA ALA B 204 -2.56 1.38 -9.27
C ALA B 204 -1.53 1.72 -10.34
N SER B 205 -2.03 2.26 -11.46
CA SER B 205 -1.19 2.66 -12.58
C SER B 205 -1.56 4.08 -12.98
N LEU B 206 -0.62 5.01 -12.84
CA LEU B 206 -0.86 6.38 -13.27
C LEU B 206 -1.01 6.43 -14.78
N GLN B 207 -2.08 7.09 -15.25
CA GLN B 207 -2.38 7.16 -16.67
C GLN B 207 -2.66 8.60 -17.06
N PHE B 208 -1.96 9.08 -18.07
CA PHE B 208 -2.11 10.45 -18.56
C PHE B 208 -1.45 10.53 -19.93
N GLU B 209 -1.51 11.72 -20.53
CA GLU B 209 -0.87 11.96 -21.82
C GLU B 209 -0.47 13.42 -21.89
N ILE B 210 0.82 13.68 -22.04
CA ILE B 210 1.35 15.03 -22.18
C ILE B 210 1.33 15.41 -23.65
N ALA B 211 0.77 16.58 -23.95
CA ALA B 211 0.64 17.07 -25.32
C ALA B 211 1.67 18.18 -25.55
N ILE B 212 2.63 17.91 -26.42
CA ILE B 212 3.70 18.87 -26.73
C ILE B 212 3.37 19.51 -28.07
N THR B 213 2.95 20.77 -28.02
CA THR B 213 2.58 21.51 -29.22
C THR B 213 3.80 22.30 -29.71
N VAL B 214 4.23 22.02 -30.93
CA VAL B 214 5.40 22.65 -31.53
C VAL B 214 4.96 23.28 -32.85
N GLU B 215 5.27 24.57 -33.01
CA GLU B 215 4.94 25.31 -34.21
C GLU B 215 6.19 25.98 -34.75
N VAL B 216 6.58 25.63 -35.96
CA VAL B 216 7.75 26.21 -36.62
C VAL B 216 7.26 27.23 -37.63
N PRO B 217 7.83 28.43 -37.66
CA PRO B 217 7.38 29.43 -38.63
C PRO B 217 8.06 29.29 -39.98
N THR B 218 7.81 30.24 -40.87
CA THR B 218 8.49 30.29 -42.16
C THR B 218 8.28 31.65 -42.82
N GLN B 251 8.55 46.71 -26.88
CA GLN B 251 7.55 46.97 -25.83
C GLN B 251 6.80 45.69 -25.48
N PHE B 252 5.85 45.29 -26.33
CA PHE B 252 5.04 44.12 -26.02
C PHE B 252 4.58 43.33 -27.24
N LEU B 253 4.85 43.81 -28.45
CA LEU B 253 4.31 43.17 -29.64
C LEU B 253 5.20 42.00 -30.07
N SER B 254 4.58 40.86 -30.34
CA SER B 254 5.26 39.66 -30.80
C SER B 254 4.36 38.93 -31.78
N PRO B 255 4.18 39.48 -32.97
CA PRO B 255 3.15 38.97 -33.89
C PRO B 255 3.57 37.64 -34.50
N PRO B 256 2.64 36.70 -34.65
CA PRO B 256 2.96 35.43 -35.29
C PRO B 256 2.63 35.39 -36.78
N ALA B 257 3.66 35.20 -37.60
CA ALA B 257 3.59 35.00 -39.04
C ALA B 257 3.65 33.52 -39.33
N PRO B 258 3.23 33.06 -40.52
CA PRO B 258 2.58 31.73 -40.59
C PRO B 258 3.41 30.61 -40.00
N SER B 259 2.81 29.91 -39.03
CA SER B 259 3.40 28.76 -38.37
C SER B 259 2.58 27.53 -38.70
N THR B 260 3.19 26.35 -38.53
CA THR B 260 2.54 25.08 -38.75
C THR B 260 2.60 24.29 -37.44
N ARG B 261 1.44 24.09 -36.82
CA ARG B 261 1.37 23.49 -35.50
C ARG B 261 1.47 21.97 -35.60
N GLU B 262 2.35 21.40 -34.79
CA GLU B 262 2.53 19.96 -34.69
C GLU B 262 2.45 19.55 -33.23
N VAL B 263 1.73 18.47 -32.96
CA VAL B 263 1.45 18.02 -31.60
C VAL B 263 2.13 16.67 -31.38
N LEU B 264 2.97 16.60 -30.34
CA LEU B 264 3.55 15.35 -29.89
C LEU B 264 2.78 14.83 -28.69
N HIS B 265 2.91 13.53 -28.44
CA HIS B 265 2.17 12.87 -27.37
C HIS B 265 3.13 12.00 -26.57
N LEU B 266 3.28 12.33 -25.28
CA LEU B 266 4.11 11.56 -24.37
C LEU B 266 3.27 11.04 -23.22
N GLY B 267 3.68 9.90 -22.66
CA GLY B 267 2.99 9.30 -21.55
C GLY B 267 3.72 8.08 -21.04
N PRO B 268 3.18 7.42 -20.02
CA PRO B 268 3.82 6.20 -19.52
C PRO B 268 3.94 5.11 -20.57
N SER B 269 2.94 4.99 -21.45
CA SER B 269 2.99 3.97 -22.50
C SER B 269 4.00 4.35 -23.58
N VAL B 270 4.03 5.62 -23.99
CA VAL B 270 4.99 6.10 -24.97
C VAL B 270 5.77 7.24 -24.35
N PRO B 271 6.89 6.96 -23.70
CA PRO B 271 7.60 8.00 -22.94
C PRO B 271 8.59 8.81 -23.76
N LEU B 272 8.38 8.90 -25.07
CA LEU B 272 9.31 9.65 -25.92
C LEU B 272 8.67 9.85 -27.29
N ALA B 273 9.10 10.92 -27.98
CA ALA B 273 8.64 11.21 -29.33
C ALA B 273 9.55 12.27 -29.93
N SER B 274 9.51 12.37 -31.26
CA SER B 274 10.28 13.35 -32.00
C SER B 274 9.37 14.08 -32.98
N SER B 275 9.71 15.33 -33.27
CA SER B 275 8.89 16.18 -34.13
C SER B 275 9.07 15.78 -35.60
N ALA B 276 8.31 16.44 -36.47
CA ALA B 276 8.50 16.27 -37.90
C ALA B 276 9.90 16.71 -38.30
N SER B 277 10.45 16.06 -39.32
CA SER B 277 11.86 16.16 -39.67
C SER B 277 12.62 15.67 -38.43
N ARG B 278 13.59 16.44 -37.91
CA ARG B 278 14.39 15.96 -36.79
C ARG B 278 14.78 17.09 -35.84
N LEU B 279 13.91 18.10 -35.68
CA LEU B 279 14.26 19.26 -34.87
C LEU B 279 14.20 18.94 -33.38
N LEU B 280 13.02 18.62 -32.87
CA LEU B 280 12.81 18.40 -31.45
C LEU B 280 12.69 16.92 -31.14
N SER B 281 13.42 16.47 -30.11
CA SER B 281 13.35 15.10 -29.61
C SER B 281 13.05 15.17 -28.12
N ALA B 282 11.91 14.63 -27.73
CA ALA B 282 11.45 14.68 -26.34
C ALA B 282 11.57 13.30 -25.69
N LYS B 283 11.52 13.31 -24.35
CA LYS B 283 11.59 12.07 -23.58
C LYS B 283 10.98 12.31 -22.21
N LEU B 284 9.97 11.52 -21.87
CA LEU B 284 9.36 11.58 -20.54
C LEU B 284 10.19 10.74 -19.58
N LEU B 285 10.71 11.36 -18.53
CA LEU B 285 11.55 10.68 -17.57
C LEU B 285 10.77 10.03 -16.45
N GLY B 286 9.66 10.63 -16.03
CA GLY B 286 8.88 10.13 -14.92
C GLY B 286 8.36 11.26 -14.06
N ASP B 287 7.51 10.94 -13.09
CA ASP B 287 6.97 11.93 -12.17
C ASP B 287 7.76 11.95 -10.88
N LEU B 288 7.54 12.99 -10.09
CA LEU B 288 8.06 13.05 -8.74
C LEU B 288 7.12 12.34 -7.78
N ALA B 289 7.60 12.10 -6.57
CA ALA B 289 6.79 11.42 -5.55
C ALA B 289 5.60 12.29 -5.16
N MET B 290 4.47 11.63 -4.93
CA MET B 290 3.28 12.32 -4.46
C MET B 290 3.34 12.53 -2.96
N TYR B 291 2.90 13.72 -2.52
CA TYR B 291 2.99 14.04 -1.10
C TYR B 291 1.95 13.28 -0.28
N THR B 292 0.73 13.16 -0.82
CA THR B 292 -0.33 12.37 -0.20
C THR B 292 -0.52 11.12 -1.06
N GLN B 293 -0.22 9.95 -0.49
CA GLN B 293 -0.26 8.72 -1.25
C GLN B 293 -1.70 8.36 -1.63
N LEU B 294 -1.82 7.43 -2.58
CA LEU B 294 -3.11 6.98 -3.04
C LEU B 294 -3.79 6.12 -1.99
N PRO B 295 -5.12 6.04 -2.01
CA PRO B 295 -5.82 5.16 -1.06
C PRO B 295 -5.51 3.69 -1.33
N ALA B 296 -5.27 2.95 -0.26
CA ALA B 296 -4.88 1.55 -0.35
C ALA B 296 -6.12 0.69 -0.57
N ILE B 297 -6.51 0.55 -1.84
CA ILE B 297 -7.65 -0.26 -2.23
C ILE B 297 -7.23 -1.41 -3.13
N SER B 298 -5.95 -1.76 -3.11
CA SER B 298 -5.42 -2.73 -4.08
C SER B 298 -5.98 -4.12 -3.83
N ASN B 299 -6.21 -4.50 -2.58
CA ASN B 299 -6.66 -5.84 -2.24
C ASN B 299 -8.14 -5.92 -1.92
N GLN B 300 -8.92 -4.92 -2.33
CA GLN B 300 -10.35 -4.92 -2.10
C GLN B 300 -11.08 -5.48 -3.32
N VAL B 301 -12.39 -5.69 -3.17
CA VAL B 301 -13.20 -6.34 -4.19
C VAL B 301 -14.28 -5.36 -4.64
N LEU B 302 -14.30 -5.08 -5.95
CA LEU B 302 -15.25 -4.14 -6.54
C LEU B 302 -16.54 -4.88 -6.88
N MET B 303 -17.66 -4.39 -6.37
CA MET B 303 -18.97 -4.99 -6.61
C MET B 303 -19.68 -4.20 -7.70
N VAL B 304 -20.04 -4.87 -8.78
CA VAL B 304 -20.70 -4.25 -9.93
C VAL B 304 -22.05 -4.94 -10.13
N PRO B 305 -23.15 -4.20 -10.23
CA PRO B 305 -24.45 -4.83 -10.45
C PRO B 305 -24.47 -5.64 -11.75
N GLN B 306 -24.83 -6.91 -11.62
CA GLN B 306 -24.89 -7.80 -12.76
C GLN B 306 -26.11 -7.47 -13.61
N PRO B 307 -25.96 -7.02 -14.84
CA PRO B 307 -27.12 -6.65 -15.66
C PRO B 307 -27.90 -7.86 -16.08
N PRO B 308 -29.19 -7.71 -16.42
CA PRO B 308 -30.04 -8.83 -16.84
C PRO B 308 -29.68 -9.32 -18.25
N ASP B 319 -38.56 6.50 -10.76
CA ASP B 319 -37.37 6.43 -9.91
C ASP B 319 -36.47 5.27 -10.32
N ALA B 320 -35.38 5.61 -11.01
CA ALA B 320 -34.44 4.61 -11.52
C ALA B 320 -33.03 4.95 -11.05
N LEU B 321 -32.20 3.92 -10.93
CA LEU B 321 -30.83 4.11 -10.48
C LEU B 321 -30.01 4.82 -11.55
N ALA B 322 -29.03 5.59 -11.11
CA ALA B 322 -28.12 6.26 -12.03
C ALA B 322 -27.18 5.24 -12.67
N THR B 323 -26.77 5.53 -13.90
CA THR B 323 -25.99 4.58 -14.69
C THR B 323 -24.55 4.51 -14.19
N ASN B 324 -23.78 3.59 -14.79
CA ASN B 324 -22.35 3.43 -14.55
C ASN B 324 -22.07 3.03 -13.11
N ARG B 325 -21.13 3.74 -12.50
CA ARG B 325 -20.59 3.31 -11.22
C ARG B 325 -21.33 3.87 -10.02
N SER B 326 -22.55 4.40 -10.20
CA SER B 326 -23.28 4.96 -9.08
C SER B 326 -23.65 3.89 -8.04
N ALA B 327 -23.99 2.70 -8.50
CA ALA B 327 -24.37 1.61 -7.61
C ALA B 327 -23.21 0.69 -7.27
N TRP B 328 -21.99 1.05 -7.63
CA TRP B 328 -20.84 0.20 -7.35
C TRP B 328 -20.42 0.31 -5.90
N MET B 329 -19.72 -0.72 -5.44
CA MET B 329 -19.23 -0.79 -4.06
C MET B 329 -17.84 -1.43 -4.07
N LEU B 330 -17.06 -1.12 -3.04
CA LEU B 330 -15.69 -1.61 -2.92
C LEU B 330 -15.47 -2.05 -1.47
N LEU B 331 -15.26 -3.35 -1.28
CA LEU B 331 -15.33 -3.96 0.05
C LEU B 331 -14.01 -4.61 0.42
N ASP B 332 -13.69 -4.56 1.71
CA ASP B 332 -12.59 -5.32 2.26
C ASP B 332 -12.96 -6.81 2.32
N LYS B 333 -11.94 -7.66 2.19
CA LYS B 333 -12.17 -9.10 2.17
C LYS B 333 -12.66 -9.65 3.51
N THR B 334 -12.60 -8.86 4.58
CA THR B 334 -13.18 -9.28 5.85
C THR B 334 -14.69 -9.18 5.89
N MET B 335 -15.30 -8.57 4.87
CA MET B 335 -16.76 -8.50 4.75
C MET B 335 -17.32 -9.64 3.91
N LEU B 336 -16.47 -10.49 3.36
CA LEU B 336 -16.88 -11.49 2.39
C LEU B 336 -16.63 -12.90 2.91
N SER B 337 -17.41 -13.83 2.38
CA SER B 337 -17.16 -15.25 2.55
C SER B 337 -17.06 -15.87 1.16
N MET B 338 -15.84 -16.23 0.76
CA MET B 338 -15.65 -16.76 -0.58
C MET B 338 -16.25 -18.16 -0.71
N ASP B 339 -15.94 -19.05 0.23
CA ASP B 339 -16.55 -20.37 0.26
C ASP B 339 -18.00 -20.34 0.73
N GLY B 340 -18.46 -19.22 1.28
CA GLY B 340 -19.83 -19.11 1.77
C GLY B 340 -20.10 -19.82 3.07
N LEU B 341 -19.06 -20.24 3.79
CA LEU B 341 -19.22 -21.02 5.01
C LEU B 341 -19.26 -20.17 6.27
N ALA B 342 -19.39 -18.85 6.14
CA ALA B 342 -19.42 -17.95 7.28
C ALA B 342 -20.71 -17.15 7.28
N CYS B 343 -21.17 -16.81 8.48
CA CYS B 343 -22.44 -16.12 8.66
C CYS B 343 -22.24 -14.60 8.65
N ASP B 344 -23.31 -13.90 8.27
CA ASP B 344 -23.36 -12.43 8.34
C ASP B 344 -22.27 -11.79 7.50
N LYS B 345 -21.96 -12.41 6.36
CA LYS B 345 -20.97 -11.88 5.44
C LYS B 345 -21.58 -11.82 4.04
N VAL B 346 -20.96 -11.03 3.18
CA VAL B 346 -21.38 -11.00 1.78
C VAL B 346 -20.99 -12.32 1.13
N GLY B 347 -21.98 -13.02 0.59
CA GLY B 347 -21.75 -14.33 0.00
C GLY B 347 -21.91 -15.48 0.96
N THR B 348 -22.69 -15.32 2.03
CA THR B 348 -22.98 -16.43 2.92
C THR B 348 -23.76 -17.51 2.17
N GLY B 349 -23.32 -18.76 2.33
CA GLY B 349 -23.85 -19.87 1.57
C GLY B 349 -24.85 -20.73 2.33
N PHE B 350 -25.20 -21.85 1.72
CA PHE B 350 -26.21 -22.74 2.29
C PHE B 350 -25.71 -23.42 3.56
N SER B 351 -24.44 -23.84 3.56
CA SER B 351 -23.90 -24.54 4.73
C SER B 351 -23.87 -23.66 5.97
N ALA B 352 -23.64 -22.35 5.80
CA ALA B 352 -23.62 -21.47 6.95
C ALA B 352 -25.03 -21.24 7.49
N PHE B 353 -26.02 -21.13 6.61
CA PHE B 353 -27.39 -20.88 7.02
C PHE B 353 -28.05 -22.11 7.61
N ARG B 354 -27.69 -23.30 7.11
CA ARG B 354 -28.34 -24.52 7.59
C ARG B 354 -27.79 -24.95 8.95
N TYR B 355 -26.49 -24.81 9.16
CA TYR B 355 -25.83 -25.32 10.36
C TYR B 355 -25.43 -24.21 11.33
N GLN B 356 -26.20 -23.14 11.38
CA GLN B 356 -25.92 -22.08 12.35
C GLN B 356 -26.27 -22.56 13.75
N PRO B 357 -25.41 -22.35 14.74
CA PRO B 357 -25.67 -22.93 16.07
C PRO B 357 -26.90 -22.32 16.72
N SER B 358 -27.76 -23.19 17.27
CA SER B 358 -29.02 -22.78 17.90
C SER B 358 -29.89 -22.01 16.91
N GLY B 359 -29.87 -22.42 15.65
CA GLY B 359 -30.55 -21.66 14.61
C GLY B 359 -32.05 -21.51 14.85
N CYS B 360 -32.69 -22.56 15.35
CA CYS B 360 -34.12 -22.49 15.61
C CYS B 360 -34.45 -21.61 16.81
N GLY B 361 -33.47 -21.35 17.68
CA GLY B 361 -33.66 -20.46 18.80
C GLY B 361 -33.32 -19.01 18.53
N ARG B 362 -32.89 -18.69 17.33
CA ARG B 362 -32.52 -17.32 16.97
C ARG B 362 -33.65 -16.63 16.21
N ALA B 363 -33.47 -15.33 16.01
CA ALA B 363 -34.48 -14.52 15.36
C ALA B 363 -34.55 -14.86 13.87
N PRO B 364 -35.63 -14.46 13.19
CA PRO B 364 -35.67 -14.61 11.73
C PRO B 364 -34.58 -13.77 11.09
N GLN B 365 -34.17 -14.18 9.89
CA GLN B 365 -33.15 -13.52 9.09
C GLN B 365 -31.78 -13.51 9.76
N ALA B 366 -31.58 -14.30 10.81
CA ALA B 366 -30.27 -14.40 11.43
C ALA B 366 -29.28 -15.02 10.45
N CYS B 367 -28.00 -14.68 10.63
CA CYS B 367 -26.90 -15.13 9.79
C CYS B 367 -26.96 -14.49 8.40
N LEU B 368 -28.04 -13.76 8.12
CA LEU B 368 -28.24 -13.13 6.82
C LEU B 368 -28.03 -11.62 6.86
N SER B 369 -27.31 -11.12 7.85
CA SER B 369 -26.99 -9.70 7.92
C SER B 369 -25.70 -9.41 7.15
N GLY B 370 -25.33 -8.14 7.10
CA GLY B 370 -24.09 -7.73 6.45
C GLY B 370 -24.04 -8.04 4.97
N GLN B 371 -25.18 -8.04 4.29
CA GLN B 371 -25.23 -8.30 2.86
C GLN B 371 -25.09 -7.00 2.08
N LEU B 372 -24.94 -7.14 0.76
CA LEU B 372 -24.73 -5.97 -0.10
C LEU B 372 -25.85 -4.94 0.09
N LYS B 373 -27.08 -5.41 0.27
CA LYS B 373 -28.18 -4.49 0.54
C LYS B 373 -28.03 -3.85 1.92
N ASP B 374 -27.51 -4.59 2.89
CA ASP B 374 -27.34 -4.04 4.23
C ASP B 374 -26.24 -2.99 4.26
N LEU B 375 -25.10 -3.31 3.64
CA LEU B 375 -23.98 -2.36 3.61
C LEU B 375 -24.35 -1.10 2.84
N TRP B 376 -25.13 -1.26 1.77
CA TRP B 376 -25.58 -0.09 1.02
C TRP B 376 -26.49 0.80 1.86
N GLU B 377 -27.55 0.20 2.43
CA GLU B 377 -28.47 0.98 3.26
C GLU B 377 -27.76 1.58 4.47
N ALA B 378 -26.70 0.93 4.96
CA ALA B 378 -25.96 1.47 6.09
C ALA B 378 -25.18 2.71 5.69
N ASP B 379 -24.55 2.70 4.52
CA ASP B 379 -23.79 3.87 4.08
C ASP B 379 -24.70 5.05 3.79
N LEU B 380 -25.87 4.79 3.19
CA LEU B 380 -26.83 5.88 2.98
C LEU B 380 -27.23 6.54 4.29
N ALA B 381 -27.26 5.78 5.38
CA ALA B 381 -27.53 6.37 6.68
C ALA B 381 -26.38 7.27 7.12
N ARG B 382 -25.15 6.87 6.83
CA ARG B 382 -24.00 7.71 7.18
C ARG B 382 -24.03 9.02 6.41
N ILE B 383 -24.54 9.01 5.18
CA ILE B 383 -24.66 10.25 4.41
C ILE B 383 -25.63 11.21 5.07
N ALA B 384 -26.76 10.70 5.55
CA ALA B 384 -27.74 11.54 6.22
C ALA B 384 -27.25 12.06 7.57
N ASP B 385 -26.19 11.50 8.12
CA ASP B 385 -25.62 11.95 9.38
C ASP B 385 -24.33 12.73 9.18
N GLY B 386 -24.08 13.20 7.96
CA GLY B 386 -22.88 13.98 7.69
C GLY B 386 -21.58 13.20 7.73
N ARG B 387 -21.64 11.88 7.74
CA ARG B 387 -20.44 11.04 7.75
C ARG B 387 -20.19 10.47 6.35
N VAL B 388 -19.01 9.89 6.19
CA VAL B 388 -18.54 9.43 4.88
C VAL B 388 -18.86 7.95 4.73
N PRO B 389 -19.41 7.52 3.60
CA PRO B 389 -19.58 6.08 3.34
C PRO B 389 -18.31 5.28 3.53
N LEU B 390 -18.47 3.97 3.77
CA LEU B 390 -17.35 3.07 3.95
C LEU B 390 -17.26 2.00 2.87
N TYR B 391 -18.27 1.86 2.02
CA TYR B 391 -18.32 0.78 1.06
C TYR B 391 -18.61 1.30 -0.35
N MET B 392 -19.37 2.38 -0.43
CA MET B 392 -19.62 3.00 -1.74
C MET B 392 -18.33 3.61 -2.27
N ILE B 393 -18.10 3.46 -3.57
CA ILE B 393 -16.87 3.97 -4.17
C ILE B 393 -16.82 5.49 -4.19
N THR B 394 -17.93 6.17 -3.90
CA THR B 394 -17.92 7.63 -3.83
C THR B 394 -17.29 8.17 -2.56
N ARG B 395 -16.82 7.30 -1.67
CA ARG B 395 -16.12 7.77 -0.48
C ARG B 395 -14.74 8.33 -0.81
N PHE B 396 -14.30 8.21 -2.06
CA PHE B 396 -13.07 8.86 -2.52
C PHE B 396 -13.34 10.13 -3.31
N THR B 397 -14.44 10.16 -4.06
CA THR B 397 -14.78 11.35 -4.84
C THR B 397 -15.14 12.52 -3.93
N GLY B 398 -15.85 12.24 -2.84
CA GLY B 398 -16.28 13.27 -1.92
C GLY B 398 -17.75 13.63 -1.99
N GLY B 399 -18.54 12.94 -2.80
CA GLY B 399 -19.98 13.20 -2.81
C GLY B 399 -20.71 12.95 -4.11
N SER B 400 -20.08 13.28 -5.25
CA SER B 400 -20.74 13.21 -6.54
C SER B 400 -20.11 12.12 -7.40
N ASP B 401 -20.96 11.38 -8.13
CA ASP B 401 -20.49 10.36 -9.05
C ASP B 401 -20.06 10.93 -10.39
N THR B 402 -20.45 12.17 -10.70
CA THR B 402 -20.11 12.77 -11.98
C THR B 402 -18.60 12.87 -12.18
N THR B 403 -17.84 12.96 -11.09
CA THR B 403 -16.39 13.07 -11.20
C THR B 403 -15.74 11.77 -11.68
N LEU B 404 -16.46 10.65 -11.62
CA LEU B 404 -15.92 9.36 -12.03
C LEU B 404 -16.35 8.95 -13.43
N GLN B 405 -17.24 9.70 -14.08
CA GLN B 405 -17.64 9.41 -15.44
C GLN B 405 -16.81 10.16 -16.48
N SER B 406 -15.95 11.08 -16.04
CA SER B 406 -15.00 11.70 -16.95
C SER B 406 -13.88 10.76 -17.37
N PHE B 407 -13.78 9.59 -16.75
CA PHE B 407 -12.78 8.61 -17.11
C PHE B 407 -13.04 8.08 -18.53
N SER B 408 -11.96 7.67 -19.19
CA SER B 408 -12.03 7.24 -20.59
C SER B 408 -11.82 5.74 -20.75
N GLY B 409 -11.92 4.98 -19.67
CA GLY B 409 -11.74 3.54 -19.74
C GLY B 409 -12.98 2.82 -20.21
N GLY B 410 -12.85 1.49 -20.33
CA GLY B 410 -13.93 0.66 -20.77
C GLY B 410 -15.02 0.54 -19.72
N PRO B 411 -16.08 -0.20 -20.06
CA PRO B 411 -17.20 -0.34 -19.12
C PRO B 411 -16.81 -1.04 -17.83
N LEU B 412 -15.87 -1.98 -17.89
CA LEU B 412 -15.41 -2.69 -16.69
C LEU B 412 -14.03 -2.19 -16.32
N SER B 413 -13.99 -0.98 -15.77
CA SER B 413 -12.74 -0.37 -15.34
C SER B 413 -13.03 0.51 -14.14
N PHE B 414 -11.97 0.82 -13.38
CA PHE B 414 -12.11 1.62 -12.18
C PHE B 414 -10.89 2.51 -12.05
N ALA B 415 -11.12 3.79 -11.76
CA ALA B 415 -10.02 4.74 -11.64
C ALA B 415 -10.46 5.91 -10.78
N LEU B 416 -9.53 6.44 -9.99
CA LEU B 416 -9.77 7.61 -9.16
C LEU B 416 -8.98 8.82 -9.67
N PRO B 417 -9.56 10.01 -9.61
CA PRO B 417 -8.85 11.22 -10.07
C PRO B 417 -7.80 11.63 -9.05
N VAL B 418 -6.54 11.71 -9.48
CA VAL B 418 -5.44 12.06 -8.60
C VAL B 418 -5.46 13.56 -8.35
N THR B 419 -5.42 13.96 -7.08
CA THR B 419 -5.39 15.37 -6.70
C THR B 419 -4.07 15.82 -6.13
N SER B 420 -3.21 14.89 -5.70
CA SER B 420 -1.89 15.26 -5.20
C SER B 420 -1.03 15.75 -6.35
N HIS B 421 0.03 16.48 -6.01
CA HIS B 421 0.97 16.95 -7.02
C HIS B 421 1.76 15.78 -7.58
N SER B 422 1.76 15.66 -8.90
CA SER B 422 2.53 14.64 -9.60
C SER B 422 3.23 15.36 -10.76
N GLN B 423 4.40 15.94 -10.48
CA GLN B 423 5.12 16.73 -11.45
C GLN B 423 5.97 15.80 -12.32
N SER B 424 5.63 15.71 -13.61
CA SER B 424 6.37 14.88 -14.54
C SER B 424 7.51 15.68 -15.18
N LEU B 425 8.67 15.04 -15.29
CA LEU B 425 9.87 15.69 -15.80
C LEU B 425 10.06 15.32 -17.26
N VAL B 426 10.16 16.34 -18.11
CA VAL B 426 10.32 16.19 -19.55
C VAL B 426 11.61 16.88 -19.98
N THR B 427 12.36 16.23 -20.87
CA THR B 427 13.61 16.76 -21.38
C THR B 427 13.46 17.07 -22.87
N LEU B 428 13.66 18.33 -23.24
CA LEU B 428 13.58 18.79 -24.62
C LEU B 428 14.99 19.05 -25.13
N SER B 429 15.28 18.59 -26.35
CA SER B 429 16.58 18.77 -26.98
C SER B 429 16.36 19.23 -28.42
N VAL B 430 16.55 20.52 -28.66
CA VAL B 430 16.25 21.14 -29.94
C VAL B 430 17.54 21.49 -30.66
N ALA B 431 17.55 21.34 -31.97
CA ALA B 431 18.69 21.75 -32.81
C ALA B 431 18.55 23.24 -33.13
N ALA B 432 18.63 24.05 -32.08
CA ALA B 432 18.49 25.50 -32.20
C ALA B 432 19.04 26.14 -30.93
N ASP B 433 20.13 26.88 -31.06
CA ASP B 433 20.81 27.46 -29.91
C ASP B 433 20.17 28.80 -29.55
N GLY B 434 19.73 28.93 -28.32
CA GLY B 434 18.95 30.08 -27.88
C GLY B 434 17.58 29.66 -27.43
N VAL B 435 17.21 30.00 -26.18
CA VAL B 435 15.95 29.56 -25.60
C VAL B 435 15.39 30.66 -24.71
N ARG B 436 14.07 30.71 -24.61
CA ARG B 436 13.38 31.74 -23.84
C ARG B 436 12.06 31.19 -23.34
N LEU B 437 11.69 31.57 -22.13
CA LEU B 437 10.45 31.14 -21.50
C LEU B 437 9.45 32.29 -21.50
N VAL B 438 8.26 32.04 -22.06
CA VAL B 438 7.21 33.05 -22.15
C VAL B 438 5.99 32.52 -21.39
N THR B 439 5.70 33.12 -20.24
CA THR B 439 4.63 32.67 -19.37
C THR B 439 3.60 33.79 -19.22
N ASN B 440 2.33 33.41 -19.28
CA ASN B 440 1.23 34.35 -19.11
C ASN B 440 0.89 34.48 -17.62
N ARG B 441 0.76 35.71 -17.15
CA ARG B 441 0.35 36.00 -15.78
C ARG B 441 -0.94 36.80 -15.81
N SER B 442 -2.03 36.20 -15.33
CA SER B 442 -3.32 36.86 -15.26
C SER B 442 -3.79 36.86 -13.82
N PRO B 443 -4.30 37.96 -13.31
CA PRO B 443 -4.78 37.99 -11.92
C PRO B 443 -6.03 37.14 -11.75
N GLY B 444 -6.30 36.80 -10.48
CA GLY B 444 -7.45 35.99 -10.16
C GLY B 444 -8.08 36.46 -8.86
N LYS B 445 -9.30 35.97 -8.63
CA LYS B 445 -10.04 36.31 -7.44
C LYS B 445 -10.76 35.08 -6.92
N ILE B 446 -10.68 34.84 -5.61
CA ILE B 446 -11.43 33.77 -4.97
C ILE B 446 -12.88 34.22 -4.89
N THR B 447 -13.74 33.62 -5.70
CA THR B 447 -15.13 34.02 -5.80
C THR B 447 -16.05 33.20 -4.89
N GLY B 448 -15.49 32.41 -3.98
CA GLY B 448 -16.30 31.63 -3.07
C GLY B 448 -15.55 30.46 -2.45
N ALA B 449 -15.75 30.26 -1.15
CA ALA B 449 -15.12 29.15 -0.44
C ALA B 449 -15.99 28.77 0.75
N ALA B 450 -16.24 27.47 0.91
CA ALA B 450 -17.10 27.00 2.00
C ALA B 450 -16.77 25.55 2.30
N VAL B 451 -17.04 25.15 3.54
CA VAL B 451 -16.85 23.77 4.00
C VAL B 451 -18.19 23.07 4.04
N CYS B 452 -18.27 21.91 3.42
CA CYS B 452 -19.52 21.16 3.32
C CYS B 452 -19.29 19.70 3.67
N ARG B 453 -20.33 19.07 4.21
CA ARG B 453 -20.25 17.65 4.57
C ARG B 453 -20.24 16.81 3.30
N PHE B 454 -20.20 15.48 3.49
CA PHE B 454 -20.20 14.56 2.36
C PHE B 454 -21.46 14.75 1.52
N ALA B 455 -21.27 14.84 0.21
CA ALA B 455 -22.35 15.02 -0.76
C ALA B 455 -23.10 16.33 -0.59
N GLY B 456 -22.59 17.25 0.20
CA GLY B 456 -23.23 18.55 0.38
C GLY B 456 -24.58 18.47 1.04
N THR B 457 -24.77 17.55 1.98
CA THR B 457 -26.03 17.49 2.71
C THR B 457 -26.25 18.72 3.56
N SER B 458 -25.17 19.36 3.99
CA SER B 458 -25.22 20.63 4.72
C SER B 458 -23.82 21.21 4.75
N CYS B 459 -23.72 22.53 4.65
CA CYS B 459 -22.45 23.23 4.64
C CYS B 459 -22.29 24.04 5.92
N GLY B 460 -21.04 24.47 6.16
CA GLY B 460 -20.67 25.24 7.34
C GLY B 460 -19.74 24.50 8.28
N GLY B 461 -19.80 23.17 8.28
CA GLY B 461 -18.93 22.40 9.15
C GLY B 461 -19.29 20.93 9.09
N PHE B 462 -18.58 20.15 9.90
CA PHE B 462 -18.71 18.70 9.90
C PHE B 462 -18.55 18.19 11.33
N GLU B 463 -18.60 16.87 11.48
CA GLU B 463 -18.41 16.22 12.77
C GLU B 463 -16.92 15.89 12.92
N ALA B 464 -16.38 16.20 14.09
CA ALA B 464 -14.93 16.34 14.30
C ALA B 464 -14.12 15.17 13.73
N VAL B 465 -14.22 13.99 14.33
CA VAL B 465 -13.40 12.87 13.93
C VAL B 465 -14.18 11.79 13.19
N ALA B 466 -15.47 11.61 13.50
CA ALA B 466 -16.27 10.66 12.75
C ALA B 466 -16.47 11.09 11.31
N ALA B 467 -16.47 12.40 11.05
CA ALA B 467 -16.71 12.93 9.72
C ALA B 467 -15.55 13.81 9.29
N ARG B 468 -15.63 14.28 8.04
CA ARG B 468 -14.68 15.23 7.50
C ARG B 468 -15.43 16.22 6.61
N GLY B 469 -14.82 17.38 6.40
CA GLY B 469 -15.38 18.40 5.55
C GLY B 469 -14.74 18.40 4.17
N TYR B 470 -15.39 19.11 3.25
CA TYR B 470 -14.93 19.23 1.88
C TYR B 470 -14.96 20.70 1.47
N ILE B 471 -13.82 21.20 0.99
CA ILE B 471 -13.64 22.62 0.71
C ILE B 471 -13.89 22.85 -0.77
N TYR B 472 -15.01 23.49 -1.09
CA TYR B 472 -15.30 23.92 -2.45
C TYR B 472 -14.84 25.36 -2.60
N VAL B 473 -13.97 25.61 -3.58
CA VAL B 473 -13.40 26.94 -3.80
C VAL B 473 -13.70 27.38 -5.23
N ASN B 474 -14.27 28.57 -5.36
CA ASN B 474 -14.57 29.17 -6.65
C ASN B 474 -13.57 30.27 -6.93
N ILE B 475 -12.88 30.17 -8.07
CA ILE B 475 -11.96 31.22 -8.52
C ILE B 475 -12.36 31.65 -9.92
N THR B 476 -11.91 32.84 -10.31
CA THR B 476 -12.24 33.40 -11.61
C THR B 476 -11.02 34.09 -12.18
N ASN B 477 -10.68 33.74 -13.42
CA ASN B 477 -9.59 34.41 -14.14
C ASN B 477 -10.06 35.79 -14.57
N THR B 478 -9.48 36.83 -13.99
CA THR B 478 -9.86 38.20 -14.30
C THR B 478 -9.02 38.81 -15.40
N GLY B 479 -8.00 38.10 -15.89
CA GLY B 479 -7.18 38.60 -16.98
C GLY B 479 -7.75 38.24 -18.34
N ARG B 480 -7.04 38.67 -19.37
CA ARG B 480 -7.41 38.40 -20.76
C ARG B 480 -6.62 37.25 -21.35
N LEU B 481 -5.89 36.51 -20.52
CA LEU B 481 -5.07 35.39 -20.98
C LEU B 481 -5.31 34.18 -20.08
N ASP B 482 -4.96 33.00 -20.60
CA ASP B 482 -5.09 31.76 -19.84
C ASP B 482 -3.85 31.60 -18.97
N SER B 483 -4.02 31.76 -17.65
CA SER B 483 -2.93 31.65 -16.71
C SER B 483 -3.15 30.50 -15.75
N ASP B 484 -2.05 29.99 -15.20
CA ASP B 484 -2.10 28.96 -14.17
C ASP B 484 -2.20 29.59 -12.80
N TYR B 485 -2.75 28.84 -11.85
CA TYR B 485 -2.94 29.32 -10.49
C TYR B 485 -2.58 28.23 -9.50
N THR B 486 -2.27 28.65 -8.28
CA THR B 486 -2.01 27.72 -7.18
C THR B 486 -2.92 28.09 -6.02
N LEU B 487 -3.60 27.10 -5.46
CA LEU B 487 -4.55 27.30 -4.38
C LEU B 487 -4.01 26.60 -3.13
N THR B 488 -3.83 27.37 -2.06
CA THR B 488 -3.22 26.87 -0.84
C THR B 488 -4.10 27.14 0.37
N VAL B 489 -4.04 26.24 1.34
CA VAL B 489 -4.69 26.41 2.64
C VAL B 489 -3.59 26.38 3.70
N SER B 490 -3.42 27.49 4.42
CA SER B 490 -2.32 27.63 5.36
C SER B 490 -2.76 28.54 6.50
N ASN B 491 -1.87 28.70 7.49
CA ASN B 491 -2.13 29.48 8.69
C ASN B 491 -3.49 29.13 9.30
N CYS B 492 -3.68 27.84 9.54
CA CYS B 492 -4.91 27.36 10.15
C CYS B 492 -4.86 27.52 11.67
N SER B 493 -6.01 27.31 12.30
CA SER B 493 -6.06 27.28 13.75
C SER B 493 -5.43 25.99 14.26
N SER B 494 -5.45 25.84 15.59
CA SER B 494 -4.77 24.70 16.20
C SER B 494 -5.51 23.40 15.91
N ASN B 495 -4.72 22.31 15.82
CA ASN B 495 -5.23 20.95 15.67
C ASN B 495 -6.01 20.76 14.37
N VAL B 496 -5.63 21.49 13.32
CA VAL B 496 -6.22 21.34 11.99
C VAL B 496 -5.19 20.68 11.10
N ARG B 497 -5.63 19.66 10.35
CA ARG B 497 -4.69 18.89 9.55
C ARG B 497 -4.25 19.69 8.32
N PRO B 498 -2.97 19.65 7.98
CA PRO B 498 -2.49 20.38 6.80
C PRO B 498 -3.03 19.80 5.51
N ILE B 499 -3.25 20.68 4.53
CA ILE B 499 -3.79 20.31 3.23
C ILE B 499 -2.78 20.67 2.15
N GLU B 500 -2.54 19.73 1.23
CA GLU B 500 -1.64 19.99 0.11
C GLU B 500 -2.30 20.94 -0.88
N ALA B 501 -1.48 21.79 -1.49
CA ALA B 501 -1.98 22.79 -2.42
C ALA B 501 -2.46 22.12 -3.71
N ARG B 502 -3.33 22.84 -4.43
CA ARG B 502 -3.84 22.40 -5.72
C ARG B 502 -3.63 23.48 -6.75
N THR B 503 -3.51 23.07 -8.01
CA THR B 503 -3.27 23.98 -9.12
C THR B 503 -4.44 23.95 -10.10
N LEU B 504 -4.82 25.13 -10.58
CA LEU B 504 -5.92 25.28 -11.52
C LEU B 504 -5.47 26.07 -12.74
N ALA B 505 -5.69 25.51 -13.93
CA ALA B 505 -5.48 26.21 -15.19
C ALA B 505 -6.83 26.75 -15.65
N VAL B 506 -6.98 28.07 -15.63
CA VAL B 506 -8.25 28.72 -15.90
C VAL B 506 -8.14 29.50 -17.21
N ARG B 507 -9.10 29.30 -18.10
CA ARG B 507 -9.17 30.09 -19.32
C ARG B 507 -9.50 31.55 -18.97
N ALA B 508 -9.17 32.44 -19.91
CA ALA B 508 -9.35 33.87 -19.69
C ALA B 508 -10.82 34.20 -19.49
N GLY B 509 -11.09 35.05 -18.51
CA GLY B 509 -12.46 35.46 -18.22
C GLY B 509 -13.36 34.35 -17.73
N SER B 510 -12.84 33.16 -17.49
CA SER B 510 -13.62 32.02 -17.06
C SER B 510 -13.49 31.79 -15.57
N ALA B 511 -14.49 31.14 -14.99
CA ALA B 511 -14.46 30.73 -13.59
C ALA B 511 -14.14 29.24 -13.50
N ALA B 512 -13.42 28.88 -12.45
CA ALA B 512 -13.06 27.49 -12.19
C ALA B 512 -13.41 27.14 -10.76
N SER B 513 -13.40 25.84 -10.48
CA SER B 513 -13.73 25.35 -9.14
C SER B 513 -12.94 24.09 -8.87
N LEU B 514 -12.62 23.87 -7.60
CA LEU B 514 -11.90 22.67 -7.19
C LEU B 514 -12.81 21.45 -7.31
N ASP B 515 -12.37 20.46 -8.08
CA ASP B 515 -13.13 19.23 -8.25
C ASP B 515 -12.18 18.06 -8.48
N PRO B 516 -12.12 17.08 -7.57
CA PRO B 516 -12.90 17.04 -6.32
C PRO B 516 -12.36 17.98 -5.25
N PRO B 517 -13.23 18.42 -4.34
CA PRO B 517 -12.80 19.39 -3.33
C PRO B 517 -11.77 18.81 -2.38
N MET B 518 -11.15 19.71 -1.61
CA MET B 518 -10.14 19.32 -0.65
C MET B 518 -10.80 18.70 0.60
N GLU B 519 -10.21 17.62 1.08
CA GLU B 519 -10.68 16.96 2.29
C GLU B 519 -10.05 17.63 3.51
N LEU B 520 -10.87 17.96 4.49
CA LEU B 520 -10.45 18.70 5.67
C LEU B 520 -10.73 17.87 6.93
N TYR B 521 -9.72 17.67 7.75
CA TYR B 521 -9.82 16.94 9.00
C TYR B 521 -9.45 17.85 10.17
N VAL B 522 -9.77 17.39 11.37
CA VAL B 522 -9.34 18.03 12.61
C VAL B 522 -8.80 16.96 13.53
N GLU B 523 -7.71 17.30 14.25
CA GLU B 523 -6.96 16.33 15.03
C GLU B 523 -7.29 16.38 16.52
N ASP B 524 -8.48 16.88 16.88
CA ASP B 524 -8.97 16.81 18.24
C ASP B 524 -10.47 16.54 18.21
N GLN B 525 -11.01 16.16 19.37
CA GLN B 525 -12.40 15.78 19.48
C GLN B 525 -13.30 16.87 20.06
N ALA B 526 -12.76 18.06 20.33
CA ALA B 526 -13.58 19.13 20.88
C ALA B 526 -14.53 19.67 19.81
N ALA B 527 -15.43 20.56 20.24
CA ALA B 527 -16.42 21.18 19.37
C ALA B 527 -16.20 22.68 19.38
N ALA B 528 -15.79 23.24 18.24
CA ALA B 528 -15.48 24.65 18.13
C ALA B 528 -16.47 25.34 17.20
N ALA B 529 -16.78 26.59 17.51
CA ALA B 529 -17.77 27.35 16.77
C ALA B 529 -17.21 28.01 15.52
N ALA B 530 -15.91 28.31 15.49
CA ALA B 530 -15.33 28.99 14.34
C ALA B 530 -13.84 28.71 14.21
N ARG B 531 -13.49 27.59 13.59
CA ARG B 531 -12.10 27.31 13.25
C ARG B 531 -11.73 27.99 11.94
N THR B 532 -10.53 28.56 11.90
CA THR B 532 -10.12 29.43 10.81
C THR B 532 -8.96 28.83 10.03
N CYS B 533 -8.96 29.10 8.72
CA CYS B 533 -7.84 28.81 7.84
C CYS B 533 -7.78 29.90 6.78
N THR B 534 -6.59 30.08 6.21
CA THR B 534 -6.36 31.11 5.20
C THR B 534 -6.22 30.46 3.84
N VAL B 535 -7.10 30.84 2.92
CA VAL B 535 -7.07 30.35 1.54
C VAL B 535 -6.43 31.43 0.68
N SER B 536 -5.34 31.08 0.01
CA SER B 536 -4.57 32.02 -0.80
C SER B 536 -4.58 31.58 -2.26
N LEU B 537 -4.69 32.54 -3.16
CA LEU B 537 -4.68 32.30 -4.60
C LEU B 537 -3.42 32.92 -5.19
N TYR B 538 -2.56 32.07 -5.73
CA TYR B 538 -1.32 32.50 -6.38
C TYR B 538 -1.50 32.48 -7.88
N ASP B 539 -1.00 33.53 -8.54
CA ASP B 539 -0.92 33.54 -10.00
C ASP B 539 0.35 32.79 -10.41
N SER B 540 0.69 32.85 -11.69
CA SER B 540 1.95 32.27 -12.13
C SER B 540 3.12 33.07 -11.57
N VAL B 541 4.26 32.39 -11.40
CA VAL B 541 5.48 32.96 -10.84
C VAL B 541 5.21 33.48 -9.43
N GLY B 542 4.30 32.82 -8.71
CA GLY B 542 4.20 32.94 -7.27
C GLY B 542 3.91 34.30 -6.67
N ALA B 543 2.84 34.96 -7.11
CA ALA B 543 2.37 36.18 -6.48
C ALA B 543 0.93 36.00 -6.01
N VAL B 544 0.61 36.57 -4.86
CA VAL B 544 -0.71 36.43 -4.27
C VAL B 544 -1.64 37.47 -4.89
N THR B 545 -2.61 37.01 -5.68
CA THR B 545 -3.62 37.91 -6.24
C THR B 545 -4.80 38.11 -5.31
N ASP B 546 -5.18 37.10 -4.55
CA ASP B 546 -6.31 37.21 -3.64
C ASP B 546 -6.14 36.21 -2.50
N SER B 547 -6.75 36.52 -1.37
CA SER B 547 -6.71 35.63 -0.21
C SER B 547 -7.85 36.01 0.74
N LEU B 548 -8.54 35.01 1.26
CA LEU B 548 -9.58 35.20 2.26
C LEU B 548 -9.36 34.22 3.40
N THR B 549 -10.07 34.46 4.49
CA THR B 549 -10.04 33.59 5.67
C THR B 549 -11.30 32.73 5.69
N LEU B 550 -11.13 31.42 5.77
CA LEU B 550 -12.23 30.47 5.73
C LEU B 550 -12.54 30.00 7.15
N SER B 551 -13.75 30.27 7.62
CA SER B 551 -14.19 29.89 8.95
C SER B 551 -15.21 28.77 8.87
N PHE B 552 -15.14 27.84 9.82
CA PHE B 552 -16.04 26.70 9.86
C PHE B 552 -16.14 26.20 11.28
N TYR B 553 -17.24 25.49 11.56
CA TYR B 553 -17.46 24.87 12.86
C TYR B 553 -17.20 23.37 12.79
N THR B 554 -16.87 22.78 13.92
CA THR B 554 -16.82 21.33 14.06
C THR B 554 -17.65 20.93 15.27
N ASN B 555 -18.56 19.97 15.05
CA ASN B 555 -19.34 19.42 16.13
C ASN B 555 -18.56 18.31 16.83
N ALA B 556 -18.90 18.07 18.10
CA ALA B 556 -18.22 17.06 18.88
C ALA B 556 -18.56 15.66 18.39
N THR B 557 -17.65 14.72 18.60
CA THR B 557 -17.83 13.33 18.18
C THR B 557 -18.77 12.61 19.14
N GLN B 558 -19.40 11.56 18.64
CA GLN B 558 -20.34 10.74 19.39
C GLN B 558 -19.84 9.30 19.46
N LEU B 559 -20.09 8.65 20.60
CA LEU B 559 -19.59 7.31 20.86
C LEU B 559 -20.69 6.42 21.43
N HIS B 560 -20.46 5.10 21.36
CA HIS B 560 -21.40 4.11 21.85
C HIS B 560 -21.32 3.99 23.37
N HIS B 561 -22.35 3.38 23.96
CA HIS B 561 -22.38 3.23 25.41
C HIS B 561 -23.36 2.12 25.78
N HIS B 562 -22.97 1.29 26.75
CA HIS B 562 -23.81 0.23 27.28
C HIS B 562 -24.12 0.50 28.75
N HIS B 563 -25.39 0.39 29.11
CA HIS B 563 -25.85 0.62 30.48
C HIS B 563 -26.16 -0.71 31.14
N HIS B 564 -25.41 -1.05 32.19
CA HIS B 564 -25.45 -2.37 32.79
C HIS B 564 -26.55 -2.46 33.84
N HIS B 565 -26.96 -3.70 34.10
CA HIS B 565 -27.95 -3.99 35.14
C HIS B 565 -27.69 -5.35 35.76
N GLU C 1 22.59 19.26 -2.39
CA GLU C 1 23.22 18.95 -3.67
C GLU C 1 22.64 19.81 -4.79
N VAL C 2 23.49 20.62 -5.41
CA VAL C 2 23.07 21.46 -6.52
C VAL C 2 22.99 20.61 -7.79
N ILE C 3 21.87 20.73 -8.49
CA ILE C 3 21.57 19.87 -9.64
C ILE C 3 21.74 20.62 -10.95
N ALA C 4 21.16 21.81 -11.06
CA ALA C 4 21.23 22.61 -12.26
C ALA C 4 21.40 24.08 -11.87
N SER C 5 22.15 24.80 -12.69
CA SER C 5 22.39 26.22 -12.46
C SER C 5 22.72 26.88 -13.80
N GLY C 6 22.18 28.07 -14.01
CA GLY C 6 22.43 28.78 -15.24
C GLY C 6 21.53 30.00 -15.35
N ARG C 7 21.61 30.65 -16.50
CA ARG C 7 20.83 31.84 -16.78
C ARG C 7 19.66 31.50 -17.68
N LEU C 8 18.54 32.18 -17.46
CA LEU C 8 17.33 31.97 -18.24
C LEU C 8 16.58 33.29 -18.37
N GLU C 9 16.05 33.54 -19.56
CA GLU C 9 15.26 34.75 -19.82
C GLU C 9 13.79 34.40 -19.63
N LYS C 10 13.24 34.79 -18.48
CA LYS C 10 11.84 34.52 -18.15
C LYS C 10 11.01 35.75 -18.54
N CYS C 11 10.30 35.65 -19.66
CA CYS C 11 9.40 36.70 -20.09
C CYS C 11 8.00 36.47 -19.52
N VAL C 12 7.39 37.54 -19.03
CA VAL C 12 6.07 37.47 -18.39
C VAL C 12 5.13 38.40 -19.14
N VAL C 13 4.03 37.84 -19.63
CA VAL C 13 3.00 38.59 -20.33
C VAL C 13 1.90 38.92 -19.32
N ASP C 14 1.78 40.19 -18.96
CA ASP C 14 0.77 40.62 -18.00
C ASP C 14 -0.61 40.44 -18.61
N GLY C 15 -1.45 39.61 -17.97
CA GLY C 15 -2.72 39.23 -18.54
C GLY C 15 -3.71 40.36 -18.71
N VAL C 16 -3.53 41.46 -17.98
CA VAL C 16 -4.45 42.58 -18.11
C VAL C 16 -4.12 43.43 -19.31
N THR C 17 -2.85 43.79 -19.47
CA THR C 17 -2.39 44.61 -20.59
C THR C 17 -1.96 43.82 -21.80
N GLU C 18 -1.80 42.50 -21.67
CA GLU C 18 -1.24 41.67 -22.73
C GLU C 18 0.14 42.19 -23.13
N GLU C 19 0.94 42.55 -22.14
CA GLU C 19 2.20 43.25 -22.33
C GLU C 19 3.37 42.35 -21.93
N LEU C 20 4.44 42.40 -22.73
CA LEU C 20 5.59 41.53 -22.54
C LEU C 20 6.65 42.21 -21.68
N ASP C 21 7.31 41.42 -20.83
CA ASP C 21 8.37 41.92 -19.97
C ASP C 21 9.35 40.80 -19.70
N CYS C 22 10.62 41.01 -20.03
CA CYS C 22 11.63 39.96 -19.97
C CYS C 22 12.76 40.34 -19.02
N GLN C 23 13.26 39.33 -18.31
CA GLN C 23 14.41 39.47 -17.42
C GLN C 23 15.24 38.19 -17.47
N GLU C 24 16.55 38.34 -17.29
CA GLU C 24 17.48 37.21 -17.28
C GLU C 24 17.86 36.92 -15.84
N LYS C 25 17.39 35.81 -15.31
CA LYS C 25 17.62 35.40 -13.94
C LYS C 25 18.48 34.14 -13.90
N VAL C 26 19.06 33.89 -12.73
CA VAL C 26 19.83 32.67 -12.49
C VAL C 26 18.89 31.64 -11.87
N VAL C 27 18.75 30.49 -12.54
CA VAL C 27 17.84 29.44 -12.12
C VAL C 27 18.66 28.29 -11.56
N VAL C 28 18.64 28.14 -10.24
CA VAL C 28 19.36 27.07 -9.55
C VAL C 28 18.34 26.05 -9.04
N THR C 29 18.57 24.78 -9.35
CA THR C 29 17.76 23.69 -8.84
C THR C 29 18.63 22.81 -7.96
N LEU C 30 18.21 22.63 -6.71
CA LEU C 30 18.99 21.88 -5.73
C LEU C 30 18.04 21.10 -4.83
N THR C 31 18.54 20.01 -4.26
CA THR C 31 17.73 19.15 -3.41
C THR C 31 17.91 19.53 -1.94
N VAL C 32 16.91 19.16 -1.14
CA VAL C 32 16.96 19.34 0.31
C VAL C 32 16.64 17.99 0.96
N GLY C 33 17.57 17.51 1.79
CA GLY C 33 17.42 16.20 2.40
C GLY C 33 16.53 16.20 3.63
N ASN C 34 16.13 14.99 4.02
CA ASN C 34 15.28 14.83 5.19
C ASN C 34 16.03 15.17 6.48
N GLY C 35 17.23 14.63 6.65
CA GLY C 35 17.98 14.85 7.87
C GLY C 35 18.83 16.10 7.84
N GLN C 36 18.50 17.01 6.91
CA GLN C 36 19.25 18.26 6.73
C GLN C 36 18.54 19.35 7.52
N SER C 37 18.89 19.46 8.80
CA SER C 37 18.26 20.40 9.71
C SER C 37 19.13 21.60 10.04
N LEU C 38 20.37 21.64 9.57
CA LEU C 38 21.29 22.73 9.86
C LEU C 38 21.68 23.43 8.57
N GLN C 39 22.18 24.65 8.71
CA GLN C 39 22.64 25.45 7.58
C GLN C 39 24.10 25.09 7.32
N THR C 40 24.31 24.04 6.54
CA THR C 40 25.66 23.60 6.20
C THR C 40 26.13 24.19 4.87
N GLU C 41 25.25 24.26 3.88
CA GLU C 41 25.56 24.88 2.60
C GLU C 41 24.97 26.28 2.53
N ALA C 42 25.43 27.04 1.53
CA ALA C 42 24.92 28.39 1.30
C ALA C 42 25.14 28.74 -0.16
N LEU C 43 24.13 29.35 -0.76
CA LEU C 43 24.21 29.84 -2.13
C LEU C 43 24.46 31.34 -2.11
N GLU C 44 25.51 31.77 -2.81
CA GLU C 44 25.90 33.17 -2.88
C GLU C 44 25.69 33.69 -4.30
N PHE C 45 24.82 34.68 -4.44
CA PHE C 45 24.51 35.27 -5.73
C PHE C 45 25.18 36.63 -5.83
N SER C 46 26.05 36.79 -6.82
CA SER C 46 26.73 38.06 -7.04
C SER C 46 25.72 39.14 -7.38
N LEU C 47 25.64 40.16 -6.54
CA LEU C 47 24.66 41.23 -6.68
C LEU C 47 25.38 42.50 -7.14
N SER C 48 25.14 42.89 -8.39
CA SER C 48 25.58 44.19 -8.89
C SER C 48 24.45 45.20 -8.71
N CYS C 49 24.83 46.47 -8.55
CA CYS C 49 23.89 47.54 -8.26
C CYS C 49 22.96 47.15 -7.11
N LEU C 50 23.43 47.28 -5.88
CA LEU C 50 22.67 46.85 -4.71
C LEU C 50 21.44 47.73 -4.53
N ASN C 51 20.72 47.50 -3.42
CA ASN C 51 19.53 48.27 -3.03
C ASN C 51 18.48 48.13 -4.13
N SER C 52 17.97 49.21 -4.70
CA SER C 52 16.88 49.14 -5.66
C SER C 52 17.32 48.54 -6.99
N ASP C 54 18.62 46.38 -10.56
CA ASP C 54 19.01 45.20 -11.33
C ASP C 54 19.91 45.59 -12.50
N CYS C 57 25.94 51.49 -13.34
CA CYS C 57 24.61 50.96 -13.02
C CYS C 57 23.78 51.84 -12.06
N PRO C 58 24.35 52.27 -10.93
CA PRO C 58 23.61 53.14 -10.02
C PRO C 58 23.76 54.61 -10.41
N CYS C 59 22.88 55.44 -9.82
CA CYS C 59 22.86 56.88 -10.08
C CYS C 59 23.77 57.66 -9.14
N SER C 60 24.79 57.01 -8.56
CA SER C 60 25.81 57.63 -7.70
C SER C 60 25.10 58.31 -6.51
N CYS C 61 25.62 59.45 -6.05
CA CYS C 61 25.22 60.07 -4.78
C CYS C 61 25.28 59.05 -3.64
N THR C 67 17.24 61.14 1.13
CA THR C 67 17.40 62.27 0.21
C THR C 67 17.60 61.81 -1.22
N CYS C 68 18.80 61.33 -1.54
CA CYS C 68 19.09 60.90 -2.89
C CYS C 68 18.33 59.64 -3.27
N ALA C 69 18.23 58.69 -2.35
CA ALA C 69 17.54 57.42 -2.57
C ALA C 69 18.07 56.72 -3.83
N CYS C 70 19.37 56.41 -3.79
CA CYS C 70 19.99 55.71 -4.92
C CYS C 70 20.48 54.33 -4.48
N ARG C 71 21.42 53.77 -5.24
CA ARG C 71 21.80 52.37 -5.11
C ARG C 71 23.31 52.25 -4.93
N ASP C 72 23.72 51.12 -4.37
CA ASP C 72 25.11 50.83 -4.07
C ASP C 72 25.71 49.93 -5.15
N LEU C 73 26.96 49.51 -4.94
CA LEU C 73 27.73 48.85 -6.00
C LEU C 73 27.68 47.32 -5.96
N ALA C 74 28.23 46.70 -4.91
CA ALA C 74 28.45 45.26 -4.97
C ALA C 74 28.41 44.66 -3.57
N ALA C 75 27.92 43.40 -3.51
CA ALA C 75 27.82 42.58 -2.32
C ALA C 75 27.27 41.21 -2.72
N PRO C 76 27.49 40.16 -1.92
CA PRO C 76 26.94 38.84 -2.26
C PRO C 76 25.65 38.49 -1.52
N LEU C 77 24.68 37.93 -2.23
CA LEU C 77 23.40 37.56 -1.65
C LEU C 77 23.47 36.12 -1.16
N ARG C 78 23.44 35.93 0.15
CA ARG C 78 23.63 34.61 0.75
C ARG C 78 22.28 33.94 1.01
N VAL C 79 22.17 32.68 0.58
CA VAL C 79 20.92 31.92 0.68
C VAL C 79 21.24 30.52 1.16
N SER C 80 20.52 30.06 2.19
CA SER C 80 20.66 28.70 2.71
C SER C 80 19.28 28.07 2.85
N LEU C 81 19.25 26.74 2.93
CA LEU C 81 17.99 26.00 2.99
C LEU C 81 18.08 24.90 4.02
N THR C 82 17.06 24.80 4.87
CA THR C 82 16.92 23.71 5.82
C THR C 82 15.55 23.06 5.64
N LYS C 83 15.41 21.86 6.20
CA LYS C 83 14.17 21.10 6.10
C LYS C 83 13.79 20.58 7.48
N SER C 84 12.55 20.82 7.88
CA SER C 84 12.06 20.30 9.14
C SER C 84 12.08 18.77 9.12
N PRO C 85 12.04 18.13 10.29
CA PRO C 85 11.97 16.67 10.32
C PRO C 85 10.74 16.16 9.58
N LEU C 86 10.91 15.06 8.87
CA LEU C 86 9.88 14.52 7.99
C LEU C 86 9.01 13.52 8.75
N TRP C 87 7.70 13.64 8.58
CA TRP C 87 6.73 12.77 9.22
C TRP C 87 5.73 12.25 8.20
N ALA C 88 5.17 11.08 8.48
CA ALA C 88 4.13 10.49 7.65
C ALA C 88 2.86 10.41 8.49
N SER C 89 1.99 11.41 8.33
CA SER C 89 0.78 11.54 9.12
C SER C 89 -0.39 10.86 8.43
N TYR C 90 -1.21 10.16 9.21
CA TYR C 90 -2.39 9.47 8.72
C TYR C 90 -3.65 10.10 9.29
N PRO C 91 -4.66 10.38 8.46
CA PRO C 91 -5.90 10.94 8.99
C PRO C 91 -6.78 9.87 9.62
N LEU C 92 -7.39 10.21 10.75
CA LEU C 92 -8.21 9.30 11.54
C LEU C 92 -9.68 9.46 11.21
N GLN C 93 -10.40 8.33 11.26
CA GLN C 93 -11.85 8.31 11.11
C GLN C 93 -12.42 7.37 12.15
N TYR C 94 -13.19 7.91 13.10
CA TYR C 94 -13.74 7.09 14.16
C TYR C 94 -14.71 6.05 13.60
N LEU C 95 -14.72 4.88 14.24
CA LEU C 95 -15.61 3.79 13.84
C LEU C 95 -16.50 3.37 15.01
N SER C 96 -15.95 2.72 16.03
CA SER C 96 -16.72 2.27 17.17
C SER C 96 -15.78 2.13 18.36
N SER C 97 -16.37 1.90 19.53
CA SER C 97 -15.62 1.69 20.76
C SER C 97 -15.41 0.21 21.02
N PHE C 98 -14.39 -0.09 21.82
CA PHE C 98 -14.05 -1.46 22.15
C PHE C 98 -13.60 -1.53 23.60
N ASN C 99 -13.89 -2.65 24.25
CA ASN C 99 -13.62 -2.83 25.66
C ASN C 99 -12.23 -3.43 25.86
N TRP C 100 -11.56 -2.98 26.93
CA TRP C 100 -10.21 -3.46 27.21
C TRP C 100 -10.18 -4.97 27.41
N LYS C 101 -11.14 -5.50 28.16
CA LYS C 101 -11.23 -6.93 28.40
C LYS C 101 -12.63 -7.30 28.86
N PRO C 102 -13.49 -7.76 27.97
CA PRO C 102 -14.79 -8.29 28.40
C PRO C 102 -14.61 -9.53 29.28
N LEU C 103 -15.30 -9.54 30.41
CA LEU C 103 -15.15 -10.59 31.42
C LEU C 103 -16.46 -11.33 31.60
N GLU C 104 -16.38 -12.66 31.69
CA GLU C 104 -17.54 -13.49 31.98
C GLU C 104 -17.65 -13.73 33.47
N VAL C 105 -18.83 -13.48 34.02
CA VAL C 105 -19.12 -13.69 35.43
C VAL C 105 -20.00 -14.93 35.54
N ILE C 106 -19.56 -15.91 36.33
CA ILE C 106 -20.27 -17.17 36.51
C ILE C 106 -21.05 -17.11 37.82
N LEU C 107 -22.36 -17.30 37.73
CA LEU C 107 -23.23 -17.28 38.89
C LEU C 107 -23.77 -18.68 39.17
N ARG C 108 -23.77 -19.07 40.45
CA ARG C 108 -24.36 -20.32 40.91
C ARG C 108 -25.49 -19.95 41.86
N PRO C 109 -26.73 -19.85 41.37
CA PRO C 109 -27.82 -19.32 42.19
C PRO C 109 -28.06 -20.16 43.43
N SER C 110 -28.47 -19.48 44.50
CA SER C 110 -28.71 -20.17 45.77
C SER C 110 -29.95 -21.05 45.70
N ASN C 111 -30.98 -20.63 44.96
CA ASN C 111 -32.23 -21.38 44.85
C ASN C 111 -32.23 -22.33 43.65
N LYS C 112 -31.10 -22.49 42.96
CA LYS C 112 -30.96 -23.45 41.87
C LYS C 112 -31.96 -23.19 40.74
N VAL C 113 -32.28 -21.93 40.50
CA VAL C 113 -33.10 -21.54 39.36
C VAL C 113 -32.25 -20.69 38.43
N CYS C 114 -32.55 -20.75 37.14
CA CYS C 114 -31.78 -20.01 36.15
C CYS C 114 -32.67 -19.75 34.94
N LYS C 115 -32.74 -18.48 34.53
CA LYS C 115 -33.60 -18.05 33.43
C LYS C 115 -32.79 -17.20 32.47
N ASP C 116 -32.68 -17.64 31.22
CA ASP C 116 -32.08 -16.85 30.15
C ASP C 116 -33.06 -16.63 29.01
N GLY C 117 -34.35 -16.54 29.33
CA GLY C 117 -35.36 -16.44 28.29
C GLY C 117 -35.21 -15.18 27.46
N ASP C 118 -35.66 -15.27 26.21
CA ASP C 118 -35.57 -14.13 25.31
C ASP C 118 -36.56 -13.05 25.69
N TRP C 119 -37.78 -13.43 26.09
CA TRP C 119 -38.76 -12.49 26.61
C TRP C 119 -38.86 -12.55 28.13
N GLU C 120 -37.84 -13.08 28.80
CA GLU C 120 -37.84 -13.18 30.26
C GLU C 120 -37.85 -11.78 30.87
N ASP C 121 -38.83 -11.52 31.73
CA ASP C 121 -38.99 -10.18 32.30
C ASP C 121 -37.79 -9.80 33.15
N SER C 122 -37.23 -10.77 33.89
CA SER C 122 -36.08 -10.51 34.76
C SER C 122 -35.23 -11.77 34.80
N PRO C 123 -34.20 -11.86 33.96
CA PRO C 123 -33.33 -13.02 33.97
C PRO C 123 -32.31 -12.95 35.11
N THR C 124 -31.68 -14.09 35.38
CA THR C 124 -30.68 -14.16 36.44
C THR C 124 -29.39 -13.44 36.08
N CYS C 125 -29.25 -12.96 34.85
CA CYS C 125 -28.10 -12.13 34.46
C CYS C 125 -28.43 -10.66 34.36
N GLY C 126 -29.65 -10.32 33.96
CA GLY C 126 -30.02 -8.92 33.78
C GLY C 126 -29.75 -8.42 32.38
N TRP C 127 -30.59 -7.49 31.94
CA TRP C 127 -30.49 -6.94 30.59
C TRP C 127 -29.66 -5.67 30.59
N PHE C 128 -28.78 -5.56 29.59
CA PHE C 128 -28.17 -4.28 29.26
C PHE C 128 -29.18 -3.42 28.52
N SER C 129 -28.81 -2.16 28.29
CA SER C 129 -29.71 -1.24 27.59
C SER C 129 -28.90 -0.13 26.95
N GLN C 130 -29.12 0.06 25.64
CA GLN C 130 -28.55 1.22 24.94
C GLN C 130 -29.61 2.32 24.86
N GLY C 131 -29.91 2.87 26.03
CA GLY C 131 -30.96 3.86 26.17
C GLY C 131 -32.14 3.35 26.96
N GLY C 132 -33.31 3.34 26.35
CA GLY C 132 -34.50 2.82 27.00
C GLY C 132 -34.84 1.42 26.53
N VAL C 133 -34.23 1.00 25.42
CA VAL C 133 -34.43 -0.33 24.87
C VAL C 133 -33.30 -1.23 25.35
N ARG C 134 -33.63 -2.48 25.66
CA ARG C 134 -32.67 -3.43 26.17
C ARG C 134 -31.96 -4.16 25.03
N VAL C 135 -30.66 -4.42 25.23
CA VAL C 135 -29.83 -5.00 24.19
C VAL C 135 -30.08 -6.49 24.11
N ALA C 136 -30.21 -7.00 22.88
CA ALA C 136 -30.50 -8.41 22.66
C ALA C 136 -29.33 -9.28 23.11
N ASP C 137 -29.65 -10.45 23.65
CA ASP C 137 -28.70 -11.48 24.06
C ASP C 137 -27.77 -11.03 25.18
N SER C 138 -28.07 -9.90 25.84
CA SER C 138 -27.26 -9.43 26.95
C SER C 138 -27.48 -10.22 28.23
N GLN C 139 -28.47 -11.11 28.27
CA GLN C 139 -28.82 -11.87 29.45
C GLN C 139 -28.04 -13.17 29.59
N GLY C 140 -26.99 -13.35 28.79
CA GLY C 140 -26.14 -14.52 28.93
C GLY C 140 -26.86 -15.81 28.62
N PHE C 141 -26.37 -16.90 29.21
CA PHE C 141 -26.97 -18.21 29.02
C PHE C 141 -26.83 -19.01 30.31
N CYS C 142 -27.71 -19.98 30.48
CA CYS C 142 -27.70 -20.87 31.63
C CYS C 142 -27.13 -22.23 31.26
N CYS C 143 -26.66 -22.94 32.28
CA CYS C 143 -26.11 -24.29 32.11
C CYS C 143 -26.69 -25.20 33.18
N GLU C 144 -27.14 -26.38 32.78
CA GLU C 144 -27.62 -27.40 33.70
C GLU C 144 -26.80 -28.66 33.52
N CYS C 145 -26.61 -29.39 34.62
CA CYS C 145 -25.84 -30.63 34.57
C CYS C 145 -26.70 -31.72 33.93
N SER C 146 -26.19 -32.31 32.85
CA SER C 146 -26.95 -33.33 32.13
C SER C 146 -27.13 -34.56 32.99
N SER C 147 -28.14 -35.36 32.63
CA SER C 147 -28.36 -36.63 33.32
C SER C 147 -27.16 -37.55 33.21
N SER C 148 -26.43 -37.49 32.09
CA SER C 148 -25.24 -38.33 31.92
C SER C 148 -24.16 -37.95 32.93
N GLN C 149 -24.03 -36.65 33.23
CA GLN C 149 -22.99 -36.20 34.15
C GLN C 149 -23.38 -36.43 35.60
N VAL C 150 -24.67 -36.33 35.92
CA VAL C 150 -25.12 -36.69 37.27
C VAL C 150 -24.91 -38.18 37.51
N TRP C 151 -25.03 -38.99 36.47
CA TRP C 151 -24.81 -40.43 36.61
C TRP C 151 -23.34 -40.74 36.85
N ASP C 152 -22.44 -40.04 36.15
CA ASP C 152 -21.02 -40.30 36.28
C ASP C 152 -20.45 -39.75 37.59
N ASP C 153 -20.79 -38.49 37.92
CA ASP C 153 -20.25 -37.88 39.12
C ASP C 153 -20.74 -38.54 40.41
N THR C 154 -21.87 -39.24 40.35
CA THR C 154 -22.39 -39.88 41.55
C THR C 154 -21.62 -41.15 41.90
N PHE C 155 -21.42 -42.03 40.90
CA PHE C 155 -20.74 -43.30 41.13
C PHE C 155 -19.22 -43.16 41.01
N GLY C 156 -18.75 -42.73 39.85
CA GLY C 156 -17.33 -42.55 39.64
C GLY C 156 -16.93 -41.09 39.60
N SER C 157 -16.30 -40.68 38.51
CA SER C 157 -15.90 -39.29 38.31
C SER C 157 -16.17 -38.92 36.86
N SER C 158 -17.04 -37.93 36.65
CA SER C 158 -17.41 -37.54 35.30
C SER C 158 -16.23 -36.96 34.56
N LYS C 159 -16.00 -37.43 33.35
CA LYS C 159 -14.91 -36.96 32.51
C LYS C 159 -15.31 -35.83 31.59
N GLU C 160 -16.56 -35.38 31.65
CA GLU C 160 -17.05 -34.29 30.82
C GLU C 160 -16.91 -32.98 31.59
N ARG C 161 -16.34 -31.98 30.94
CA ARG C 161 -16.13 -30.68 31.58
C ARG C 161 -17.44 -29.91 31.67
N THR C 162 -17.61 -29.20 32.78
CA THR C 162 -18.66 -28.20 32.93
C THR C 162 -18.01 -26.82 33.02
N ARG C 163 -18.67 -25.83 32.43
CA ARG C 163 -18.09 -24.49 32.41
C ARG C 163 -17.96 -23.88 33.81
N ALA C 164 -18.77 -24.35 34.76
CA ALA C 164 -18.72 -23.83 36.12
C ALA C 164 -18.07 -24.82 37.09
N ASN C 165 -17.42 -25.85 36.57
CA ASN C 165 -16.84 -26.92 37.40
C ASN C 165 -17.88 -27.46 38.37
N LEU C 166 -19.06 -27.77 37.83
CA LEU C 166 -20.17 -28.19 38.66
C LEU C 166 -19.88 -29.54 39.32
N ASP C 167 -20.36 -29.69 40.55
CA ASP C 167 -20.34 -30.95 41.26
C ASP C 167 -21.73 -31.55 41.17
N CYS C 168 -21.87 -32.60 40.36
CA CYS C 168 -23.16 -33.24 40.14
C CYS C 168 -23.25 -34.60 40.84
N ASP C 169 -22.38 -34.85 41.81
CA ASP C 169 -22.54 -36.01 42.68
C ASP C 169 -23.84 -35.89 43.44
N PHE C 170 -24.65 -36.95 43.39
CA PHE C 170 -25.92 -36.94 44.11
C PHE C 170 -25.71 -36.70 45.60
N TRP C 171 -24.63 -37.25 46.15
CA TRP C 171 -24.36 -37.10 47.58
C TRP C 171 -23.94 -35.69 47.94
N SER C 172 -23.44 -34.91 46.98
CA SER C 172 -23.04 -33.53 47.27
C SER C 172 -24.22 -32.65 47.61
N ASP C 173 -25.41 -32.99 47.12
CA ASP C 173 -26.64 -32.26 47.43
C ASP C 173 -27.84 -33.16 47.16
N PRO C 174 -28.11 -34.13 48.03
CA PRO C 174 -29.16 -35.11 47.73
C PRO C 174 -30.57 -34.56 47.92
N LEU C 175 -30.75 -33.65 48.88
CA LEU C 175 -32.08 -33.17 49.22
C LEU C 175 -32.72 -32.36 48.09
N ASP C 176 -31.93 -31.88 47.13
CA ASP C 176 -32.46 -31.10 46.02
C ASP C 176 -32.38 -31.80 44.68
N ILE C 177 -31.37 -32.63 44.45
CA ILE C 177 -31.33 -33.41 43.21
C ILE C 177 -32.48 -34.42 43.19
N LEU C 178 -32.89 -34.90 44.36
CA LEU C 178 -33.99 -35.86 44.43
C LEU C 178 -35.30 -35.24 43.95
N ILE C 179 -35.50 -33.95 44.23
CA ILE C 179 -36.73 -33.27 43.83
C ILE C 179 -36.53 -32.60 42.48
N GLY C 180 -35.60 -33.13 41.68
CA GLY C 180 -35.39 -32.65 40.33
C GLY C 180 -34.50 -31.44 40.19
N ARG C 181 -34.32 -30.65 41.25
CA ARG C 181 -33.51 -29.45 41.19
C ARG C 181 -32.04 -29.84 41.05
N LYS C 182 -31.52 -29.78 39.83
CA LYS C 182 -30.13 -30.03 39.56
C LYS C 182 -29.31 -28.76 39.74
N PRO C 183 -28.00 -28.88 39.94
CA PRO C 183 -27.16 -27.68 40.01
C PRO C 183 -27.16 -26.94 38.67
N VAL C 184 -27.27 -25.62 38.74
CA VAL C 184 -27.36 -24.77 37.57
C VAL C 184 -26.26 -23.71 37.63
N SER C 185 -26.01 -23.07 36.49
CA SER C 185 -24.99 -22.03 36.38
C SER C 185 -25.51 -20.91 35.49
N ALA C 186 -25.16 -19.69 35.85
CA ALA C 186 -25.46 -18.51 35.05
C ALA C 186 -24.16 -17.90 34.55
N HIS C 187 -24.10 -17.57 33.27
CA HIS C 187 -22.89 -17.05 32.63
C HIS C 187 -23.22 -15.72 31.96
N CYS C 188 -22.87 -14.62 32.62
CA CYS C 188 -23.15 -13.28 32.13
C CYS C 188 -21.87 -12.62 31.65
N LEU C 189 -22.01 -11.76 30.66
CA LEU C 189 -20.89 -11.02 30.09
C LEU C 189 -20.81 -9.63 30.70
N THR C 190 -19.64 -9.26 31.19
CA THR C 190 -19.41 -7.95 31.77
C THR C 190 -18.27 -7.25 31.04
N PHE C 191 -18.22 -5.93 31.19
CA PHE C 191 -17.27 -5.09 30.49
C PHE C 191 -16.29 -4.47 31.48
N ASP C 192 -15.02 -4.44 31.08
CA ASP C 192 -14.01 -3.73 31.87
C ASP C 192 -14.33 -2.24 31.87
N PRO C 193 -14.09 -1.53 32.98
CA PRO C 193 -14.33 -0.08 32.98
C PRO C 193 -13.44 0.69 32.02
N GLN C 194 -12.38 0.08 31.48
CA GLN C 194 -11.49 0.74 30.55
C GLN C 194 -11.96 0.49 29.12
N TRP C 195 -12.36 1.56 28.43
CA TRP C 195 -12.78 1.48 27.03
C TRP C 195 -11.71 2.06 26.13
N TYR C 196 -11.82 1.72 24.84
CA TYR C 196 -10.89 2.18 23.82
C TYR C 196 -11.68 2.67 22.61
N SER C 197 -11.21 3.75 22.00
CA SER C 197 -11.80 4.30 20.79
C SER C 197 -11.00 3.85 19.58
N GLY C 198 -11.68 3.33 18.57
CA GLY C 198 -11.03 2.79 17.40
C GLY C 198 -11.19 3.67 16.16
N TYR C 199 -10.08 4.21 15.67
CA TYR C 199 -10.08 5.11 14.52
C TYR C 199 -9.42 4.42 13.35
N GLU C 200 -10.13 4.39 12.22
CA GLU C 200 -9.58 3.83 10.99
C GLU C 200 -8.62 4.83 10.34
N LEU C 201 -7.39 4.39 10.09
CA LEU C 201 -6.40 5.28 9.50
C LEU C 201 -6.71 5.54 8.03
N GLY C 202 -6.08 6.58 7.49
CA GLY C 202 -6.27 6.95 6.10
C GLY C 202 -5.02 6.80 5.26
N ALA C 203 -4.87 7.66 4.26
CA ALA C 203 -3.72 7.63 3.37
C ALA C 203 -2.58 8.47 3.95
N ALA C 204 -1.35 7.98 3.79
CA ALA C 204 -0.19 8.68 4.30
C ALA C 204 0.04 9.98 3.53
N SER C 205 0.37 11.04 4.27
CA SER C 205 0.65 12.35 3.69
C SER C 205 1.96 12.85 4.25
N LEU C 206 2.95 13.03 3.38
CA LEU C 206 4.23 13.59 3.80
C LEU C 206 4.05 15.02 4.25
N GLN C 207 4.60 15.35 5.43
CA GLN C 207 4.44 16.67 6.02
C GLN C 207 5.79 17.18 6.48
N PHE C 208 6.14 18.39 6.02
CA PHE C 208 7.40 19.01 6.39
C PHE C 208 7.31 20.49 6.03
N GLU C 209 8.38 21.22 6.31
CA GLU C 209 8.46 22.64 5.96
C GLU C 209 9.91 23.00 5.73
N ILE C 210 10.21 23.46 4.51
CA ILE C 210 11.55 23.88 4.14
C ILE C 210 11.70 25.36 4.50
N ALA C 211 12.78 25.70 5.20
CA ALA C 211 13.05 27.07 5.63
C ALA C 211 14.16 27.63 4.75
N ILE C 212 13.82 28.63 3.95
CA ILE C 212 14.77 29.27 3.03
C ILE C 212 15.19 30.59 3.66
N THR C 213 16.43 30.63 4.16
CA THR C 213 16.96 31.83 4.78
C THR C 213 17.71 32.65 3.74
N VAL C 214 17.26 33.88 3.52
CA VAL C 214 17.85 34.77 2.53
C VAL C 214 18.25 36.05 3.24
N GLU C 215 19.51 36.45 3.09
CA GLU C 215 20.03 37.66 3.70
C GLU C 215 20.66 38.52 2.63
N VAL C 216 20.15 39.75 2.47
CA VAL C 216 20.67 40.71 1.51
C VAL C 216 21.56 41.70 2.27
N PRO C 217 22.75 42.02 1.78
CA PRO C 217 23.63 42.92 2.52
C PRO C 217 23.31 44.39 2.28
N THR C 218 24.17 45.26 2.79
CA THR C 218 24.07 46.70 2.54
C THR C 218 24.03 46.99 1.04
N GLN C 251 42.71 34.25 0.56
CA GLN C 251 43.06 33.09 1.37
C GLN C 251 41.81 32.40 1.93
N PHE C 252 41.21 32.97 2.96
CA PHE C 252 40.05 32.33 3.57
C PHE C 252 39.04 33.28 4.17
N LEU C 253 39.29 34.58 4.20
CA LEU C 253 38.42 35.51 4.92
C LEU C 253 37.25 35.94 4.04
N SER C 254 36.05 35.92 4.63
CA SER C 254 34.82 36.34 3.95
C SER C 254 33.90 37.01 4.95
N PRO C 255 34.25 38.21 5.40
CA PRO C 255 33.55 38.82 6.54
C PRO C 255 32.18 39.33 6.13
N PRO C 256 31.17 39.17 7.00
CA PRO C 256 29.84 39.68 6.69
C PRO C 256 29.57 41.05 7.29
N ALA C 257 29.32 42.03 6.43
CA ALA C 257 28.90 43.39 6.75
C ALA C 257 27.38 43.47 6.63
N PRO C 258 26.73 44.48 7.23
CA PRO C 258 25.40 44.24 7.81
C PRO C 258 24.41 43.60 6.84
N SER C 259 23.85 42.48 7.27
CA SER C 259 22.85 41.75 6.50
C SER C 259 21.50 41.80 7.20
N THR C 260 20.45 41.58 6.43
CA THR C 260 19.09 41.52 6.94
C THR C 260 18.51 40.17 6.59
N ARG C 261 18.30 39.32 7.60
CA ARG C 261 17.87 37.94 7.36
C ARG C 261 16.37 37.88 7.13
N GLU C 262 15.99 37.17 6.06
CA GLU C 262 14.59 36.92 5.73
C GLU C 262 14.40 35.43 5.52
N VAL C 263 13.33 34.88 6.08
CA VAL C 263 13.08 33.45 6.06
C VAL C 263 11.82 33.17 5.25
N LEU C 264 11.95 32.33 4.23
CA LEU C 264 10.83 31.82 3.46
C LEU C 264 10.45 30.43 3.95
N HIS C 265 9.21 30.04 3.67
CA HIS C 265 8.69 28.76 4.11
C HIS C 265 8.00 28.06 2.95
N LEU C 266 8.52 26.89 2.57
CA LEU C 266 7.94 26.06 1.53
C LEU C 266 7.56 24.69 2.10
N GLY C 267 6.54 24.09 1.50
CA GLY C 267 6.07 22.79 1.93
C GLY C 267 4.97 22.28 1.03
N PRO C 268 4.44 21.08 1.33
CA PRO C 268 3.34 20.57 0.50
C PRO C 268 2.12 21.47 0.50
N SER C 269 1.83 22.11 1.63
CA SER C 269 0.67 23.01 1.71
C SER C 269 0.92 24.31 0.95
N VAL C 270 2.13 24.87 1.09
CA VAL C 270 2.51 26.08 0.37
C VAL C 270 3.77 25.78 -0.42
N PRO C 271 3.66 25.34 -1.67
CA PRO C 271 4.84 24.88 -2.41
C PRO C 271 5.57 25.98 -3.16
N LEU C 272 5.46 27.22 -2.71
CA LEU C 272 6.14 28.33 -3.37
C LEU C 272 6.08 29.56 -2.48
N ALA C 273 7.04 30.46 -2.68
CA ALA C 273 7.11 31.71 -1.94
C ALA C 273 8.11 32.63 -2.64
N SER C 274 7.99 33.92 -2.34
CA SER C 274 8.89 34.94 -2.88
C SER C 274 9.44 35.80 -1.75
N SER C 275 10.65 36.30 -1.95
CA SER C 275 11.33 37.09 -0.93
C SER C 275 10.75 38.50 -0.86
N ALA C 276 11.26 39.29 0.08
CA ALA C 276 10.89 40.70 0.14
C ALA C 276 11.32 41.40 -1.13
N SER C 277 10.54 42.42 -1.51
CA SER C 277 10.65 43.03 -2.85
C SER C 277 10.38 41.90 -3.83
N ARG C 278 11.24 41.67 -4.83
CA ARG C 278 10.98 40.63 -5.83
C ARG C 278 12.26 39.95 -6.30
N LEU C 279 13.25 39.81 -5.41
CA LEU C 279 14.54 39.27 -5.82
C LEU C 279 14.45 37.77 -6.06
N LEU C 280 14.17 37.01 -5.01
CA LEU C 280 14.15 35.55 -5.08
C LEU C 280 12.72 35.04 -5.13
N SER C 281 12.46 34.13 -6.07
CA SER C 281 11.18 33.45 -6.19
C SER C 281 11.44 31.95 -6.19
N ALA C 282 10.90 31.27 -5.18
CA ALA C 282 11.13 29.84 -4.99
C ALA C 282 9.87 29.06 -5.36
N LYS C 283 10.07 27.75 -5.56
CA LYS C 283 8.96 26.85 -5.88
C LYS C 283 9.35 25.44 -5.53
N LEU C 284 8.58 24.79 -4.66
CA LEU C 284 8.80 23.39 -4.31
C LEU C 284 8.15 22.51 -5.37
N LEU C 285 8.97 21.68 -6.03
CA LEU C 285 8.47 20.82 -7.10
C LEU C 285 7.96 19.49 -6.59
N GLY C 286 8.57 18.96 -5.54
CA GLY C 286 8.20 17.65 -5.03
C GLY C 286 9.42 16.86 -4.59
N ASP C 287 9.20 15.71 -3.98
CA ASP C 287 10.28 14.84 -3.54
C ASP C 287 10.53 13.75 -4.56
N LEU C 288 11.66 13.07 -4.40
CA LEU C 288 11.95 11.87 -5.16
C LEU C 288 11.33 10.65 -4.47
N ALA C 289 11.31 9.53 -5.20
CA ALA C 289 10.75 8.31 -4.65
C ALA C 289 11.60 7.81 -3.50
N MET C 290 10.93 7.25 -2.49
CA MET C 290 11.64 6.67 -1.35
C MET C 290 12.09 5.25 -1.69
N TYR C 291 13.29 4.90 -1.24
CA TYR C 291 13.83 3.59 -1.57
C TYR C 291 13.17 2.49 -0.76
N THR C 292 12.90 2.74 0.52
CA THR C 292 12.16 1.84 1.39
C THR C 292 10.79 2.47 1.63
N GLN C 293 9.74 1.81 1.13
CA GLN C 293 8.40 2.38 1.19
C GLN C 293 7.90 2.42 2.64
N LEU C 294 6.83 3.18 2.85
CA LEU C 294 6.25 3.30 4.17
C LEU C 294 5.52 2.02 4.56
N PRO C 295 5.37 1.74 5.84
CA PRO C 295 4.61 0.56 6.27
C PRO C 295 3.14 0.69 5.91
N ALA C 296 2.58 -0.41 5.41
CA ALA C 296 1.20 -0.44 4.93
C ALA C 296 0.26 -0.60 6.12
N ILE C 297 -0.09 0.52 6.73
CA ILE C 297 -1.00 0.54 7.88
C ILE C 297 -2.26 1.35 7.55
N SER C 298 -2.53 1.57 6.26
CA SER C 298 -3.61 2.48 5.89
C SER C 298 -4.98 1.95 6.26
N ASN C 299 -5.18 0.64 6.20
CA ASN C 299 -6.49 0.04 6.45
C ASN C 299 -6.59 -0.59 7.83
N GLN C 300 -5.72 -0.22 8.76
CA GLN C 300 -5.77 -0.73 10.11
C GLN C 300 -6.54 0.24 11.00
N VAL C 301 -6.80 -0.19 12.24
CA VAL C 301 -7.63 0.56 13.18
C VAL C 301 -6.80 0.92 14.39
N LEU C 302 -6.71 2.21 14.68
CA LEU C 302 -5.91 2.71 15.79
C LEU C 302 -6.76 2.70 17.06
N MET C 303 -6.25 2.04 18.10
CA MET C 303 -6.95 1.94 19.37
C MET C 303 -6.37 2.97 20.33
N VAL C 304 -7.22 3.86 20.83
CA VAL C 304 -6.82 4.94 21.73
C VAL C 304 -7.61 4.76 23.03
N PRO C 305 -6.95 4.75 24.18
CA PRO C 305 -7.68 4.61 25.45
C PRO C 305 -8.69 5.74 25.66
N GLN C 306 -9.93 5.36 25.87
CA GLN C 306 -10.99 6.32 26.11
C GLN C 306 -10.86 6.90 27.52
N PRO C 307 -10.60 8.19 27.68
CA PRO C 307 -10.42 8.76 29.02
C PRO C 307 -11.74 8.80 29.78
N PRO C 308 -11.70 8.82 31.12
CA PRO C 308 -12.92 8.86 31.93
C PRO C 308 -13.61 10.22 31.88
N ASP C 319 2.81 3.22 40.28
CA ASP C 319 2.73 2.65 38.95
C ASP C 319 1.58 3.26 38.15
N ALA C 320 1.93 4.14 37.22
CA ALA C 320 0.95 4.83 36.38
C ALA C 320 1.32 4.62 34.92
N LEU C 321 0.31 4.67 34.06
CA LEU C 321 0.53 4.44 32.64
C LEU C 321 1.32 5.61 32.03
N ALA C 322 2.12 5.29 31.03
CA ALA C 322 2.86 6.33 30.32
C ALA C 322 1.90 7.16 29.48
N THR C 323 2.23 8.43 29.32
CA THR C 323 1.33 9.38 28.68
C THR C 323 1.35 9.22 27.17
N ASN C 324 0.45 9.95 26.52
CA ASN C 324 0.37 10.11 25.05
C ASN C 324 0.10 8.74 24.43
N ARG C 325 0.81 8.35 23.38
CA ARG C 325 0.49 7.19 22.56
C ARG C 325 1.18 5.91 23.04
N SER C 326 1.69 5.90 24.27
CA SER C 326 2.40 4.71 24.75
C SER C 326 1.45 3.52 24.88
N ALA C 327 0.20 3.77 25.26
CA ALA C 327 -0.79 2.72 25.41
C ALA C 327 -1.62 2.50 24.16
N TRP C 328 -1.27 3.16 23.05
CA TRP C 328 -2.04 3.02 21.82
C TRP C 328 -1.69 1.70 21.12
N MET C 329 -2.61 1.26 20.26
CA MET C 329 -2.44 0.02 19.51
C MET C 329 -3.01 0.22 18.11
N LEU C 330 -2.51 -0.58 17.18
CA LEU C 330 -2.89 -0.48 15.77
C LEU C 330 -3.07 -1.89 15.24
N LEU C 331 -4.31 -2.24 14.89
CA LEU C 331 -4.70 -3.62 14.66
C LEU C 331 -5.22 -3.82 13.25
N ASP C 332 -4.96 -5.01 12.70
CA ASP C 332 -5.57 -5.42 11.45
C ASP C 332 -7.03 -5.76 11.68
N LYS C 333 -7.84 -5.55 10.64
CA LYS C 333 -9.28 -5.79 10.74
C LYS C 333 -9.64 -7.26 10.92
N THR C 334 -8.70 -8.18 10.73
CA THR C 334 -8.96 -9.59 11.01
C THR C 334 -8.93 -9.91 12.50
N MET C 335 -8.53 -8.96 13.34
CA MET C 335 -8.56 -9.10 14.79
C MET C 335 -9.84 -8.55 15.40
N LEU C 336 -10.72 -7.98 14.58
CA LEU C 336 -11.88 -7.25 15.08
C LEU C 336 -13.16 -7.91 14.61
N SER C 337 -14.22 -7.66 15.39
CA SER C 337 -15.59 -7.99 15.01
C SER C 337 -16.40 -6.71 15.10
N MET C 338 -16.75 -6.16 13.93
CA MET C 338 -17.48 -4.88 13.92
C MET C 338 -18.90 -5.06 14.43
N ASP C 339 -19.62 -6.04 13.87
CA ASP C 339 -20.96 -6.37 14.34
C ASP C 339 -20.95 -7.08 15.69
N GLY C 340 -19.80 -7.56 16.14
CA GLY C 340 -19.71 -8.25 17.41
C GLY C 340 -20.22 -9.67 17.40
N LEU C 341 -20.49 -10.24 16.22
CA LEU C 341 -21.09 -11.55 16.10
C LEU C 341 -20.06 -12.68 15.96
N ALA C 342 -18.79 -12.40 16.21
CA ALA C 342 -17.73 -13.38 16.08
C ALA C 342 -17.00 -13.54 17.42
N CYS C 343 -16.51 -14.75 17.66
CA CYS C 343 -15.85 -15.07 18.92
C CYS C 343 -14.36 -14.81 18.85
N ASP C 344 -13.77 -14.56 20.02
CA ASP C 344 -12.32 -14.43 20.18
C ASP C 344 -11.74 -13.32 19.33
N LYS C 345 -12.52 -12.23 19.17
CA LYS C 345 -12.08 -11.06 18.44
C LYS C 345 -12.27 -9.82 19.30
N VAL C 346 -11.59 -8.75 18.92
CA VAL C 346 -11.78 -7.47 19.58
C VAL C 346 -13.17 -6.96 19.23
N GLY C 347 -14.00 -6.73 20.24
CA GLY C 347 -15.36 -6.30 20.03
C GLY C 347 -16.37 -7.43 19.92
N THR C 348 -16.08 -8.59 20.49
CA THR C 348 -17.06 -9.66 20.53
C THR C 348 -18.28 -9.23 21.34
N GLY C 349 -19.47 -9.48 20.80
CA GLY C 349 -20.70 -8.98 21.37
C GLY C 349 -21.48 -10.03 22.14
N PHE C 350 -22.70 -9.64 22.52
CA PHE C 350 -23.54 -10.51 23.34
C PHE C 350 -24.01 -11.73 22.56
N SER C 351 -24.38 -11.55 21.28
CA SER C 351 -24.89 -12.66 20.49
C SER C 351 -23.82 -13.73 20.27
N ALA C 352 -22.56 -13.32 20.15
CA ALA C 352 -21.49 -14.31 19.97
C ALA C 352 -21.24 -15.09 21.24
N PHE C 353 -21.31 -14.42 22.40
CA PHE C 353 -21.04 -15.07 23.67
C PHE C 353 -22.20 -15.96 24.12
N ARG C 354 -23.44 -15.59 23.78
CA ARG C 354 -24.59 -16.35 24.23
C ARG C 354 -24.79 -17.61 23.40
N TYR C 355 -24.55 -17.55 22.10
CA TYR C 355 -24.85 -18.65 21.19
C TYR C 355 -23.59 -19.37 20.71
N GLN C 356 -22.55 -19.44 21.53
CA GLN C 356 -21.37 -20.18 21.16
C GLN C 356 -21.67 -21.67 21.21
N PRO C 357 -21.28 -22.45 20.19
CA PRO C 357 -21.68 -23.86 20.14
C PRO C 357 -21.03 -24.66 21.28
N SER C 358 -21.85 -25.47 21.93
CA SER C 358 -21.42 -26.27 23.08
C SER C 358 -20.82 -25.39 24.18
N GLY C 359 -21.42 -24.21 24.36
CA GLY C 359 -20.85 -23.24 25.28
C GLY C 359 -20.74 -23.74 26.70
N CYS C 360 -21.75 -24.50 27.16
CA CYS C 360 -21.71 -25.02 28.52
C CYS C 360 -20.67 -26.13 28.68
N GLY C 361 -20.26 -26.75 27.58
CA GLY C 361 -19.23 -27.77 27.60
C GLY C 361 -17.82 -27.26 27.44
N ARG C 362 -17.64 -25.96 27.28
CA ARG C 362 -16.32 -25.36 27.10
C ARG C 362 -15.83 -24.75 28.41
N ALA C 363 -14.55 -24.36 28.41
CA ALA C 363 -13.92 -23.80 29.58
C ALA C 363 -14.48 -22.40 29.88
N PRO C 364 -14.27 -21.90 31.10
CA PRO C 364 -14.62 -20.51 31.38
C PRO C 364 -13.81 -19.56 30.51
N GLN C 365 -14.38 -18.37 30.29
CA GLN C 365 -13.77 -17.30 29.51
C GLN C 365 -13.59 -17.67 28.04
N ALA C 366 -14.19 -18.76 27.58
CA ALA C 366 -14.13 -19.11 26.17
C ALA C 366 -14.85 -18.04 25.35
N CYS C 367 -14.41 -17.90 24.09
CA CYS C 367 -14.94 -16.93 23.14
C CYS C 367 -14.51 -15.51 23.51
N LEU C 368 -13.89 -15.35 24.68
CA LEU C 368 -13.47 -14.05 25.18
C LEU C 368 -11.97 -13.83 25.09
N SER C 369 -11.28 -14.60 24.24
CA SER C 369 -9.86 -14.41 24.04
C SER C 369 -9.63 -13.36 22.95
N GLY C 370 -8.36 -13.05 22.70
CA GLY C 370 -8.00 -12.11 21.64
C GLY C 370 -8.53 -10.71 21.85
N GLN C 371 -8.68 -10.28 23.10
CA GLN C 371 -9.16 -8.93 23.39
C GLN C 371 -7.97 -7.98 23.50
N LEU C 372 -8.28 -6.68 23.58
CA LEU C 372 -7.24 -5.66 23.63
C LEU C 372 -6.26 -5.92 24.76
N LYS C 373 -6.76 -6.40 25.91
CA LYS C 373 -5.86 -6.75 27.00
C LYS C 373 -5.02 -7.96 26.67
N ASP C 374 -5.57 -8.91 25.91
CA ASP C 374 -4.82 -10.11 25.56
C ASP C 374 -3.72 -9.77 24.55
N LEU C 375 -4.05 -9.01 23.52
CA LEU C 375 -3.07 -8.63 22.52
C LEU C 375 -1.96 -7.79 23.14
N TRP C 376 -2.31 -6.92 24.09
CA TRP C 376 -1.30 -6.12 24.78
C TRP C 376 -0.35 -7.01 25.58
N GLU C 377 -0.91 -7.87 26.44
CA GLU C 377 -0.06 -8.75 27.25
C GLU C 377 0.76 -9.69 26.38
N ALA C 378 0.25 -10.05 25.20
CA ALA C 378 1.02 -10.91 24.30
C ALA C 378 2.22 -10.17 23.72
N ASP C 379 2.05 -8.91 23.34
CA ASP C 379 3.16 -8.15 22.77
C ASP C 379 4.23 -7.89 23.82
N LEU C 380 3.83 -7.61 25.06
CA LEU C 380 4.81 -7.44 26.13
C LEU C 380 5.65 -8.70 26.31
N ALA C 381 5.06 -9.87 26.08
CA ALA C 381 5.83 -11.10 26.13
C ALA C 381 6.83 -11.18 24.99
N ARG C 382 6.45 -10.70 23.80
CA ARG C 382 7.37 -10.68 22.67
C ARG C 382 8.56 -9.78 22.96
N ILE C 383 8.35 -8.69 23.70
CA ILE C 383 9.45 -7.79 24.03
C ILE C 383 10.46 -8.50 24.93
N ALA C 384 9.98 -9.27 25.91
CA ALA C 384 10.86 -9.99 26.81
C ALA C 384 11.62 -11.11 26.12
N ASP C 385 11.19 -11.51 24.91
CA ASP C 385 11.86 -12.56 24.16
C ASP C 385 12.68 -12.00 23.00
N GLY C 386 13.00 -10.71 23.04
CA GLY C 386 13.78 -10.09 21.99
C GLY C 386 13.08 -9.96 20.66
N ARG C 387 11.76 -10.15 20.62
CA ARG C 387 11.00 -10.03 19.38
C ARG C 387 10.24 -8.71 19.36
N VAL C 388 9.69 -8.38 18.20
CA VAL C 388 9.06 -7.08 17.95
C VAL C 388 7.56 -7.23 18.17
N PRO C 389 6.92 -6.29 18.88
CA PRO C 389 5.45 -6.29 18.97
C PRO C 389 4.74 -6.35 17.64
N LEU C 390 3.49 -6.79 17.65
CA LEU C 390 2.67 -6.88 16.45
C LEU C 390 1.46 -5.96 16.47
N TYR C 391 1.16 -5.34 17.61
CA TYR C 391 -0.06 -4.54 17.72
C TYR C 391 0.24 -3.17 18.30
N MET C 392 1.24 -3.08 19.17
CA MET C 392 1.64 -1.78 19.71
C MET C 392 2.24 -0.93 18.60
N ILE C 393 1.91 0.38 18.62
CA ILE C 393 2.39 1.27 17.59
C ILE C 393 3.89 1.51 17.67
N THR C 394 4.53 1.09 18.76
CA THR C 394 5.97 1.21 18.89
C THR C 394 6.73 0.15 18.08
N ARG C 395 6.01 -0.75 17.39
CA ARG C 395 6.69 -1.71 16.52
C ARG C 395 7.30 -1.04 15.30
N PHE C 396 7.04 0.25 15.08
CA PHE C 396 7.70 1.02 14.03
C PHE C 396 8.82 1.90 14.55
N THR C 397 8.66 2.42 15.77
CA THR C 397 9.69 3.27 16.35
C THR C 397 10.97 2.48 16.64
N GLY C 398 10.83 1.24 17.10
CA GLY C 398 11.97 0.41 17.42
C GLY C 398 12.22 0.21 18.89
N GLY C 399 11.38 0.75 19.77
CA GLY C 399 11.54 0.51 21.18
C GLY C 399 11.06 1.59 22.11
N SER C 400 11.24 2.86 21.74
CA SER C 400 10.93 3.98 22.62
C SER C 400 9.76 4.79 22.06
N ASP C 401 8.88 5.23 22.95
CA ASP C 401 7.75 6.07 22.58
C ASP C 401 8.15 7.54 22.44
N THR C 402 9.31 7.92 22.99
CA THR C 402 9.72 9.32 22.95
C THR C 402 9.87 9.83 21.52
N THR C 403 10.16 8.94 20.57
CA THR C 403 10.31 9.36 19.19
C THR C 403 9.00 9.77 18.55
N LEU C 404 7.86 9.41 19.15
CA LEU C 404 6.55 9.75 18.61
C LEU C 404 5.91 10.97 19.26
N GLN C 405 6.52 11.51 20.31
CA GLN C 405 6.01 12.72 20.95
C GLN C 405 6.64 13.99 20.40
N SER C 406 7.66 13.86 19.54
CA SER C 406 8.21 15.02 18.83
C SER C 406 7.28 15.52 17.74
N PHE C 407 6.22 14.79 17.44
CA PHE C 407 5.25 15.22 16.45
C PHE C 407 4.52 16.47 16.93
N SER C 408 4.06 17.28 15.96
CA SER C 408 3.42 18.56 16.25
C SER C 408 1.93 18.55 15.95
N GLY C 409 1.33 17.38 15.76
CA GLY C 409 -0.08 17.30 15.48
C GLY C 409 -0.94 17.40 16.72
N GLY C 410 -2.26 17.36 16.51
CA GLY C 410 -3.19 17.45 17.58
C GLY C 410 -3.20 16.20 18.45
N PRO C 411 -4.04 16.22 19.49
CA PRO C 411 -4.09 15.06 20.39
C PRO C 411 -4.57 13.79 19.70
N LEU C 412 -5.46 13.91 18.72
CA LEU C 412 -5.98 12.76 17.98
C LEU C 412 -5.35 12.73 16.58
N SER C 413 -4.08 12.37 16.54
CA SER C 413 -3.35 12.27 15.28
C SER C 413 -2.32 11.15 15.42
N PHE C 414 -1.85 10.66 14.27
CA PHE C 414 -0.88 9.58 14.26
C PHE C 414 0.08 9.79 13.11
N ALA C 415 1.37 9.65 13.39
CA ALA C 415 2.39 9.88 12.38
C ALA C 415 3.65 9.12 12.75
N LEU C 416 4.34 8.59 11.74
CA LEU C 416 5.61 7.91 11.93
C LEU C 416 6.76 8.73 11.35
N PRO C 417 7.92 8.74 12.01
CA PRO C 417 9.07 9.50 11.48
C PRO C 417 9.68 8.79 10.29
N VAL C 418 9.75 9.48 9.16
CA VAL C 418 10.29 8.90 7.93
C VAL C 418 11.81 8.86 8.02
N THR C 419 12.39 7.69 7.77
CA THR C 419 13.84 7.52 7.78
C THR C 419 14.43 7.27 6.40
N SER C 420 13.62 6.92 5.42
CA SER C 420 14.11 6.73 4.06
C SER C 420 14.49 8.07 3.45
N HIS C 421 15.32 8.02 2.41
CA HIS C 421 15.73 9.23 1.71
C HIS C 421 14.55 9.80 0.94
N SER C 422 14.29 11.09 1.15
CA SER C 422 13.23 11.81 0.44
C SER C 422 13.80 13.16 0.01
N GLN C 423 14.43 13.19 -1.16
CA GLN C 423 15.08 14.40 -1.66
C GLN C 423 14.03 15.28 -2.32
N SER C 424 13.76 16.44 -1.74
CA SER C 424 12.82 17.39 -2.30
C SER C 424 13.56 18.35 -3.22
N LEU C 425 12.98 18.61 -4.39
CA LEU C 425 13.59 19.44 -5.42
C LEU C 425 13.04 20.85 -5.34
N VAL C 426 13.93 21.83 -5.19
CA VAL C 426 13.57 23.23 -5.07
C VAL C 426 14.25 24.01 -6.19
N THR C 427 13.51 24.94 -6.80
CA THR C 427 14.02 25.76 -7.90
C THR C 427 14.10 27.21 -7.43
N LEU C 428 15.30 27.76 -7.47
CA LEU C 428 15.54 29.15 -7.09
C LEU C 428 15.80 29.97 -8.34
N SER C 429 15.17 31.14 -8.43
CA SER C 429 15.31 32.04 -9.57
C SER C 429 15.54 33.44 -9.04
N VAL C 430 16.79 33.90 -9.08
CA VAL C 430 17.19 35.17 -8.50
C VAL C 430 17.50 36.16 -9.60
N ALA C 431 17.15 37.42 -9.37
CA ALA C 431 17.49 38.51 -10.29
C ALA C 431 18.90 39.01 -9.96
N ALA C 432 19.87 38.12 -10.18
CA ALA C 432 21.27 38.42 -9.88
C ALA C 432 22.12 37.39 -10.60
N ASP C 433 22.90 37.84 -11.59
CA ASP C 433 23.69 36.93 -12.42
C ASP C 433 25.03 36.67 -11.76
N GLY C 434 25.34 35.39 -11.55
CA GLY C 434 26.50 34.97 -10.79
C GLY C 434 26.09 34.18 -9.56
N VAL C 435 26.59 32.95 -9.42
CA VAL C 435 26.17 32.07 -8.34
C VAL C 435 27.37 31.25 -7.88
N ARG C 436 27.36 30.89 -6.59
CA ARG C 436 28.47 30.14 -6.00
C ARG C 436 27.94 29.33 -4.82
N LEU C 437 28.48 28.13 -4.66
CA LEU C 437 28.09 27.22 -3.59
C LEU C 437 29.18 27.18 -2.53
N VAL C 438 28.80 27.45 -1.28
CA VAL C 438 29.72 27.47 -0.15
C VAL C 438 29.25 26.42 0.84
N THR C 439 30.00 25.33 0.96
CA THR C 439 29.64 24.19 1.78
C THR C 439 30.68 23.98 2.88
N ASN C 440 30.20 23.69 4.09
CA ASN C 440 31.07 23.42 5.23
C ASN C 440 31.46 21.95 5.26
N ARG C 441 32.75 21.68 5.45
CA ARG C 441 33.27 20.32 5.62
C ARG C 441 33.90 20.22 7.00
N SER C 442 33.31 19.42 7.87
CA SER C 442 33.85 19.17 9.19
C SER C 442 34.06 17.68 9.37
N PRO C 443 35.21 17.24 9.87
CA PRO C 443 35.43 15.81 10.08
C PRO C 443 34.55 15.26 11.18
N GLY C 444 34.41 13.94 11.18
CA GLY C 444 33.58 13.26 12.16
C GLY C 444 34.21 11.96 12.59
N LYS C 445 33.69 11.42 13.69
CA LYS C 445 34.15 10.16 14.23
C LYS C 445 32.96 9.34 14.70
N ILE C 446 32.94 8.06 14.35
CA ILE C 446 31.94 7.14 14.87
C ILE C 446 32.32 6.81 16.30
N THR C 447 31.57 7.35 17.26
CA THR C 447 31.87 7.21 18.67
C THR C 447 31.15 6.04 19.33
N GLY C 448 30.55 5.16 18.54
CA GLY C 448 29.87 4.00 19.10
C GLY C 448 28.87 3.39 18.14
N ALA C 449 28.85 2.07 18.05
CA ALA C 449 27.90 1.36 17.20
C ALA C 449 27.68 -0.03 17.79
N ALA C 450 26.41 -0.43 17.91
CA ALA C 450 26.07 -1.73 18.48
C ALA C 450 24.69 -2.14 17.98
N VAL C 451 24.47 -3.46 17.97
CA VAL C 451 23.19 -4.03 17.57
C VAL C 451 22.43 -4.43 18.84
N CYS C 452 21.19 -3.98 18.95
CA CYS C 452 20.37 -4.22 20.13
C CYS C 452 19.00 -4.71 19.72
N ARG C 453 18.40 -5.51 20.60
CA ARG C 453 17.06 -6.02 20.36
C ARG C 453 16.03 -4.90 20.50
N PHE C 454 14.76 -5.26 20.33
CA PHE C 454 13.69 -4.28 20.47
C PHE C 454 13.69 -3.70 21.88
N ALA C 455 13.59 -2.38 21.96
CA ALA C 455 13.57 -1.61 23.21
C ALA C 455 14.85 -1.77 24.02
N GLY C 456 15.90 -2.32 23.42
CA GLY C 456 17.17 -2.44 24.14
C GLY C 456 17.12 -3.35 25.34
N THR C 457 16.34 -4.43 25.27
CA THR C 457 16.32 -5.38 26.37
C THR C 457 17.66 -6.08 26.52
N SER C 458 18.41 -6.20 25.43
CA SER C 458 19.76 -6.75 25.44
C SER C 458 20.41 -6.43 24.10
N CYS C 459 21.70 -6.14 24.13
CA CYS C 459 22.45 -5.79 22.93
C CYS C 459 23.45 -6.89 22.59
N GLY C 460 23.96 -6.83 21.36
CA GLY C 460 24.90 -7.80 20.85
C GLY C 460 24.35 -8.63 19.70
N GLY C 461 23.04 -8.81 19.64
CA GLY C 461 22.45 -9.59 18.58
C GLY C 461 20.96 -9.80 18.82
N PHE C 462 20.36 -10.55 17.90
CA PHE C 462 18.92 -10.79 17.91
C PHE C 462 18.66 -12.21 17.43
N GLU C 463 17.38 -12.56 17.33
CA GLU C 463 16.96 -13.87 16.84
C GLU C 463 16.75 -13.78 15.34
N ALA C 464 17.29 -14.77 14.61
CA ALA C 464 17.54 -14.67 13.17
C ALA C 464 16.36 -14.12 12.37
N VAL C 465 15.29 -14.89 12.25
CA VAL C 465 14.17 -14.49 11.41
C VAL C 465 12.94 -14.09 12.22
N ALA C 466 12.75 -14.67 13.41
CA ALA C 466 11.64 -14.25 14.26
C ALA C 466 11.82 -12.82 14.75
N ALA C 467 13.05 -12.37 14.91
CA ALA C 467 13.35 -11.05 15.44
C ALA C 467 14.20 -10.26 14.47
N ARG C 468 14.47 -9.00 14.82
CA ARG C 468 15.37 -8.14 14.08
C ARG C 468 16.17 -7.30 15.06
N GLY C 469 17.32 -6.81 14.59
CA GLY C 469 18.17 -5.96 15.39
C GLY C 469 18.00 -4.49 15.06
N TYR C 470 18.53 -3.65 15.94
CA TYR C 470 18.47 -2.20 15.78
C TYR C 470 19.86 -1.62 16.01
N ILE C 471 20.33 -0.84 15.06
CA ILE C 471 21.70 -0.33 15.05
C ILE C 471 21.69 1.09 15.60
N TYR C 472 22.20 1.26 16.80
CA TYR C 472 22.41 2.58 17.39
C TYR C 472 23.84 3.03 17.08
N VAL C 473 23.98 4.18 16.43
CA VAL C 473 25.28 4.70 16.03
C VAL C 473 25.48 6.08 16.63
N ASN C 474 26.62 6.26 17.30
CA ASN C 474 27.00 7.54 17.89
C ASN C 474 28.10 8.16 17.05
N ILE C 475 27.87 9.39 16.58
CA ILE C 475 28.88 10.14 15.86
C ILE C 475 29.08 11.48 16.56
N THR C 476 30.23 12.10 16.27
CA THR C 476 30.59 13.37 16.89
C THR C 476 31.26 14.27 15.86
N ASN C 477 30.75 15.50 15.73
CA ASN C 477 31.36 16.50 14.86
C ASN C 477 32.64 17.01 15.50
N THR C 478 33.78 16.70 14.90
CA THR C 478 35.07 17.11 15.42
C THR C 478 35.55 18.45 14.86
N GLY C 479 34.82 19.03 13.91
CA GLY C 479 35.17 20.32 13.35
C GLY C 479 34.58 21.47 14.16
N ARG C 480 34.89 22.69 13.69
CA ARG C 480 34.38 23.90 14.31
C ARG C 480 33.19 24.48 13.56
N LEU C 481 32.62 23.73 12.63
CA LEU C 481 31.48 24.19 11.83
C LEU C 481 30.41 23.09 11.81
N ASP C 482 29.19 23.50 11.49
CA ASP C 482 28.08 22.56 11.37
C ASP C 482 28.10 21.95 9.97
N SER C 483 28.46 20.67 9.89
CA SER C 483 28.55 19.98 8.61
C SER C 483 27.55 18.84 8.56
N ASP C 484 27.19 18.46 7.34
CA ASP C 484 26.31 17.33 7.10
C ASP C 484 27.14 16.06 6.96
N TYR C 485 26.52 14.92 7.27
CA TYR C 485 27.21 13.64 7.23
C TYR C 485 26.29 12.60 6.60
N THR C 486 26.90 11.53 6.10
CA THR C 486 26.18 10.38 5.57
C THR C 486 26.68 9.13 6.27
N LEU C 487 25.74 8.32 6.76
CA LEU C 487 26.05 7.12 7.50
C LEU C 487 25.58 5.92 6.69
N THR C 488 26.52 5.03 6.36
CA THR C 488 26.23 3.89 5.49
C THR C 488 26.66 2.59 6.16
N VAL C 489 25.92 1.53 5.86
CA VAL C 489 26.26 0.17 6.26
C VAL C 489 26.41 -0.64 4.98
N SER C 490 27.62 -1.16 4.73
CA SER C 490 27.90 -1.83 3.48
C SER C 490 28.94 -2.92 3.71
N ASN C 491 29.18 -3.70 2.66
CA ASN C 491 30.07 -4.85 2.68
C ASN C 491 29.83 -5.73 3.90
N CYS C 492 28.58 -6.17 4.04
CA CYS C 492 28.20 -7.06 5.12
C CYS C 492 28.59 -8.49 4.80
N SER C 493 28.46 -9.35 5.80
CA SER C 493 28.66 -10.77 5.58
C SER C 493 27.49 -11.35 4.78
N SER C 494 27.55 -12.65 4.53
CA SER C 494 26.56 -13.30 3.68
C SER C 494 25.19 -13.32 4.35
N ASN C 495 24.14 -13.26 3.52
CA ASN C 495 22.75 -13.40 3.94
C ASN C 495 22.33 -12.31 4.92
N VAL C 496 22.91 -11.12 4.80
CA VAL C 496 22.53 -9.96 5.61
C VAL C 496 21.80 -8.98 4.71
N ARG C 497 20.66 -8.47 5.19
CA ARG C 497 19.83 -7.61 4.36
C ARG C 497 20.47 -6.23 4.23
N PRO C 498 20.46 -5.65 3.03
CA PRO C 498 21.04 -4.31 2.86
C PRO C 498 20.22 -3.25 3.57
N ILE C 499 20.92 -2.22 4.06
CA ILE C 499 20.31 -1.12 4.81
C ILE C 499 20.54 0.17 4.05
N GLU C 500 19.49 0.98 3.91
CA GLU C 500 19.62 2.28 3.26
C GLU C 500 20.37 3.25 4.17
N ALA C 501 21.16 4.12 3.55
CA ALA C 501 21.97 5.07 4.29
C ALA C 501 21.10 6.14 4.95
N ARG C 502 21.65 6.76 5.99
CA ARG C 502 21.00 7.84 6.70
C ARG C 502 21.94 9.03 6.78
N THR C 503 21.35 10.22 6.88
CA THR C 503 22.10 11.47 6.92
C THR C 503 21.88 12.17 8.24
N LEU C 504 22.94 12.71 8.81
CA LEU C 504 22.89 13.42 10.09
C LEU C 504 23.52 14.80 9.94
N ALA C 505 22.76 15.83 10.34
CA ALA C 505 23.28 17.19 10.43
C ALA C 505 23.66 17.44 11.88
N VAL C 506 24.96 17.56 12.14
CA VAL C 506 25.50 17.66 13.49
C VAL C 506 26.08 19.04 13.69
N ARG C 507 25.70 19.69 14.78
CA ARG C 507 26.28 20.97 15.15
C ARG C 507 27.76 20.78 15.51
N ALA C 508 28.50 21.88 15.44
CA ALA C 508 29.93 21.83 15.68
C ALA C 508 30.23 21.39 17.10
N GLY C 509 31.20 20.48 17.24
CA GLY C 509 31.58 19.98 18.54
C GLY C 509 30.53 19.18 19.27
N SER C 510 29.41 18.90 18.62
CA SER C 510 28.31 18.17 19.23
C SER C 510 28.30 16.72 18.77
N ALA C 511 27.68 15.88 19.58
CA ALA C 511 27.49 14.47 19.25
C ALA C 511 26.04 14.25 18.82
N ALA C 512 25.86 13.34 17.86
CA ALA C 512 24.54 12.99 17.37
C ALA C 512 24.40 11.48 17.38
N SER C 513 23.16 11.01 17.23
CA SER C 513 22.87 9.59 17.24
C SER C 513 21.70 9.30 16.32
N LEU C 514 21.70 8.11 15.74
CA LEU C 514 20.60 7.70 14.87
C LEU C 514 19.34 7.47 15.69
N ASP C 515 18.27 8.18 15.33
CA ASP C 515 16.99 8.01 16.02
C ASP C 515 15.85 8.28 15.05
N PRO C 516 15.02 7.29 14.72
CA PRO C 516 15.13 5.91 15.23
C PRO C 516 16.26 5.12 14.56
N PRO C 517 16.80 4.12 15.27
CA PRO C 517 17.93 3.37 14.73
C PRO C 517 17.57 2.58 13.48
N MET C 518 18.60 2.09 12.81
CA MET C 518 18.43 1.30 11.60
C MET C 518 17.97 -0.11 11.97
N GLU C 519 17.01 -0.61 11.21
CA GLU C 519 16.53 -1.98 11.40
C GLU C 519 17.40 -2.95 10.63
N LEU C 520 17.82 -4.02 11.29
CA LEU C 520 18.75 -4.99 10.72
C LEU C 520 18.12 -6.36 10.70
N TYR C 521 18.12 -6.98 9.52
CA TYR C 521 17.59 -8.33 9.32
C TYR C 521 18.70 -9.25 8.81
N VAL C 522 18.42 -10.55 8.86
CA VAL C 522 19.25 -11.58 8.26
C VAL C 522 18.36 -12.52 7.49
N GLU C 523 18.84 -12.97 6.33
CA GLU C 523 18.02 -13.71 5.37
C GLU C 523 18.25 -15.22 5.44
N ASP C 524 18.72 -15.73 6.58
CA ASP C 524 18.79 -17.16 6.81
C ASP C 524 18.45 -17.44 8.27
N GLN C 525 18.19 -18.72 8.57
CA GLN C 525 17.74 -19.12 9.89
C GLN C 525 18.84 -19.73 10.76
N ALA C 526 20.08 -19.75 10.27
CA ALA C 526 21.16 -20.32 11.06
C ALA C 526 21.53 -19.39 12.21
N ALA C 527 22.43 -19.87 13.06
CA ALA C 527 22.89 -19.14 14.23
C ALA C 527 24.40 -18.92 14.12
N ALA C 528 24.80 -17.66 13.96
CA ALA C 528 26.20 -17.30 13.78
C ALA C 528 26.69 -16.50 14.99
N ALA C 529 27.97 -16.70 15.33
CA ALA C 529 28.54 -16.07 16.50
C ALA C 529 29.04 -14.66 16.24
N ALA C 530 29.40 -14.33 15.00
CA ALA C 530 29.94 -13.02 14.69
C ALA C 530 29.73 -12.63 13.24
N ARG C 531 28.54 -12.13 12.92
CA ARG C 531 28.30 -11.55 11.60
C ARG C 531 28.80 -10.12 11.55
N THR C 532 29.43 -9.76 10.44
CA THR C 532 30.15 -8.51 10.33
C THR C 532 29.50 -7.59 9.30
N CYS C 533 29.59 -6.29 9.59
CA CYS C 533 29.20 -5.24 8.65
C CYS C 533 30.12 -4.05 8.88
N THR C 534 30.26 -3.23 7.83
CA THR C 534 31.14 -2.07 7.86
C THR C 534 30.29 -0.81 7.92
N VAL C 535 30.48 -0.03 8.98
CA VAL C 535 29.78 1.24 9.16
C VAL C 535 30.75 2.36 8.78
N SER C 536 30.37 3.17 7.80
CA SER C 536 31.22 4.23 7.28
C SER C 536 30.57 5.59 7.53
N LEU C 537 31.38 6.58 7.88
CA LEU C 537 30.93 7.94 8.13
C LEU C 537 31.51 8.84 7.04
N TYR C 538 30.63 9.42 6.23
CA TYR C 538 31.02 10.34 5.18
C TYR C 538 30.77 11.78 5.64
N ASP C 539 31.73 12.66 5.36
CA ASP C 539 31.52 14.09 5.55
C ASP C 539 30.80 14.63 4.32
N SER C 540 30.68 15.96 4.23
CA SER C 540 30.11 16.55 3.03
C SER C 540 31.07 16.33 1.86
N VAL C 541 30.49 16.29 0.65
CA VAL C 541 31.22 16.06 -0.60
C VAL C 541 31.93 14.71 -0.55
N GLY C 542 31.33 13.76 0.16
CA GLY C 542 31.66 12.35 0.00
C GLY C 542 33.07 11.89 0.30
N ALA C 543 33.59 12.20 1.48
CA ALA C 543 34.87 11.67 1.94
C ALA C 543 34.66 10.90 3.23
N VAL C 544 35.40 9.80 3.38
CA VAL C 544 35.26 8.94 4.56
C VAL C 544 36.14 9.51 5.67
N THR C 545 35.51 10.01 6.72
CA THR C 545 36.27 10.49 7.88
C THR C 545 36.55 9.40 8.90
N ASP C 546 35.64 8.43 9.05
CA ASP C 546 35.83 7.35 9.99
C ASP C 546 35.02 6.14 9.53
N SER C 547 35.48 4.95 9.93
CA SER C 547 34.78 3.71 9.61
C SER C 547 35.24 2.62 10.56
N LEU C 548 34.28 1.83 11.05
CA LEU C 548 34.57 0.67 11.88
C LEU C 548 33.78 -0.52 11.36
N THR C 549 34.13 -1.70 11.85
CA THR C 549 33.45 -2.94 11.52
C THR C 549 32.54 -3.33 12.68
N LEU C 550 31.26 -3.52 12.39
CA LEU C 550 30.26 -3.84 13.41
C LEU C 550 29.99 -5.34 13.39
N SER C 551 30.26 -6.01 14.50
CA SER C 551 30.07 -7.44 14.63
C SER C 551 28.88 -7.72 15.56
N PHE C 552 28.10 -8.75 15.23
CA PHE C 552 26.95 -9.11 16.01
C PHE C 552 26.64 -10.59 15.80
N TYR C 553 25.94 -11.17 16.77
CA TYR C 553 25.50 -12.56 16.68
C TYR C 553 24.02 -12.63 16.32
N THR C 554 23.63 -13.76 15.75
CA THR C 554 22.24 -14.08 15.56
C THR C 554 21.98 -15.45 16.16
N ASN C 555 20.97 -15.55 17.01
CA ASN C 555 20.57 -16.83 17.56
C ASN C 555 19.63 -17.53 16.58
N ALA C 556 19.57 -18.85 16.69
CA ALA C 556 18.76 -19.64 15.77
C ALA C 556 17.27 -19.41 16.02
N THR C 557 16.48 -19.61 14.96
CA THR C 557 15.04 -19.41 15.04
C THR C 557 14.38 -20.61 15.71
N GLN C 558 13.21 -20.37 16.30
CA GLN C 558 12.44 -21.38 17.02
C GLN C 558 11.08 -21.55 16.38
N LEU C 559 10.57 -22.79 16.38
CA LEU C 559 9.31 -23.13 15.73
C LEU C 559 8.47 -24.02 16.64
N HIS C 560 7.17 -24.10 16.33
CA HIS C 560 6.22 -24.90 17.10
C HIS C 560 6.33 -26.38 16.73
N HIS C 561 5.76 -27.24 17.57
CA HIS C 561 5.83 -28.67 17.32
C HIS C 561 4.73 -29.38 18.11
N HIS C 562 4.08 -30.35 17.47
CA HIS C 562 3.05 -31.18 18.10
C HIS C 562 3.53 -32.63 18.14
N HIS C 563 3.39 -33.26 19.31
CA HIS C 563 3.81 -34.63 19.52
C HIS C 563 2.59 -35.54 19.56
N HIS C 564 2.51 -36.47 18.62
CA HIS C 564 1.32 -37.29 18.38
C HIS C 564 1.30 -38.50 19.31
N HIS C 565 0.09 -39.02 19.52
CA HIS C 565 -0.13 -40.23 20.30
C HIS C 565 -1.35 -41.00 19.80
#